data_7JSB
# 
_entry.id   7JSB 
# 
_audit_conform.dict_name       mmcif_pdbx.dic 
_audit_conform.dict_version    5.380 
_audit_conform.dict_location   http://mmcif.pdb.org/dictionaries/ascii/mmcif_pdbx.dic 
# 
loop_
_database_2.database_id 
_database_2.database_code 
_database_2.pdbx_database_accession 
_database_2.pdbx_DOI 
PDB   7JSB         pdb_00007jsb 10.2210/pdb7jsb/pdb 
WWPDB D_1000250912 ?            ?                   
# 
_pdbx_database_status.status_code                     REL 
_pdbx_database_status.status_code_sf                  REL 
_pdbx_database_status.status_code_mr                  ? 
_pdbx_database_status.entry_id                        7JSB 
_pdbx_database_status.recvd_initial_deposition_date   2020-08-14 
_pdbx_database_status.SG_entry                        N 
_pdbx_database_status.deposit_site                    RCSB 
_pdbx_database_status.process_site                    RCSB 
_pdbx_database_status.status_code_cs                  ? 
_pdbx_database_status.status_code_nmr_data            ? 
_pdbx_database_status.methods_development_category    ? 
_pdbx_database_status.pdb_format_compatible           Y 
# 
loop_
_audit_author.name 
_audit_author.pdbx_ordinal 
_audit_author.identifier_ORCID 
'Simmons, C.R.'      1 0000-0002-2290-6132 
'MacCulloch, T.'     2 0000-0001-5875-3361 
'Stephanopoulos, N.' 3 0000-0001-7859-410X 
'Yan, H.'            4 0000-0001-7397-9852 
# 
_citation.abstract                  ? 
_citation.abstract_id_CAS           ? 
_citation.book_id_ISBN              ? 
_citation.book_publisher            ? 
_citation.book_publisher_city       ? 
_citation.book_title                ? 
_citation.coordinate_linkage        ? 
_citation.country                   UK 
_citation.database_id_Medline       ? 
_citation.details                   ? 
_citation.id                        primary 
_citation.journal_abbrev            'Nat Commun' 
_citation.journal_id_ASTM           ? 
_citation.journal_id_CSD            ? 
_citation.journal_id_ISSN           2041-1723 
_citation.journal_full              ? 
_citation.journal_issue             ? 
_citation.journal_volume            13 
_citation.language                  ? 
_citation.page_first                3112 
_citation.page_last                 3112 
_citation.title                     'The influence of Holliday junction sequence and dynamics on DNA crystal self-assembly.' 
_citation.year                      2022 
_citation.database_id_CSD           ? 
_citation.pdbx_database_id_DOI      10.1038/s41467-022-30779-6 
_citation.pdbx_database_id_PubMed   35662248 
_citation.unpublished_flag          ? 
# 
loop_
_citation_author.citation_id 
_citation_author.name 
_citation_author.ordinal 
_citation_author.identifier_ORCID 
primary 'Simmons, C.R.'      1  ?                   
primary 'MacCulloch, T.'     2  ?                   
primary 'Krepl, M.'          3  0000-0002-9833-4281 
primary 'Matthies, M.'       4  ?                   
primary 'Buchberger, A.'     5  ?                   
primary 'Crawford, I.'       6  ?                   
primary 'Sponer, J.'         7  0000-0001-6558-6186 
primary 'Sulc, P.'           8  0000-0003-1565-6769 
primary 'Stephanopoulos, N.' 9  0000-0001-7859-410X 
primary 'Yan, H.'            10 0000-0001-7397-9852 
# 
_cell.angle_alpha                  90.000 
_cell.angle_alpha_esd              ? 
_cell.angle_beta                   90.000 
_cell.angle_beta_esd               ? 
_cell.angle_gamma                  120.000 
_cell.angle_gamma_esd              ? 
_cell.entry_id                     7JSB 
_cell.details                      ? 
_cell.formula_units_Z              ? 
_cell.length_a                     114.698 
_cell.length_a_esd                 ? 
_cell.length_b                     114.698 
_cell.length_b_esd                 ? 
_cell.length_c                     50.460 
_cell.length_c_esd                 ? 
_cell.volume                       ? 
_cell.volume_esd                   ? 
_cell.Z_PDB                        9 
_cell.reciprocal_angle_alpha       ? 
_cell.reciprocal_angle_beta        ? 
_cell.reciprocal_angle_gamma       ? 
_cell.reciprocal_angle_alpha_esd   ? 
_cell.reciprocal_angle_beta_esd    ? 
_cell.reciprocal_angle_gamma_esd   ? 
_cell.reciprocal_length_a          ? 
_cell.reciprocal_length_b          ? 
_cell.reciprocal_length_c          ? 
_cell.reciprocal_length_a_esd      ? 
_cell.reciprocal_length_b_esd      ? 
_cell.reciprocal_length_c_esd      ? 
_cell.pdbx_unique_axis             ? 
# 
_symmetry.entry_id                         7JSB 
_symmetry.cell_setting                     ? 
_symmetry.Int_Tables_number                146 
_symmetry.space_group_name_Hall            ? 
_symmetry.space_group_name_H-M             'H 3' 
_symmetry.pdbx_full_space_group_name_H-M   ? 
# 
loop_
_entity.id 
_entity.type 
_entity.src_method 
_entity.pdbx_description 
_entity.formula_weight 
_entity.pdbx_number_of_molecules 
_entity.pdbx_ec 
_entity.pdbx_mutation 
_entity.pdbx_fragment 
_entity.details 
1 polymer     syn 
;DNA (5'-D(*GP*AP*AP*CP*GP*AP*CP*AP*CP*TP*GP*AP*CP*GP*GP*GP*GP*AP*GP*TP*C)-3')
;
6522.225 1 ? ? ? ? 
2 polymer     syn 
;DNA (5'-D(*TP*CP*GP*AP*GP*TP*CP*C)-3')
;
2402.592 1 ? ? ? ? 
3 polymer     syn 
;DNA (5'-D(P*GP*TP*GP*TP*CP*GP*T)-3')
;
2144.420 1 ? ? ? ? 
4 polymer     syn 
;DNA (5'-D(P*CP*CP*GP*TP*CP*A)-3')
;
1769.193 1 ? ? ? ? 
5 non-polymer syn 'CACODYLATE ION'                                                                136.989  1 ? ? ? ? 
# 
loop_
_entity_poly.entity_id 
_entity_poly.type 
_entity_poly.nstd_linkage 
_entity_poly.nstd_monomer 
_entity_poly.pdbx_seq_one_letter_code 
_entity_poly.pdbx_seq_one_letter_code_can 
_entity_poly.pdbx_strand_id 
_entity_poly.pdbx_target_identifier 
1 polydeoxyribonucleotide no no 
;(DG)(DA)(DA)(DC)(DG)(DA)(DC)(DA)(DC)(DT)(DG)(DA)(DC)(DG)(DG)(DG)(DG)(DA)(DG)(DT)
(DC)
;
GAACGACACTGACGGGGAGTC B ? 
2 polydeoxyribonucleotide no no '(DT)(DC)(DG)(DA)(DG)(DT)(DC)(DC)'                                                      TCGAGTCC C 
? 
3 polydeoxyribonucleotide no no '(DG)(DT)(DG)(DT)(DC)(DG)(DT)'                                                          GTGTCGT D 
? 
4 polydeoxyribonucleotide no no '(DC)(DC)(DG)(DT)(DC)(DA)'                                                              CCGTCA A ? 
# 
loop_
_entity_poly_seq.entity_id 
_entity_poly_seq.num 
_entity_poly_seq.mon_id 
_entity_poly_seq.hetero 
1 1  DG n 
1 2  DA n 
1 3  DA n 
1 4  DC n 
1 5  DG n 
1 6  DA n 
1 7  DC n 
1 8  DA n 
1 9  DC n 
1 10 DT n 
1 11 DG n 
1 12 DA n 
1 13 DC n 
1 14 DG n 
1 15 DG n 
1 16 DG n 
1 17 DG n 
1 18 DA n 
1 19 DG n 
1 20 DT n 
1 21 DC n 
2 1  DT n 
2 2  DC n 
2 3  DG n 
2 4  DA n 
2 5  DG n 
2 6  DT n 
2 7  DC n 
2 8  DC n 
3 1  DG n 
3 2  DT n 
3 3  DG n 
3 4  DT n 
3 5  DC n 
3 6  DG n 
3 7  DT n 
4 1  DC n 
4 2  DC n 
4 3  DG n 
4 4  DT n 
4 5  DC n 
4 6  DA n 
# 
loop_
_pdbx_entity_src_syn.entity_id 
_pdbx_entity_src_syn.pdbx_src_id 
_pdbx_entity_src_syn.pdbx_alt_source_flag 
_pdbx_entity_src_syn.pdbx_beg_seq_num 
_pdbx_entity_src_syn.pdbx_end_seq_num 
_pdbx_entity_src_syn.organism_scientific 
_pdbx_entity_src_syn.organism_common_name 
_pdbx_entity_src_syn.ncbi_taxonomy_id 
_pdbx_entity_src_syn.details 
1 1 sample 1 21 'synthetic construct' ? 32630 ? 
2 1 sample 1 8  'synthetic construct' ? 32630 ? 
3 1 sample 1 7  'synthetic construct' ? 32630 ? 
4 1 sample 1 6  'synthetic construct' ? 32630 ? 
# 
loop_
_struct_ref.id 
_struct_ref.db_name 
_struct_ref.db_code 
_struct_ref.pdbx_db_accession 
_struct_ref.pdbx_db_isoform 
_struct_ref.entity_id 
_struct_ref.pdbx_seq_one_letter_code 
_struct_ref.pdbx_align_begin 
1 PDB 7JSB 7JSB ? 1 ? 1 
2 PDB 7JSB 7JSB ? 2 ? 1 
3 PDB 7JSB 7JSB ? 3 ? 1 
4 PDB 7JSB 7JSB ? 4 ? 1 
# 
loop_
_struct_ref_seq.align_id 
_struct_ref_seq.ref_id 
_struct_ref_seq.pdbx_PDB_id_code 
_struct_ref_seq.pdbx_strand_id 
_struct_ref_seq.seq_align_beg 
_struct_ref_seq.pdbx_seq_align_beg_ins_code 
_struct_ref_seq.seq_align_end 
_struct_ref_seq.pdbx_seq_align_end_ins_code 
_struct_ref_seq.pdbx_db_accession 
_struct_ref_seq.db_align_beg 
_struct_ref_seq.pdbx_db_align_beg_ins_code 
_struct_ref_seq.db_align_end 
_struct_ref_seq.pdbx_db_align_end_ins_code 
_struct_ref_seq.pdbx_auth_seq_align_beg 
_struct_ref_seq.pdbx_auth_seq_align_end 
1 1 7JSB B 1 ? 21 ? 7JSB 7  ? 27 ? 7  27 
2 2 7JSB C 1 ? 8  ? 7JSB 28 ? 35 ? 28 35 
3 3 7JSB D 1 ? 7  ? 7JSB 36 ? 42 ? 36 42 
4 4 7JSB A 1 ? 6  ? 7JSB 1  ? 6  ? 1  6  
# 
loop_
_chem_comp.id 
_chem_comp.type 
_chem_comp.mon_nstd_flag 
_chem_comp.name 
_chem_comp.pdbx_synonyms 
_chem_comp.formula 
_chem_comp.formula_weight 
CAC non-polymer   . 'CACODYLATE ION'                     dimethylarsinate 'C2 H6 As O2 -1'  136.989 
DA  'DNA linking' y "2'-DEOXYADENOSINE-5'-MONOPHOSPHATE" ?                'C10 H14 N5 O6 P' 331.222 
DC  'DNA linking' y "2'-DEOXYCYTIDINE-5'-MONOPHOSPHATE"  ?                'C9 H14 N3 O7 P'  307.197 
DG  'DNA linking' y "2'-DEOXYGUANOSINE-5'-MONOPHOSPHATE" ?                'C10 H14 N5 O7 P' 347.221 
DT  'DNA linking' y "THYMIDINE-5'-MONOPHOSPHATE"         ?                'C10 H15 N2 O8 P' 322.208 
# 
_exptl.absorpt_coefficient_mu     ? 
_exptl.absorpt_correction_T_max   ? 
_exptl.absorpt_correction_T_min   ? 
_exptl.absorpt_correction_type    ? 
_exptl.absorpt_process_details    ? 
_exptl.entry_id                   7JSB 
_exptl.crystals_number            1 
_exptl.details                    ? 
_exptl.method                     'X-RAY DIFFRACTION' 
_exptl.method_details             ? 
# 
_exptl_crystal.colour                      ? 
_exptl_crystal.density_diffrn              ? 
_exptl_crystal.density_Matthews            4.98 
_exptl_crystal.density_method              ? 
_exptl_crystal.density_percent_sol         75.28 
_exptl_crystal.description                 ? 
_exptl_crystal.F_000                       ? 
_exptl_crystal.id                          1 
_exptl_crystal.preparation                 ? 
_exptl_crystal.size_max                    ? 
_exptl_crystal.size_mid                    ? 
_exptl_crystal.size_min                    ? 
_exptl_crystal.size_rad                    ? 
_exptl_crystal.colour_lustre               ? 
_exptl_crystal.colour_modifier             ? 
_exptl_crystal.colour_primary              ? 
_exptl_crystal.density_meas                ? 
_exptl_crystal.density_meas_esd            ? 
_exptl_crystal.density_meas_gt             ? 
_exptl_crystal.density_meas_lt             ? 
_exptl_crystal.density_meas_temp           ? 
_exptl_crystal.density_meas_temp_esd       ? 
_exptl_crystal.density_meas_temp_gt        ? 
_exptl_crystal.density_meas_temp_lt        ? 
_exptl_crystal.pdbx_crystal_image_url      ? 
_exptl_crystal.pdbx_crystal_image_format   ? 
_exptl_crystal.pdbx_mosaicity              ? 
_exptl_crystal.pdbx_mosaicity_esd          ? 
# 
_exptl_crystal_grow.apparatus       ? 
_exptl_crystal_grow.atmosphere      ? 
_exptl_crystal_grow.crystal_id      1 
_exptl_crystal_grow.details         ? 
_exptl_crystal_grow.method          'VAPOR DIFFUSION, SITTING DROP' 
_exptl_crystal_grow.method_ref      ? 
_exptl_crystal_grow.pH              ? 
_exptl_crystal_grow.pressure        ? 
_exptl_crystal_grow.pressure_esd    ? 
_exptl_crystal_grow.seeding         ? 
_exptl_crystal_grow.seeding_ref     ? 
_exptl_crystal_grow.temp            298 
_exptl_crystal_grow.temp_details    'temperature gradient generated from 60 to 25 C at 0.3 degrees per hour' 
_exptl_crystal_grow.temp_esd        ? 
_exptl_crystal_grow.time            ? 
_exptl_crystal_grow.pdbx_details    
;0.5 mL of 0.05 M Cacodylate pH 6.0 with 10 mM MgCl2, 2.5 mM spermine, 5 mM CaCl2, and 10% isopropanol was added to the reservoir with 2 uL added to the drop containing 4 uL of DNA stock
;
_exptl_crystal_grow.pdbx_pH_range   ? 
# 
_diffrn.ambient_environment              ? 
_diffrn.ambient_temp                     100 
_diffrn.ambient_temp_details             ? 
_diffrn.ambient_temp_esd                 ? 
_diffrn.crystal_id                       1 
_diffrn.crystal_support                  ? 
_diffrn.crystal_treatment                ? 
_diffrn.details                          ? 
_diffrn.id                               1 
_diffrn.ambient_pressure                 ? 
_diffrn.ambient_pressure_esd             ? 
_diffrn.ambient_pressure_gt              ? 
_diffrn.ambient_pressure_lt              ? 
_diffrn.ambient_temp_gt                  ? 
_diffrn.ambient_temp_lt                  ? 
_diffrn.pdbx_serial_crystal_experiment   N 
# 
_diffrn_detector.details                      ? 
_diffrn_detector.detector                     PIXEL 
_diffrn_detector.diffrn_id                    1 
_diffrn_detector.type                         'DECTRIS PILATUS3 6M' 
_diffrn_detector.area_resol_mean              ? 
_diffrn_detector.dtime                        ? 
_diffrn_detector.pdbx_frames_total            ? 
_diffrn_detector.pdbx_collection_time_total   ? 
_diffrn_detector.pdbx_collection_date         2019-08-15 
_diffrn_detector.pdbx_frequency               ? 
# 
_diffrn_radiation.collimation                      ? 
_diffrn_radiation.diffrn_id                        1 
_diffrn_radiation.filter_edge                      ? 
_diffrn_radiation.inhomogeneity                    ? 
_diffrn_radiation.monochromator                    ? 
_diffrn_radiation.polarisn_norm                    ? 
_diffrn_radiation.polarisn_ratio                   ? 
_diffrn_radiation.probe                            ? 
_diffrn_radiation.type                             ? 
_diffrn_radiation.xray_symbol                      ? 
_diffrn_radiation.wavelength_id                    1 
_diffrn_radiation.pdbx_monochromatic_or_laue_m_l   M 
_diffrn_radiation.pdbx_wavelength_list             ? 
_diffrn_radiation.pdbx_wavelength                  ? 
_diffrn_radiation.pdbx_diffrn_protocol             'SINGLE WAVELENGTH' 
_diffrn_radiation.pdbx_analyzer                    ? 
_diffrn_radiation.pdbx_scattering_type             x-ray 
# 
_diffrn_radiation_wavelength.id           1 
_diffrn_radiation_wavelength.wavelength   1 
_diffrn_radiation_wavelength.wt           1.0 
# 
_diffrn_source.current                     ? 
_diffrn_source.details                     ? 
_diffrn_source.diffrn_id                   1 
_diffrn_source.power                       ? 
_diffrn_source.size                        ? 
_diffrn_source.source                      SYNCHROTRON 
_diffrn_source.target                      ? 
_diffrn_source.type                        'APS BEAMLINE 19-ID' 
_diffrn_source.voltage                     ? 
_diffrn_source.take-off_angle              ? 
_diffrn_source.pdbx_wavelength_list        1 
_diffrn_source.pdbx_wavelength             ? 
_diffrn_source.pdbx_synchrotron_beamline   19-ID 
_diffrn_source.pdbx_synchrotron_site       APS 
# 
_reflns.B_iso_Wilson_estimate            91.750 
_reflns.entry_id                         7JSB 
_reflns.data_reduction_details           ? 
_reflns.data_reduction_method            ? 
_reflns.d_resolution_high                3.100 
_reflns.d_resolution_low                 50.000 
_reflns.details                          ? 
_reflns.limit_h_max                      ? 
_reflns.limit_h_min                      ? 
_reflns.limit_k_max                      ? 
_reflns.limit_k_min                      ? 
_reflns.limit_l_max                      ? 
_reflns.limit_l_min                      ? 
_reflns.number_all                       ? 
_reflns.number_obs                       4290 
_reflns.observed_criterion               ? 
_reflns.observed_criterion_F_max         ? 
_reflns.observed_criterion_F_min         ? 
_reflns.observed_criterion_I_max         ? 
_reflns.observed_criterion_I_min         ? 
_reflns.observed_criterion_sigma_F       ? 
_reflns.observed_criterion_sigma_I       ? 
_reflns.percent_possible_obs             95.800 
_reflns.R_free_details                   ? 
_reflns.Rmerge_F_all                     ? 
_reflns.Rmerge_F_obs                     ? 
_reflns.Friedel_coverage                 ? 
_reflns.number_gt                        ? 
_reflns.threshold_expression             ? 
_reflns.pdbx_redundancy                  9.700 
_reflns.pdbx_Rmerge_I_obs                0.161 
_reflns.pdbx_Rmerge_I_all                ? 
_reflns.pdbx_Rsym_value                  ? 
_reflns.pdbx_netI_over_av_sigmaI         ? 
_reflns.pdbx_netI_over_sigmaI            7.600 
_reflns.pdbx_res_netI_over_av_sigmaI_2   ? 
_reflns.pdbx_res_netI_over_sigmaI_2      ? 
_reflns.pdbx_chi_squared                 6.059 
_reflns.pdbx_scaling_rejects             ? 
_reflns.pdbx_d_res_high_opt              ? 
_reflns.pdbx_d_res_low_opt               ? 
_reflns.pdbx_d_res_opt_method            ? 
_reflns.phase_calculation_details        ? 
_reflns.pdbx_Rrim_I_all                  0.170 
_reflns.pdbx_Rpim_I_all                  0.053 
_reflns.pdbx_d_opt                       ? 
_reflns.pdbx_number_measured_all         41400 
_reflns.pdbx_diffrn_id                   1 
_reflns.pdbx_ordinal                     1 
_reflns.pdbx_CC_half                     ? 
_reflns.pdbx_CC_star                     ? 
_reflns.pdbx_R_split                     ? 
# 
loop_
_reflns_shell.d_res_high 
_reflns_shell.d_res_low 
_reflns_shell.meanI_over_sigI_all 
_reflns_shell.meanI_over_sigI_obs 
_reflns_shell.number_measured_all 
_reflns_shell.number_measured_obs 
_reflns_shell.number_possible 
_reflns_shell.number_unique_all 
_reflns_shell.number_unique_obs 
_reflns_shell.percent_possible_all 
_reflns_shell.percent_possible_obs 
_reflns_shell.Rmerge_F_all 
_reflns_shell.Rmerge_F_obs 
_reflns_shell.Rmerge_I_all 
_reflns_shell.Rmerge_I_obs 
_reflns_shell.meanI_over_sigI_gt 
_reflns_shell.meanI_over_uI_all 
_reflns_shell.meanI_over_uI_gt 
_reflns_shell.number_measured_gt 
_reflns_shell.number_unique_gt 
_reflns_shell.percent_possible_gt 
_reflns_shell.Rmerge_F_gt 
_reflns_shell.Rmerge_I_gt 
_reflns_shell.pdbx_redundancy 
_reflns_shell.pdbx_Rsym_value 
_reflns_shell.pdbx_chi_squared 
_reflns_shell.pdbx_netI_over_sigmaI_all 
_reflns_shell.pdbx_netI_over_sigmaI_obs 
_reflns_shell.pdbx_Rrim_I_all 
_reflns_shell.pdbx_Rpim_I_all 
_reflns_shell.pdbx_rejects 
_reflns_shell.pdbx_ordinal 
_reflns_shell.pdbx_diffrn_id 
_reflns_shell.pdbx_CC_half 
_reflns_shell.pdbx_CC_star 
_reflns_shell.pdbx_R_split 
3.100 3.150  ? ? ? ? ? ? 182 83.900  ? ? ? ? 0.619 ? ? ? ? ? ? ? ? 6.700  ? 0.755  ? ? 0.660 0.220 ? 1  1 0.916 ? ? 
3.150 3.210  ? ? ? ? ? ? 214 95.500  ? ? ? ? 0.361 ? ? ? ? ? ? ? ? 7.300  ? 1.366  ? ? 0.382 0.122 ? 2  1 0.974 ? ? 
3.210 3.270  ? ? ? ? ? ? 216 95.600  ? ? ? ? 0.241 ? ? ? ? ? ? ? ? 8.300  ? 2.085  ? ? 0.253 0.076 ? 3  1 0.988 ? ? 
3.270 3.340  ? ? ? ? ? ? 215 95.100  ? ? ? ? 0.357 ? ? ? ? ? ? ? ? 8.600  ? 1.258  ? ? 0.376 0.117 ? 4  1 0.979 ? ? 
3.340 3.410  ? ? ? ? ? ? 232 98.700  ? ? ? ? 0.272 ? ? ? ? ? ? ? ? 9.200  ? 1.815  ? ? 0.286 0.087 ? 5  1 0.994 ? ? 
3.410 3.490  ? ? ? ? ? ? 214 100.000 ? ? ? ? 0.365 ? ? ? ? ? ? ? ? 9.700  ? 1.999  ? ? 0.383 0.118 ? 6  1 0.984 ? ? 
3.490 3.580  ? ? ? ? ? ? 230 99.600  ? ? ? ? 0.335 ? ? ? ? ? ? ? ? 9.500  ? 1.789  ? ? 0.353 0.109 ? 7  1 0.988 ? ? 
3.580 3.680  ? ? ? ? ? ? 158 75.200  ? ? ? ? 0.495 ? ? ? ? ? ? ? ? 8.200  ? 1.372  ? ? 0.529 0.180 ? 8  1 0.943 ? ? 
3.680 3.780  ? ? ? ? ? ? 169 73.800  ? ? ? ? 0.631 ? ? ? ? ? ? ? ? 7.700  ? 1.121  ? ? 0.677 0.234 ? 9  1 0.965 ? ? 
3.780 3.910  ? ? ? ? ? ? 237 100.000 ? ? ? ? 0.434 ? ? ? ? ? ? ? ? 10.800 ? 1.275  ? ? 0.455 0.136 ? 10 1 0.968 ? ? 
3.910 4.040  ? ? ? ? ? ? 212 100.000 ? ? ? ? 0.402 ? ? ? ? ? ? ? ? 10.800 ? 2.582  ? ? 0.421 0.125 ? 11 1 0.956 ? ? 
4.040 4.210  ? ? ? ? ? ? 227 100.000 ? ? ? ? 0.288 ? ? ? ? ? ? ? ? 10.600 ? 2.702  ? ? 0.302 0.091 ? 12 1 0.975 ? ? 
4.210 4.400  ? ? ? ? ? ? 216 100.000 ? ? ? ? 0.256 ? ? ? ? ? ? ? ? 10.700 ? 2.989  ? ? 0.269 0.081 ? 13 1 0.967 ? ? 
4.400 4.630  ? ? ? ? ? ? 239 100.000 ? ? ? ? 0.253 ? ? ? ? ? ? ? ? 10.500 ? 3.173  ? ? 0.265 0.080 ? 14 1 0.974 ? ? 
4.630 4.920  ? ? ? ? ? ? 206 99.500  ? ? ? ? 0.220 ? ? ? ? ? ? ? ? 9.500  ? 4.618  ? ? 0.232 0.075 ? 15 1 0.970 ? ? 
4.920 5.300  ? ? ? ? ? ? 237 100.000 ? ? ? ? 0.200 ? ? ? ? ? ? ? ? 10.800 ? 8.121  ? ? 0.209 0.063 ? 16 1 0.975 ? ? 
5.300 5.830  ? ? ? ? ? ? 218 100.000 ? ? ? ? 0.178 ? ? ? ? ? ? ? ? 11.100 ? 11.890 ? ? 0.187 0.056 ? 17 1 0.979 ? ? 
5.830 6.670  ? ? ? ? ? ? 223 100.000 ? ? ? ? 0.159 ? ? ? ? ? ? ? ? 10.700 ? 10.852 ? ? 0.167 0.051 ? 18 1 0.984 ? ? 
6.670 8.400  ? ? ? ? ? ? 226 98.700  ? ? ? ? 0.130 ? ? ? ? ? ? ? ? 10.200 ? 16.119 ? ? 0.136 0.042 ? 19 1 0.989 ? ? 
8.400 50.000 ? ? ? ? ? ? 219 98.600  ? ? ? ? 0.140 ? ? ? ? ? ? ? ? 10.400 ? 31.764 ? ? 0.148 0.047 ? 20 1 0.963 ? ? 
# 
_refine.aniso_B[1][1]                            ? 
_refine.aniso_B[1][2]                            ? 
_refine.aniso_B[1][3]                            ? 
_refine.aniso_B[2][2]                            ? 
_refine.aniso_B[2][3]                            ? 
_refine.aniso_B[3][3]                            ? 
_refine.B_iso_max                                412.180 
_refine.B_iso_mean                               131.1316 
_refine.B_iso_min                                66.560 
_refine.correlation_coeff_Fo_to_Fc               ? 
_refine.correlation_coeff_Fo_to_Fc_free          ? 
_refine.details                                  ? 
_refine.diff_density_max                         ? 
_refine.diff_density_max_esd                     ? 
_refine.diff_density_min                         ? 
_refine.diff_density_min_esd                     ? 
_refine.diff_density_rms                         ? 
_refine.diff_density_rms_esd                     ? 
_refine.entry_id                                 7JSB 
_refine.pdbx_refine_id                           'X-RAY DIFFRACTION' 
_refine.ls_abs_structure_details                 ? 
_refine.ls_abs_structure_Flack                   ? 
_refine.ls_abs_structure_Flack_esd               ? 
_refine.ls_abs_structure_Rogers                  ? 
_refine.ls_abs_structure_Rogers_esd              ? 
_refine.ls_d_res_high                            3.1030 
_refine.ls_d_res_low                             35.3960 
_refine.ls_extinction_coef                       ? 
_refine.ls_extinction_coef_esd                   ? 
_refine.ls_extinction_expression                 ? 
_refine.ls_extinction_method                     ? 
_refine.ls_goodness_of_fit_all                   ? 
_refine.ls_goodness_of_fit_all_esd               ? 
_refine.ls_goodness_of_fit_obs                   ? 
_refine.ls_goodness_of_fit_obs_esd               ? 
_refine.ls_hydrogen_treatment                    ? 
_refine.ls_matrix_type                           ? 
_refine.ls_number_constraints                    ? 
_refine.ls_number_parameters                     ? 
_refine.ls_number_reflns_all                     ? 
_refine.ls_number_reflns_obs                     4169 
_refine.ls_number_reflns_R_free                  211 
_refine.ls_number_reflns_R_work                  3958 
_refine.ls_number_restraints                     ? 
_refine.ls_percent_reflns_obs                    93.0600 
_refine.ls_percent_reflns_R_free                 5.0600 
_refine.ls_R_factor_all                          ? 
_refine.ls_R_factor_obs                          0.2280 
_refine.ls_R_factor_R_free                       0.2415 
_refine.ls_R_factor_R_free_error                 ? 
_refine.ls_R_factor_R_free_error_details         ? 
_refine.ls_R_factor_R_work                       0.2272 
_refine.ls_R_Fsqd_factor_obs                     ? 
_refine.ls_R_I_factor_obs                        ? 
_refine.ls_redundancy_reflns_all                 ? 
_refine.ls_redundancy_reflns_obs                 ? 
_refine.ls_restrained_S_all                      ? 
_refine.ls_restrained_S_obs                      ? 
_refine.ls_shift_over_esd_max                    ? 
_refine.ls_shift_over_esd_mean                   ? 
_refine.ls_structure_factor_coef                 ? 
_refine.ls_weighting_details                     ? 
_refine.ls_weighting_scheme                      ? 
_refine.ls_wR_factor_all                         ? 
_refine.ls_wR_factor_obs                         ? 
_refine.ls_wR_factor_R_free                      ? 
_refine.ls_wR_factor_R_work                      ? 
_refine.occupancy_max                            ? 
_refine.occupancy_min                            ? 
_refine.solvent_model_details                    'FLAT BULK SOLVENT MODEL' 
_refine.solvent_model_param_bsol                 ? 
_refine.solvent_model_param_ksol                 ? 
_refine.pdbx_R_complete                          ? 
_refine.ls_R_factor_gt                           ? 
_refine.ls_goodness_of_fit_gt                    ? 
_refine.ls_goodness_of_fit_ref                   ? 
_refine.ls_shift_over_su_max                     ? 
_refine.ls_shift_over_su_max_lt                  ? 
_refine.ls_shift_over_su_mean                    ? 
_refine.ls_shift_over_su_mean_lt                 ? 
_refine.pdbx_ls_sigma_I                          ? 
_refine.pdbx_ls_sigma_F                          1.980 
_refine.pdbx_ls_sigma_Fsqd                       ? 
_refine.pdbx_data_cutoff_high_absF               ? 
_refine.pdbx_data_cutoff_high_rms_absF           ? 
_refine.pdbx_data_cutoff_low_absF                ? 
_refine.pdbx_isotropic_thermal_model             ? 
_refine.pdbx_ls_cross_valid_method               THROUGHOUT 
_refine.pdbx_method_to_determine_struct          'MOLECULAR REPLACEMENT' 
_refine.pdbx_starting_model                      5VY6 
_refine.pdbx_stereochemistry_target_values       ML 
_refine.pdbx_R_Free_selection_details            ? 
_refine.pdbx_stereochem_target_val_spec_case     ? 
_refine.pdbx_overall_ESU_R                       ? 
_refine.pdbx_overall_ESU_R_Free                  ? 
_refine.pdbx_solvent_vdw_probe_radii             1.1100 
_refine.pdbx_solvent_ion_probe_radii             ? 
_refine.pdbx_solvent_shrinkage_radii             0.9000 
_refine.pdbx_real_space_R                        ? 
_refine.pdbx_density_correlation                 ? 
_refine.pdbx_pd_number_of_powder_patterns        ? 
_refine.pdbx_pd_number_of_points                 ? 
_refine.pdbx_pd_meas_number_of_points            ? 
_refine.pdbx_pd_proc_ls_prof_R_factor            ? 
_refine.pdbx_pd_proc_ls_prof_wR_factor           ? 
_refine.pdbx_pd_Marquardt_correlation_coeff      ? 
_refine.pdbx_pd_Fsqrd_R_factor                   ? 
_refine.pdbx_pd_ls_matrix_band_width             ? 
_refine.pdbx_overall_phase_error                 33.9000 
_refine.pdbx_overall_SU_R_free_Cruickshank_DPI   ? 
_refine.pdbx_overall_SU_R_free_Blow_DPI          ? 
_refine.pdbx_overall_SU_R_Blow_DPI               ? 
_refine.pdbx_TLS_residual_ADP_flag               ? 
_refine.pdbx_diffrn_id                           1 
_refine.overall_SU_B                             ? 
_refine.overall_SU_ML                            0.1700 
_refine.overall_SU_R_Cruickshank_DPI             ? 
_refine.overall_SU_R_free                        ? 
_refine.overall_FOM_free_R_set                   ? 
_refine.overall_FOM_work_R_set                   ? 
_refine.pdbx_average_fsc_overall                 ? 
_refine.pdbx_average_fsc_work                    ? 
_refine.pdbx_average_fsc_free                    ? 
# 
_refine_hist.pdbx_refine_id                   'X-RAY DIFFRACTION' 
_refine_hist.cycle_id                         final 
_refine_hist.details                          ? 
_refine_hist.d_res_high                       3.1030 
_refine_hist.d_res_low                        35.3960 
_refine_hist.number_atoms_solvent             0 
_refine_hist.number_atoms_total               859 
_refine_hist.number_reflns_all                ? 
_refine_hist.number_reflns_obs                ? 
_refine_hist.number_reflns_R_free             ? 
_refine_hist.number_reflns_R_work             ? 
_refine_hist.R_factor_all                     ? 
_refine_hist.R_factor_obs                     ? 
_refine_hist.R_factor_R_free                  ? 
_refine_hist.R_factor_R_work                  ? 
_refine_hist.pdbx_number_residues_total       42 
_refine_hist.pdbx_B_iso_mean_ligand           412.18 
_refine_hist.pdbx_B_iso_mean_solvent          ? 
_refine_hist.pdbx_number_atoms_protein        0 
_refine_hist.pdbx_number_atoms_nucleic_acid   858 
_refine_hist.pdbx_number_atoms_ligand         1 
_refine_hist.pdbx_number_atoms_lipid          ? 
_refine_hist.pdbx_number_atoms_carb           ? 
_refine_hist.pdbx_pseudo_atom_details         ? 
# 
loop_
_refine_ls_restr.pdbx_refine_id 
_refine_ls_restr.criterion 
_refine_ls_restr.dev_ideal 
_refine_ls_restr.dev_ideal_target 
_refine_ls_restr.number 
_refine_ls_restr.rejects 
_refine_ls_restr.type 
_refine_ls_restr.weight 
_refine_ls_restr.pdbx_restraint_function 
'X-RAY DIFFRACTION' ? 0.005  ? 960  ? f_bond_d           ? ? 
'X-RAY DIFFRACTION' ? 0.748  ? 1474 ? f_angle_d          ? ? 
'X-RAY DIFFRACTION' ? 0.045  ? 166  ? f_chiral_restr     ? ? 
'X-RAY DIFFRACTION' ? 0.003  ? 42   ? f_plane_restr      ? ? 
'X-RAY DIFFRACTION' ? 31.916 ? 406  ? f_dihedral_angle_d ? ? 
# 
loop_
_refine_ls_shell.pdbx_refine_id 
_refine_ls_shell.d_res_high 
_refine_ls_shell.d_res_low 
_refine_ls_shell.number_reflns_all 
_refine_ls_shell.number_reflns_obs 
_refine_ls_shell.number_reflns_R_free 
_refine_ls_shell.number_reflns_R_work 
_refine_ls_shell.percent_reflns_obs 
_refine_ls_shell.percent_reflns_R_free 
_refine_ls_shell.R_factor_all 
_refine_ls_shell.R_factor_obs 
_refine_ls_shell.R_factor_R_free 
_refine_ls_shell.R_factor_R_free_error 
_refine_ls_shell.R_factor_R_work 
_refine_ls_shell.redundancy_reflns_all 
_refine_ls_shell.redundancy_reflns_obs 
_refine_ls_shell.wR_factor_all 
_refine_ls_shell.wR_factor_obs 
_refine_ls_shell.wR_factor_R_free 
_refine_ls_shell.wR_factor_R_work 
_refine_ls_shell.pdbx_R_complete 
_refine_ls_shell.pdbx_total_number_of_bins_used 
_refine_ls_shell.pdbx_phase_error 
_refine_ls_shell.pdbx_fsc_work 
_refine_ls_shell.pdbx_fsc_free 
'X-RAY DIFFRACTION' 3.103  3.9084 . . 101 1852 87.0000 . . . 0.3700 0.0000 0.3275 . . . . . . . . . . . 
'X-RAY DIFFRACTION' 3.9084 35.396 . . 110 2106 99.0000 . . . 0.2158 0.0000 0.2052 . . . . . . . . . . . 
# 
_struct.entry_id                     7JSB 
_struct.title                        
;Self-assembly of a 3D DNA crystal lattice (4x6 scramble duplex version) containing the J30 immobile Holliday junction with R3 symmetry
;
_struct.pdbx_model_details           ? 
_struct.pdbx_formula_weight          ? 
_struct.pdbx_formula_weight_method   ? 
_struct.pdbx_model_type_details      ? 
_struct.pdbx_CASP_flag               N 
# 
_struct_keywords.entry_id        7JSB 
_struct_keywords.text            
'Structural DNA nanotechnology, immobile Holliday junctions, 3D DNA self-assembly, designer DNA crystals, DNA' 
_struct_keywords.pdbx_keywords   DNA 
# 
loop_
_struct_asym.id 
_struct_asym.pdbx_blank_PDB_chainid_flag 
_struct_asym.pdbx_modified 
_struct_asym.entity_id 
_struct_asym.details 
A N N 1 ? 
B N N 2 ? 
C N N 3 ? 
D N N 4 ? 
E N N 5 ? 
# 
loop_
_struct_conn.id 
_struct_conn.conn_type_id 
_struct_conn.pdbx_leaving_atom_flag 
_struct_conn.pdbx_PDB_id 
_struct_conn.ptnr1_label_asym_id 
_struct_conn.ptnr1_label_comp_id 
_struct_conn.ptnr1_label_seq_id 
_struct_conn.ptnr1_label_atom_id 
_struct_conn.pdbx_ptnr1_label_alt_id 
_struct_conn.pdbx_ptnr1_PDB_ins_code 
_struct_conn.pdbx_ptnr1_standard_comp_id 
_struct_conn.ptnr1_symmetry 
_struct_conn.ptnr2_label_asym_id 
_struct_conn.ptnr2_label_comp_id 
_struct_conn.ptnr2_label_seq_id 
_struct_conn.ptnr2_label_atom_id 
_struct_conn.pdbx_ptnr2_label_alt_id 
_struct_conn.pdbx_ptnr2_PDB_ins_code 
_struct_conn.ptnr1_auth_asym_id 
_struct_conn.ptnr1_auth_comp_id 
_struct_conn.ptnr1_auth_seq_id 
_struct_conn.ptnr2_auth_asym_id 
_struct_conn.ptnr2_auth_comp_id 
_struct_conn.ptnr2_auth_seq_id 
_struct_conn.ptnr2_symmetry 
_struct_conn.pdbx_ptnr3_label_atom_id 
_struct_conn.pdbx_ptnr3_label_seq_id 
_struct_conn.pdbx_ptnr3_label_comp_id 
_struct_conn.pdbx_ptnr3_label_asym_id 
_struct_conn.pdbx_ptnr3_label_alt_id 
_struct_conn.pdbx_ptnr3_PDB_ins_code 
_struct_conn.details 
_struct_conn.pdbx_dist_value 
_struct_conn.pdbx_value_order 
_struct_conn.pdbx_role 
hydrog1  hydrog ? ? A DA 2  N6 ? ? ? 1_555 C DT 7 O4 ? ? B DA 8  D DT 42 1_555 ? ? ? ? ? ? 'DA-DT PAIR'    ? ? ? 
hydrog2  hydrog ? ? A DA 3  N1 ? ? ? 1_555 C DT 7 N3 ? ? B DA 9  D DT 42 1_555 ? ? ? ? ? ? 'DA-DT PAIR'    ? ? ? 
hydrog3  hydrog ? ? A DC 4  N3 ? ? ? 1_555 C DG 6 N2 ? ? B DC 10 D DG 41 1_555 ? ? ? ? ? ? 'DC-DG PAIR'    ? ? ? 
hydrog4  hydrog ? ? A DG 5  O6 ? ? ? 1_555 C DC 5 N4 ? ? B DG 11 D DC 40 1_555 ? ? ? ? ? ? 'DG-DC PAIR'    ? ? ? 
hydrog5  hydrog ? ? A DA 6  N1 ? ? ? 1_555 C DT 4 N3 ? ? B DA 12 D DT 39 1_555 ? ? ? ? ? ? WATSON-CRICK    ? ? ? 
hydrog6  hydrog ? ? A DA 6  N6 ? ? ? 1_555 C DT 4 O4 ? ? B DA 12 D DT 39 1_555 ? ? ? ? ? ? WATSON-CRICK    ? ? ? 
hydrog7  hydrog ? ? A DC 7  N3 ? ? ? 1_555 C DG 3 N2 ? ? B DC 13 D DG 38 1_555 ? ? ? ? ? ? 'DC-DG PAIR'    ? ? ? 
hydrog8  hydrog ? ? A DA 8  N1 ? ? ? 1_555 C DT 2 N3 ? ? B DA 14 D DT 37 1_555 ? ? ? ? ? ? WATSON-CRICK    ? ? ? 
hydrog9  hydrog ? ? A DA 8  N6 ? ? ? 1_555 C DT 2 O4 ? ? B DA 14 D DT 37 1_555 ? ? ? ? ? ? WATSON-CRICK    ? ? ? 
hydrog10 hydrog ? ? A DC 9  N3 ? ? ? 1_555 C DG 1 N1 ? ? B DC 15 D DG 36 1_555 ? ? ? ? ? ? WATSON-CRICK    ? ? ? 
hydrog11 hydrog ? ? A DC 9  N4 ? ? ? 1_555 C DG 1 O6 ? ? B DC 15 D DG 36 1_555 ? ? ? ? ? ? WATSON-CRICK    ? ? ? 
hydrog12 hydrog ? ? A DC 9  O2 ? ? ? 1_555 C DG 1 N2 ? ? B DC 15 D DG 36 1_555 ? ? ? ? ? ? WATSON-CRICK    ? ? ? 
hydrog13 hydrog ? ? A DT 10 N3 ? ? ? 1_555 D DA 6 N1 ? ? B DT 16 A DA 6  1_555 ? ? ? ? ? ? WATSON-CRICK    ? ? ? 
hydrog14 hydrog ? ? A DT 10 O4 ? ? ? 1_555 D DA 6 N6 ? ? B DT 16 A DA 6  1_555 ? ? ? ? ? ? WATSON-CRICK    ? ? ? 
hydrog15 hydrog ? ? A DG 11 N1 ? ? ? 1_555 D DC 5 N3 ? ? B DG 17 A DC 5  1_555 ? ? ? ? ? ? WATSON-CRICK    ? ? ? 
hydrog16 hydrog ? ? A DG 11 N2 ? ? ? 1_555 D DC 5 O2 ? ? B DG 17 A DC 5  1_555 ? ? ? ? ? ? WATSON-CRICK    ? ? ? 
hydrog17 hydrog ? ? A DG 11 O6 ? ? ? 1_555 D DC 5 N4 ? ? B DG 17 A DC 5  1_555 ? ? ? ? ? ? WATSON-CRICK    ? ? ? 
hydrog18 hydrog ? ? A DA 12 N1 ? ? ? 1_555 D DT 4 N3 ? ? B DA 18 A DT 4  1_555 ? ? ? ? ? ? WATSON-CRICK    ? ? ? 
hydrog19 hydrog ? ? A DA 12 N6 ? ? ? 1_555 D DT 4 O4 ? ? B DA 18 A DT 4  1_555 ? ? ? ? ? ? WATSON-CRICK    ? ? ? 
hydrog20 hydrog ? ? A DC 13 N3 ? ? ? 1_555 D DG 3 N1 ? ? B DC 19 A DG 3  1_555 ? ? ? ? ? ? WATSON-CRICK    ? ? ? 
hydrog21 hydrog ? ? A DC 13 N4 ? ? ? 1_555 D DG 3 O6 ? ? B DC 19 A DG 3  1_555 ? ? ? ? ? ? WATSON-CRICK    ? ? ? 
hydrog22 hydrog ? ? A DC 13 O2 ? ? ? 1_555 D DG 3 N2 ? ? B DC 19 A DG 3  1_555 ? ? ? ? ? ? WATSON-CRICK    ? ? ? 
hydrog23 hydrog ? ? A DG 14 N1 ? ? ? 1_555 D DC 2 N3 ? ? B DG 20 A DC 2  1_555 ? ? ? ? ? ? WATSON-CRICK    ? ? ? 
hydrog24 hydrog ? ? A DG 14 N2 ? ? ? 1_555 D DC 2 O2 ? ? B DG 20 A DC 2  1_555 ? ? ? ? ? ? WATSON-CRICK    ? ? ? 
hydrog25 hydrog ? ? A DG 14 O6 ? ? ? 1_555 D DC 2 N4 ? ? B DG 20 A DC 2  1_555 ? ? ? ? ? ? WATSON-CRICK    ? ? ? 
hydrog26 hydrog ? ? A DG 15 O6 ? ? ? 1_555 D DC 1 N4 ? ? B DG 21 A DC 1  1_555 ? ? ? ? ? ? 'DG-DC PAIR'    ? ? ? 
hydrog27 hydrog ? ? A DG 15 O6 ? ? ? 1_555 B DC 8 N4 ? ? B DG 21 C DC 35 1_555 ? ? ? ? ? ? 'DG-DC PAIR'    ? ? ? 
hydrog28 hydrog ? ? A DG 16 N1 ? ? ? 1_555 B DC 8 N3 ? ? B DG 22 C DC 35 1_555 ? ? ? ? ? ? WATSON-CRICK    ? ? ? 
hydrog29 hydrog ? ? A DG 16 N2 ? ? ? 1_555 B DC 8 O2 ? ? B DG 22 C DC 35 1_555 ? ? ? ? ? ? WATSON-CRICK    ? ? ? 
hydrog30 hydrog ? ? A DG 16 O6 ? ? ? 1_555 B DC 8 N4 ? ? B DG 22 C DC 35 1_555 ? ? ? ? ? ? WATSON-CRICK    ? ? ? 
hydrog31 hydrog ? ? A DG 17 N1 ? ? ? 1_555 B DT 6 O4 ? ? B DG 23 C DT 33 1_555 ? ? ? ? ? ? 'DG-DT MISPAIR' ? ? ? 
hydrog32 hydrog ? ? A DG 17 N2 ? ? ? 1_555 B DC 7 N3 ? ? B DG 23 C DC 34 1_555 ? ? ? ? ? ? 'DG-DC PAIR'    ? ? ? 
hydrog33 hydrog ? ? A DA 18 N1 ? ? ? 1_555 B DT 6 N3 ? ? B DA 24 C DT 33 1_555 ? ? ? ? ? ? 'DA-DT PAIR'    ? ? ? 
hydrog34 hydrog ? ? A DG 19 O6 ? ? ? 1_555 B DG 5 N1 ? ? B DG 25 C DG 32 1_555 ? ? ? ? ? ? 'DG-DG MISPAIR' ? ? ? 
hydrog35 hydrog ? ? A DT 20 N3 ? ? ? 1_555 B DA 4 N1 ? ? B DT 26 C DA 31 1_555 ? ? ? ? ? ? WATSON-CRICK    ? ? ? 
hydrog36 hydrog ? ? A DT 20 O4 ? ? ? 1_555 B DA 4 N6 ? ? B DT 26 C DA 31 1_555 ? ? ? ? ? ? WATSON-CRICK    ? ? ? 
hydrog37 hydrog ? ? A DC 21 N3 ? ? ? 1_555 B DG 3 N1 ? ? B DC 27 C DG 30 1_555 ? ? ? ? ? ? WATSON-CRICK    ? ? ? 
hydrog38 hydrog ? ? A DC 21 N4 ? ? ? 1_555 B DG 3 O6 ? ? B DC 27 C DG 30 1_555 ? ? ? ? ? ? WATSON-CRICK    ? ? ? 
hydrog39 hydrog ? ? A DC 21 O2 ? ? ? 1_555 B DG 3 N2 ? ? B DC 27 C DG 30 1_555 ? ? ? ? ? ? WATSON-CRICK    ? ? ? 
# 
_struct_conn_type.id          hydrog 
_struct_conn_type.criteria    ? 
_struct_conn_type.reference   ? 
# 
_atom_sites.entry_id                    7JSB 
_atom_sites.Cartn_transf_matrix[1][1]   ? 
_atom_sites.Cartn_transf_matrix[1][2]   ? 
_atom_sites.Cartn_transf_matrix[1][3]   ? 
_atom_sites.Cartn_transf_matrix[2][1]   ? 
_atom_sites.Cartn_transf_matrix[2][2]   ? 
_atom_sites.Cartn_transf_matrix[2][3]   ? 
_atom_sites.Cartn_transf_matrix[3][1]   ? 
_atom_sites.Cartn_transf_matrix[3][2]   ? 
_atom_sites.Cartn_transf_matrix[3][3]   ? 
_atom_sites.Cartn_transf_vector[1]      ? 
_atom_sites.Cartn_transf_vector[2]      ? 
_atom_sites.Cartn_transf_vector[3]      ? 
_atom_sites.fract_transf_matrix[1][1]   0.00513708 
_atom_sites.fract_transf_matrix[1][2]   -0.00801595 
_atom_sites.fract_transf_matrix[1][3]   0.00327368 
_atom_sites.fract_transf_matrix[2][1]   -0.00448591 
_atom_sites.fract_transf_matrix[2][2]   -0.00676518 
_atom_sites.fract_transf_matrix[2][3]   0.00595428 
_atom_sites.fract_transf_matrix[3][1]   -0.00577606 
_atom_sites.fract_transf_matrix[3][2]   -0.01022193 
_atom_sites.fract_transf_matrix[3][3]   -0.01596566 
_atom_sites.fract_transf_vector[1]      -0.013931 
_atom_sites.fract_transf_vector[2]      0.250127 
_atom_sites.fract_transf_vector[3]      0.086518 
_atom_sites.solution_primary            ? 
_atom_sites.solution_secondary          ? 
_atom_sites.solution_hydrogens          ? 
_atom_sites.special_details             ? 
# 
loop_
_atom_type.symbol 
AS 
C  
H  
N  
O  
P  
# 
loop_
_atom_site.group_PDB 
_atom_site.id 
_atom_site.type_symbol 
_atom_site.label_atom_id 
_atom_site.label_alt_id 
_atom_site.label_comp_id 
_atom_site.label_asym_id 
_atom_site.label_entity_id 
_atom_site.label_seq_id 
_atom_site.pdbx_PDB_ins_code 
_atom_site.Cartn_x 
_atom_site.Cartn_y 
_atom_site.Cartn_z 
_atom_site.occupancy 
_atom_site.B_iso_or_equiv 
_atom_site.pdbx_formal_charge 
_atom_site.auth_seq_id 
_atom_site.auth_comp_id 
_atom_site.auth_asym_id 
_atom_site.auth_atom_id 
_atom_site.pdbx_PDB_model_num 
ATOM   1    O  "O5'"  . DG  A 1 1  ? -16.304 30.838  3.773   1.00 146.45 ? 7   DG  B "O5'"  1 
ATOM   2    C  "C5'"  . DG  A 1 1  ? -17.685 30.973  4.111   1.00 145.76 ? 7   DG  B "C5'"  1 
ATOM   3    C  "C4'"  . DG  A 1 1  ? -18.565 30.741  2.898   1.00 147.52 ? 7   DG  B "C4'"  1 
ATOM   4    O  "O4'"  . DG  A 1 1  ? -18.112 31.598  1.818   1.00 133.62 ? 7   DG  B "O4'"  1 
ATOM   5    C  "C3'"  . DG  A 1 1  ? -18.548 29.306  2.367   1.00 150.26 ? 7   DG  B "C3'"  1 
ATOM   6    O  "O3'"  . DG  A 1 1  ? -19.873 28.791  2.237   1.00 153.57 ? 7   DG  B "O3'"  1 
ATOM   7    C  "C2'"  . DG  A 1 1  ? -17.828 29.394  1.025   1.00 143.11 ? 7   DG  B "C2'"  1 
ATOM   8    C  "C1'"  . DG  A 1 1  ? -17.937 30.858  0.631   1.00 123.89 ? 7   DG  B "C1'"  1 
ATOM   9    N  N9     . DG  A 1 1  ? -16.753 31.368  -0.056  1.00 115.06 ? 7   DG  B N9     1 
ATOM   10   C  C8     . DG  A 1 1  ? -15.566 31.754  0.519   1.00 106.31 ? 7   DG  B C8     1 
ATOM   11   N  N7     . DG  A 1 1  ? -14.684 32.173  -0.345  1.00 106.90 ? 7   DG  B N7     1 
ATOM   12   C  C5     . DG  A 1 1  ? -15.327 32.058  -1.570  1.00 110.05 ? 7   DG  B C5     1 
ATOM   13   C  C6     . DG  A 1 1  ? -14.867 32.363  -2.873  1.00 118.33 ? 7   DG  B C6     1 
ATOM   14   O  O6     . DG  A 1 1  ? -13.763 32.811  -3.212  1.00 128.89 ? 7   DG  B O6     1 
ATOM   15   N  N1     . DG  A 1 1  ? -15.838 32.098  -3.837  1.00 118.28 ? 7   DG  B N1     1 
ATOM   16   C  C2     . DG  A 1 1  ? -17.094 31.600  -3.573  1.00 124.52 ? 7   DG  B C2     1 
ATOM   17   N  N2     . DG  A 1 1  ? -17.893 31.409  -4.632  1.00 122.89 ? 7   DG  B N2     1 
ATOM   18   N  N3     . DG  A 1 1  ? -17.536 31.311  -2.356  1.00 123.51 ? 7   DG  B N3     1 
ATOM   19   C  C4     . DG  A 1 1  ? -16.602 31.564  -1.408  1.00 118.31 ? 7   DG  B C4     1 
ATOM   20   H  "H5'"  . DG  A 1 1  ? -17.843 31.866  4.452   1.00 177.58 ? 7   DG  B "H5'"  1 
ATOM   21   H  "H5''" . DG  A 1 1  ? -17.911 30.326  4.797   1.00 177.58 ? 7   DG  B "H5''" 1 
ATOM   22   H  "H4'"  . DG  A 1 1  ? -19.477 30.979  3.124   1.00 179.70 ? 7   DG  B "H4'"  1 
ATOM   23   H  "H3'"  . DG  A 1 1  ? -18.038 28.744  2.971   1.00 182.99 ? 7   DG  B "H3'"  1 
ATOM   24   H  "H2'"  . DG  A 1 1  ? -16.897 29.139  1.121   1.00 174.40 ? 7   DG  B "H2'"  1 
ATOM   25   H  "H2''" . DG  A 1 1  ? -18.267 28.833  0.366   1.00 174.40 ? 7   DG  B "H2''" 1 
ATOM   26   H  "H1'"  . DG  A 1 1  ? -18.714 30.980  0.062   1.00 151.34 ? 7   DG  B "H1'"  1 
ATOM   27   H  H8     . DG  A 1 1  ? -15.407 31.720  1.434   1.00 130.24 ? 7   DG  B H8     1 
ATOM   28   H  H1     . DG  A 1 1  ? -15.638 32.258  -4.658  1.00 144.61 ? 7   DG  B H1     1 
ATOM   29   H  H21    . DG  A 1 1  ? -18.687 31.096  -4.521  1.00 150.14 ? 7   DG  B H21    1 
ATOM   30   H  H22    . DG  A 1 1  ? -17.613 31.599  -5.423  1.00 150.14 ? 7   DG  B H22    1 
ATOM   31   H  "HO5'" . DG  A 1 1  ? -15.716 30.951  4.361   1.00 178.41 ? 7   DG  B "HO5'" 1 
ATOM   32   P  P      . DA  A 1 2  ? -20.104 27.245  1.860   1.00 151.51 ? 8   DA  B P      1 
ATOM   33   O  OP1    . DA  A 1 2  ? -21.450 26.860  2.336   1.00 126.43 ? 8   DA  B OP1    1 
ATOM   34   O  OP2    . DA  A 1 2  ? -18.921 26.486  2.324   1.00 136.80 ? 8   DA  B OP2    1 
ATOM   35   O  "O5'"  . DA  A 1 2  ? -20.088 27.236  0.261   1.00 132.51 ? 8   DA  B "O5'"  1 
ATOM   36   C  "C5'"  . DA  A 1 2  ? -20.104 26.006  -0.446  1.00 128.19 ? 8   DA  B "C5'"  1 
ATOM   37   C  "C4'"  . DA  A 1 2  ? -20.399 26.236  -1.916  1.00 134.11 ? 8   DA  B "C4'"  1 
ATOM   38   O  "O4'"  . DA  A 1 2  ? -19.617 27.355  -2.401  1.00 130.74 ? 8   DA  B "O4'"  1 
ATOM   39   C  "C3'"  . DA  A 1 2  ? -20.057 25.066  -2.822  1.00 142.89 ? 8   DA  B "C3'"  1 
ATOM   40   O  "O3'"  . DA  A 1 2  ? -21.001 24.950  -3.881  1.00 151.53 ? 8   DA  B "O3'"  1 
ATOM   41   C  "C2'"  . DA  A 1 2  ? -18.656 25.386  -3.332  1.00 130.31 ? 8   DA  B "C2'"  1 
ATOM   42   C  "C1'"  . DA  A 1 2  ? -18.513 26.900  -3.167  1.00 134.90 ? 8   DA  B "C1'"  1 
ATOM   43   N  N9     . DA  A 1 2  ? -17.284 27.304  -2.484  1.00 134.07 ? 8   DA  B N9     1 
ATOM   44   C  C8     . DA  A 1 2  ? -17.014 27.196  -1.149  1.00 130.60 ? 8   DA  B C8     1 
ATOM   45   N  N7     . DA  A 1 2  ? -15.834 27.654  -0.806  1.00 121.80 ? 8   DA  B N7     1 
ATOM   46   C  C5     . DA  A 1 2  ? -15.285 28.090  -1.999  1.00 119.54 ? 8   DA  B C5     1 
ATOM   47   C  C6     . DA  A 1 2  ? -14.043 28.679  -2.313  1.00 121.47 ? 8   DA  B C6     1 
ATOM   48   N  N6     . DA  A 1 2  ? -13.096 28.934  -1.403  1.00 120.92 ? 8   DA  B N6     1 
ATOM   49   N  N1     . DA  A 1 2  ? -13.809 28.993  -3.606  1.00 122.44 ? 8   DA  B N1     1 
ATOM   50   C  C2     . DA  A 1 2  ? -14.758 28.734  -4.514  1.00 116.73 ? 8   DA  B C2     1 
ATOM   51   N  N3     . DA  A 1 2  ? -15.962 28.185  -4.339  1.00 117.08 ? 8   DA  B N3     1 
ATOM   52   C  C4     . DA  A 1 2  ? -16.166 27.883  -3.047  1.00 120.95 ? 8   DA  B C4     1 
ATOM   53   H  "H5'"  . DA  A 1 2  ? -20.787 25.430  -0.070  1.00 156.50 ? 8   DA  B "H5'"  1 
ATOM   54   H  "H5''" . DA  A 1 2  ? -19.238 25.576  -0.358  1.00 156.50 ? 8   DA  B "H5''" 1 
ATOM   55   H  "H4'"  . DA  A 1 2  ? -21.340 26.445  -2.018  1.00 163.60 ? 8   DA  B "H4'"  1 
ATOM   56   H  "H3'"  . DA  A 1 2  ? -20.038 24.246  -2.305  1.00 174.14 ? 8   DA  B "H3'"  1 
ATOM   57   H  "H2'"  . DA  A 1 2  ? -17.990 24.924  -2.800  1.00 159.05 ? 8   DA  B "H2'"  1 
ATOM   58   H  "H2''" . DA  A 1 2  ? -18.573 25.140  -4.267  1.00 159.05 ? 8   DA  B "H2''" 1 
ATOM   59   H  "H1'"  . DA  A 1 2  ? -18.542 27.317  -4.041  1.00 164.55 ? 8   DA  B "H1'"  1 
ATOM   60   H  H8     . DA  A 1 2  ? -17.617 26.841  -0.538  1.00 159.40 ? 8   DA  B H8     1 
ATOM   61   H  H61    . DA  A 1 2  ? -12.353 29.295  -1.644  1.00 147.78 ? 8   DA  B H61    1 
ATOM   62   H  H62    . DA  A 1 2  ? -13.230 28.735  -0.576  1.00 147.78 ? 8   DA  B H62    1 
ATOM   63   H  H2     . DA  A 1 2  ? -14.549 28.969  -5.390  1.00 142.75 ? 8   DA  B H2     1 
ATOM   64   P  P      . DA  A 1 3  ? -21.004 23.645  -4.820  1.00 169.30 ? 9   DA  B P      1 
ATOM   65   O  OP1    . DA  A 1 3  ? -22.346 23.520  -5.428  1.00 156.86 ? 9   DA  B OP1    1 
ATOM   66   O  OP2    . DA  A 1 3  ? -20.446 22.527  -4.031  1.00 154.68 ? 9   DA  B OP2    1 
ATOM   67   O  "O5'"  . DA  A 1 3  ? -19.953 23.992  -5.974  1.00 149.30 ? 9   DA  B "O5'"  1 
ATOM   68   C  "C5'"  . DA  A 1 3  ? -20.040 23.326  -7.224  1.00 142.50 ? 9   DA  B "C5'"  1 
ATOM   69   C  "C4'"  . DA  A 1 3  ? -18.795 23.570  -8.057  1.00 142.06 ? 9   DA  B "C4'"  1 
ATOM   70   O  "O4'"  . DA  A 1 3  ? -18.026 24.647  -7.471  1.00 122.96 ? 9   DA  B "O4'"  1 
ATOM   71   C  "C3'"  . DA  A 1 3  ? -17.840 22.389  -8.127  1.00 143.56 ? 9   DA  B "C3'"  1 
ATOM   72   O  "O3'"  . DA  A 1 3  ? -18.168 21.521  -9.233  1.00 139.14 ? 9   DA  B "O3'"  1 
ATOM   73   C  "C2'"  . DA  A 1 3  ? -16.459 23.039  -8.259  1.00 128.82 ? 9   DA  B "C2'"  1 
ATOM   74   C  "C1'"  . DA  A 1 3  ? -16.640 24.441  -7.688  1.00 120.89 ? 9   DA  B "C1'"  1 
ATOM   75   N  N9     . DA  A 1 3  ? -15.948 24.651  -6.423  1.00 115.61 ? 9   DA  B N9     1 
ATOM   76   C  C8     . DA  A 1 3  ? -16.394 24.308  -5.182  1.00 114.32 ? 9   DA  B C8     1 
ATOM   77   N  N7     . DA  A 1 3  ? -15.575 24.628  -4.213  1.00 109.17 ? 9   DA  B N7     1 
ATOM   78   C  C5     . DA  A 1 3  ? -14.506 25.215  -4.865  1.00 109.30 ? 9   DA  B C5     1 
ATOM   79   C  C6     . DA  A 1 3  ? -13.299 25.766  -4.396  1.00 113.56 ? 9   DA  B C6     1 
ATOM   80   N  N6     . DA  A 1 3  ? -12.962 25.809  -3.101  1.00 116.56 ? 9   DA  B N6     1 
ATOM   81   N  N1     . DA  A 1 3  ? -12.448 26.271  -5.311  1.00 115.35 ? 9   DA  B N1     1 
ATOM   82   C  C2     . DA  A 1 3  ? -12.789 26.225  -6.605  1.00 122.70 ? 9   DA  B C2     1 
ATOM   83   N  N3     . DA  A 1 3  ? -13.895 25.734  -7.164  1.00 110.77 ? 9   DA  B N3     1 
ATOM   84   C  C4     . DA  A 1 3  ? -14.719 25.239  -6.231  1.00 109.89 ? 9   DA  B C4     1 
ATOM   85   H  "H5'"  . DA  A 1 3  ? -20.814 23.653  -7.707  1.00 173.67 ? 9   DA  B "H5'"  1 
ATOM   86   H  "H5''" . DA  A 1 3  ? -20.140 22.373  -7.072  1.00 173.67 ? 9   DA  B "H5''" 1 
ATOM   87   H  "H4'"  . DA  A 1 3  ? -19.057 23.819  -8.957  1.00 173.14 ? 9   DA  B "H4'"  1 
ATOM   88   H  "H3'"  . DA  A 1 3  ? -17.883 21.888  -7.296  1.00 174.94 ? 9   DA  B "H3'"  1 
ATOM   89   H  "H2'"  . DA  A 1 3  ? -15.802 22.546  -7.744  1.00 157.26 ? 9   DA  B "H2'"  1 
ATOM   90   H  "H2''" . DA  A 1 3  ? -16.196 23.085  -9.192  1.00 157.26 ? 9   DA  B "H2''" 1 
ATOM   91   H  "H1'"  . DA  A 1 3  ? -16.321 25.090  -8.335  1.00 147.74 ? 9   DA  B "H1'"  1 
ATOM   92   H  H8     . DA  A 1 3  ? -17.216 23.897  -5.036  1.00 139.86 ? 9   DA  B H8     1 
ATOM   93   H  H61    . DA  A 1 3  ? -12.215 26.162  -2.863  1.00 142.54 ? 9   DA  B H61    1 
ATOM   94   H  H62    . DA  A 1 3  ? -13.492 25.484  -2.508  1.00 142.54 ? 9   DA  B H62    1 
ATOM   95   H  H2     . DA  A 1 3  ? -12.169 26.586  -7.196  1.00 149.91 ? 9   DA  B H2     1 
ATOM   96   P  P      . DC  A 1 4  ? -17.878 21.948  -10.759 1.00 154.92 ? 10  DC  B P      1 
ATOM   97   O  OP1    . DC  A 1 4  ? -18.092 23.404  -10.910 1.00 147.22 ? 10  DC  B OP1    1 
ATOM   98   O  OP2    . DC  A 1 4  ? -18.625 21.004  -11.619 1.00 141.53 ? 10  DC  B OP2    1 
ATOM   99   O  "O5'"  . DC  A 1 4  ? -16.312 21.685  -10.947 1.00 129.20 ? 10  DC  B "O5'"  1 
ATOM   100  C  "C5'"  . DC  A 1 4  ? -15.653 22.167  -12.110 1.00 137.83 ? 10  DC  B "C5'"  1 
ATOM   101  C  "C4'"  . DC  A 1 4  ? -14.142 22.082  -11.965 1.00 149.79 ? 10  DC  B "C4'"  1 
ATOM   102  O  "O4'"  . DC  A 1 4  ? -13.711 22.860  -10.827 1.00 143.47 ? 10  DC  B "O4'"  1 
ATOM   103  C  "C3'"  . DC  A 1 4  ? -13.597 20.696  -11.683 1.00 153.12 ? 10  DC  B "C3'"  1 
ATOM   104  O  "O3'"  . DC  A 1 4  ? -13.473 19.909  -12.904 1.00 149.42 ? 10  DC  B "O3'"  1 
ATOM   105  C  "C2'"  . DC  A 1 4  ? -12.257 20.992  -10.993 1.00 140.25 ? 10  DC  B "C2'"  1 
ATOM   106  C  "C1'"  . DC  A 1 4  ? -12.436 22.399  -10.412 1.00 129.99 ? 10  DC  B "C1'"  1 
ATOM   107  N  N1     . DC  A 1 4  ? -12.362 22.448  -8.911  1.00 122.85 ? 10  DC  B N1     1 
ATOM   108  C  C2     . DC  A 1 4  ? -11.248 23.024  -8.285  1.00 120.50 ? 10  DC  B C2     1 
ATOM   109  O  O2     . DC  A 1 4  ? -10.340 23.494  -8.980  1.00 127.50 ? 10  DC  B O2     1 
ATOM   110  N  N3     . DC  A 1 4  ? -11.200 23.056  -6.927  1.00 124.42 ? 10  DC  B N3     1 
ATOM   111  C  C4     . DC  A 1 4  ? -12.199 22.538  -6.210  1.00 110.64 ? 10  DC  B C4     1 
ATOM   112  N  N4     . DC  A 1 4  ? -12.109 22.590  -4.876  1.00 105.38 ? 10  DC  B N4     1 
ATOM   113  C  C5     . DC  A 1 4  ? -13.336 21.944  -6.828  1.00 116.40 ? 10  DC  B C5     1 
ATOM   114  C  C6     . DC  A 1 4  ? -13.373 21.915  -8.167  1.00 128.22 ? 10  DC  B C6     1 
ATOM   115  H  "H5'"  . DC  A 1 4  ? -15.906 23.093  -12.257 1.00 168.07 ? 10  DC  B "H5'"  1 
ATOM   116  H  "H5''" . DC  A 1 4  ? -15.929 21.639  -12.874 1.00 168.07 ? 10  DC  B "H5''" 1 
ATOM   117  H  "H4'"  . DC  A 1 4  ? -13.724 22.432  -12.768 1.00 182.42 ? 10  DC  B "H4'"  1 
ATOM   118  H  "H3'"  . DC  A 1 4  ? -14.185 20.238  -11.062 1.00 186.41 ? 10  DC  B "H3'"  1 
ATOM   119  H  "H2'"  . DC  A 1 4  ? -12.091 20.350  -10.285 1.00 170.98 ? 10  DC  B "H2'"  1 
ATOM   120  H  "H2''" . DC  A 1 4  ? -11.533 20.982  -11.640 1.00 170.98 ? 10  DC  B "H2''" 1 
ATOM   121  H  "H1'"  . DC  A 1 4  ? -11.755 22.982  -10.780 1.00 158.67 ? 10  DC  B "H1'"  1 
ATOM   122  H  H41    . DC  A 1 4  ? -12.740 22.269  -4.389  1.00 129.13 ? 10  DC  B H41    1 
ATOM   123  H  H42    . DC  A 1 4  ? -11.419 22.946  -4.505  1.00 129.13 ? 10  DC  B H42    1 
ATOM   124  H  H5     . DC  A 1 4  ? -14.029 21.586  -6.320  1.00 142.35 ? 10  DC  B H5     1 
ATOM   125  H  H6     . DC  A 1 4  ? -14.105 21.536  -8.595  1.00 156.54 ? 10  DC  B H6     1 
ATOM   126  P  P      . DG  A 1 5  ? -12.243 20.094  -13.927 1.00 146.36 ? 11  DG  B P      1 
ATOM   127  O  OP1    . DG  A 1 5  ? -11.987 21.542  -14.099 1.00 166.04 ? 11  DG  B OP1    1 
ATOM   128  O  OP2    . DG  A 1 5  ? -12.538 19.251  -15.109 1.00 147.14 ? 11  DG  B OP2    1 
ATOM   129  O  "O5'"  . DG  A 1 5  ? -10.995 19.434  -13.170 1.00 154.25 ? 11  DG  B "O5'"  1 
ATOM   130  C  "C5'"  . DG  A 1 5  ? -9.702  19.439  -13.780 1.00 156.66 ? 11  DG  B "C5'"  1 
ATOM   131  C  "C4'"  . DG  A 1 5  ? -8.650  20.018  -12.844 1.00 162.54 ? 11  DG  B "C4'"  1 
ATOM   132  O  "O4'"  . DG  A 1 5  ? -9.238  20.275  -11.552 1.00 138.00 ? 11  DG  B "O4'"  1 
ATOM   133  C  "C3'"  . DG  A 1 5  ? -7.444  19.109  -12.578 1.00 149.84 ? 11  DG  B "C3'"  1 
ATOM   134  O  "O3'"  . DG  A 1 5  ? -6.292  19.604  -13.258 1.00 140.51 ? 11  DG  B "O3'"  1 
ATOM   135  C  "C2'"  . DG  A 1 5  ? -7.271  19.122  -11.049 1.00 143.35 ? 11  DG  B "C2'"  1 
ATOM   136  C  "C1'"  . DG  A 1 5  ? -8.229  20.208  -10.577 1.00 135.12 ? 11  DG  B "C1'"  1 
ATOM   137  N  N9     . DG  A 1 5  ? -8.859  19.948  -9.281  1.00 134.52 ? 11  DG  B N9     1 
ATOM   138  C  C8     . DG  A 1 5  ? -10.079 19.357  -9.066  1.00 136.30 ? 11  DG  B C8     1 
ATOM   139  N  N7     . DG  A 1 5  ? -10.407 19.270  -7.809  1.00 136.20 ? 11  DG  B N7     1 
ATOM   140  C  C5     . DG  A 1 5  ? -9.337  19.841  -7.137  1.00 133.50 ? 11  DG  B C5     1 
ATOM   141  C  C6     . DG  A 1 5  ? -9.131  20.025  -5.750  1.00 125.02 ? 11  DG  B C6     1 
ATOM   142  O  O6     . DG  A 1 5  ? -9.879  19.706  -4.815  1.00 108.39 ? 11  DG  B O6     1 
ATOM   143  N  N1     . DG  A 1 5  ? -7.911  20.646  -5.490  1.00 123.12 ? 11  DG  B N1     1 
ATOM   144  C  C2     . DG  A 1 5  ? -7.007  21.041  -6.452  1.00 130.12 ? 11  DG  B C2     1 
ATOM   145  N  N2     . DG  A 1 5  ? -5.884  21.625  -6.007  1.00 128.60 ? 11  DG  B N2     1 
ATOM   146  N  N3     . DG  A 1 5  ? -7.190  20.875  -7.758  1.00 125.30 ? 11  DG  B N3     1 
ATOM   147  C  C4     . DG  A 1 5  ? -8.373  20.270  -8.027  1.00 135.09 ? 11  DG  B C4     1 
ATOM   148  H  "H5'"  . DG  A 1 5  ? -9.735  19.973  -14.590 1.00 190.67 ? 11  DG  B "H5'"  1 
ATOM   149  H  "H5''" . DG  A 1 5  ? -9.456  18.528  -14.010 1.00 190.67 ? 11  DG  B "H5''" 1 
ATOM   150  H  "H4'"  . DG  A 1 5  ? -8.333  20.857  -13.214 1.00 197.72 ? 11  DG  B "H4'"  1 
ATOM   151  H  "H3'"  . DG  A 1 5  ? -7.641  18.208  -12.878 1.00 182.48 ? 11  DG  B "H3'"  1 
ATOM   152  H  "H2'"  . DG  A 1 5  ? -7.519  18.264  -10.672 1.00 174.69 ? 11  DG  B "H2'"  1 
ATOM   153  H  "H2''" . DG  A 1 5  ? -6.358  19.349  -10.812 1.00 174.69 ? 11  DG  B "H2''" 1 
ATOM   154  H  "H1'"  . DG  A 1 5  ? -7.761  21.056  -10.542 1.00 164.82 ? 11  DG  B "H1'"  1 
ATOM   155  H  H8     . DG  A 1 5  ? -10.623 19.051  -9.756  1.00 166.23 ? 11  DG  B H8     1 
ATOM   156  H  H1     . DG  A 1 5  ? -7.708  20.795  -4.667  1.00 150.41 ? 11  DG  B H1     1 
ATOM   157  H  H21    . DG  A 1 5  ? -5.289  21.893  -6.566  1.00 157.00 ? 11  DG  B H21    1 
ATOM   158  H  H22    . DG  A 1 5  ? -5.761  21.733  -5.162  1.00 157.00 ? 11  DG  B H22    1 
ATOM   159  P  P      . DA  A 1 6  ? -5.116  18.606  -13.714 1.00 155.07 ? 12  DA  B P      1 
ATOM   160  O  OP1    . DA  A 1 6  ? -4.487  19.186  -14.921 1.00 172.89 ? 12  DA  B OP1    1 
ATOM   161  O  OP2    . DA  A 1 6  ? -5.660  17.230  -13.766 1.00 148.47 ? 12  DA  B OP2    1 
ATOM   162  O  "O5'"  . DA  A 1 6  ? -4.069  18.677  -12.508 1.00 134.62 ? 12  DA  B "O5'"  1 
ATOM   163  C  "C5'"  . DA  A 1 6  ? -3.573  19.938  -12.073 1.00 129.26 ? 12  DA  B "C5'"  1 
ATOM   164  C  "C4'"  . DA  A 1 6  ? -2.595  19.769  -10.927 1.00 133.02 ? 12  DA  B "C4'"  1 
ATOM   165  O  "O4'"  . DA  A 1 6  ? -3.330  19.669  -9.672  1.00 121.74 ? 12  DA  B "O4'"  1 
ATOM   166  C  "C3'"  . DA  A 1 6  ? -1.736  18.512  -11.002 1.00 145.24 ? 12  DA  B "C3'"  1 
ATOM   167  O  "O3'"  . DA  A 1 6  ? -0.435  18.758  -10.453 1.00 158.20 ? 12  DA  B "O3'"  1 
ATOM   168  C  "C2'"  . DA  A 1 6  ? -2.550  17.512  -10.188 1.00 144.53 ? 12  DA  B "C2'"  1 
ATOM   169  C  "C1'"  . DA  A 1 6  ? -3.119  18.394  -9.084  1.00 136.69 ? 12  DA  B "C1'"  1 
ATOM   170  N  N9     . DA  A 1 6  ? -4.385  17.927  -8.518  1.00 130.18 ? 12  DA  B N9     1 
ATOM   171  C  C8     . DA  A 1 6  ? -5.444  17.390  -9.193  1.00 121.44 ? 12  DA  B C8     1 
ATOM   172  N  N7     . DA  A 1 6  ? -6.460  17.075  -8.423  1.00 117.60 ? 12  DA  B N7     1 
ATOM   173  C  C5     . DA  A 1 6  ? -6.036  17.428  -7.154  1.00 118.92 ? 12  DA  B C5     1 
ATOM   174  C  C6     . DA  A 1 6  ? -6.654  17.343  -5.891  1.00 116.39 ? 12  DA  B C6     1 
ATOM   175  N  N6     . DA  A 1 6  ? -7.882  16.853  -5.707  1.00 107.07 ? 12  DA  B N6     1 
ATOM   176  N  N1     . DA  A 1 6  ? -5.956  17.782  -4.822  1.00 112.70 ? 12  DA  B N1     1 
ATOM   177  C  C2     . DA  A 1 6  ? -4.725  18.272  -5.014  1.00 117.89 ? 12  DA  B C2     1 
ATOM   178  N  N3     . DA  A 1 6  ? -4.041  18.402  -6.150  1.00 121.75 ? 12  DA  B N3     1 
ATOM   179  C  C4     . DA  A 1 6  ? -4.761  17.957  -7.193  1.00 119.20 ? 12  DA  B C4     1 
ATOM   180  H  "H5'"  . DA  A 1 6  ? -4.315  20.488  -11.780 1.00 157.78 ? 12  DA  B "H5'"  1 
ATOM   181  H  "H5''" . DA  A 1 6  ? -3.124  20.376  -12.812 1.00 157.78 ? 12  DA  B "H5''" 1 
ATOM   182  H  "H4'"  . DA  A 1 6  ? -2.015  20.546  -10.890 1.00 162.29 ? 12  DA  B "H4'"  1 
ATOM   183  H  "H3'"  . DA  A 1 6  ? -1.662  18.214  -11.922 1.00 176.96 ? 12  DA  B "H3'"  1 
ATOM   184  H  "H2'"  . DA  A 1 6  ? -3.261  17.128  -10.725 1.00 176.11 ? 12  DA  B "H2'"  1 
ATOM   185  H  "H2''" . DA  A 1 6  ? -1.978  16.821  -9.820  1.00 176.11 ? 12  DA  B "H2''" 1 
ATOM   186  H  "H1'"  . DA  A 1 6  ? -2.464  18.477  -8.373  1.00 166.70 ? 12  DA  B "H1'"  1 
ATOM   187  H  H8     . DA  A 1 6  ? -5.448  17.265  -10.115 1.00 148.40 ? 12  DA  B H8     1 
ATOM   188  H  H61    . DA  A 1 6  ? -8.218  16.822  -4.916  1.00 131.15 ? 12  DA  B H61    1 
ATOM   189  H  H62    . DA  A 1 6  ? -8.336  16.569  -6.380  1.00 131.15 ? 12  DA  B H62    1 
ATOM   190  H  H2     . DA  A 1 6  ? -4.285  18.563  -4.248  1.00 144.15 ? 12  DA  B H2     1 
ATOM   191  P  P      . DC  A 1 7  ? 0.768   17.715  -10.683 1.00 156.71 ? 13  DC  B P      1 
ATOM   192  O  OP1    . DC  A 1 7  ? 1.910   18.462  -11.261 1.00 143.18 ? 13  DC  B OP1    1 
ATOM   193  O  OP2    . DC  A 1 7  ? 0.225   16.542  -11.404 1.00 151.88 ? 13  DC  B OP2    1 
ATOM   194  O  "O5'"  . DC  A 1 7  ? 1.147   17.256  -9.199  1.00 125.69 ? 13  DC  B "O5'"  1 
ATOM   195  C  "C5'"  . DC  A 1 7  ? 0.108   16.979  -8.273  1.00 145.56 ? 13  DC  B "C5'"  1 
ATOM   196  C  "C4'"  . DC  A 1 7  ? 0.604   17.032  -6.848  1.00 143.09 ? 13  DC  B "C4'"  1 
ATOM   197  O  "O4'"  . DC  A 1 7  ? -0.540  17.054  -5.945  1.00 137.50 ? 13  DC  B "O4'"  1 
ATOM   198  C  "C3'"  . DC  A 1 7  ? 1.429   15.833  -6.417  1.00 137.59 ? 13  DC  B "C3'"  1 
ATOM   199  O  "O3'"  . DC  A 1 7  ? 2.361   16.209  -5.394  1.00 142.28 ? 13  DC  B "O3'"  1 
ATOM   200  C  "C2'"  . DC  A 1 7  ? 0.351   14.864  -5.940  1.00 134.18 ? 13  DC  B "C2'"  1 
ATOM   201  C  "C1'"  . DC  A 1 7  ? -0.674  15.796  -5.297  1.00 125.20 ? 13  DC  B "C1'"  1 
ATOM   202  N  N1     . DC  A 1 7  ? -2.101  15.323  -5.430  1.00 119.66 ? 13  DC  B N1     1 
ATOM   203  C  C2     . DC  A 1 7  ? -2.921  15.250  -4.295  1.00 124.20 ? 13  DC  B C2     1 
ATOM   204  O  O2     . DC  A 1 7  ? -2.463  15.588  -3.196  1.00 134.88 ? 13  DC  B O2     1 
ATOM   205  N  N3     . DC  A 1 7  ? -4.201  14.817  -4.434  1.00 112.70 ? 13  DC  B N3     1 
ATOM   206  C  C4     . DC  A 1 7  ? -4.661  14.461  -5.635  1.00 105.56 ? 13  DC  B C4     1 
ATOM   207  N  N4     . DC  A 1 7  ? -5.927  14.039  -5.723  1.00 101.04 ? 13  DC  B N4     1 
ATOM   208  C  C5     . DC  A 1 7  ? -3.842  14.523  -6.801  1.00 119.50 ? 13  DC  B C5     1 
ATOM   209  C  C6     . DC  A 1 7  ? -2.583  14.955  -6.653  1.00 117.73 ? 13  DC  B C6     1 
ATOM   210  H  "H5'"  . DC  A 1 7  ? -0.249  16.095  -8.450  1.00 177.35 ? 13  DC  B "H5'"  1 
ATOM   211  H  "H5''" . DC  A 1 7  ? -0.599  17.634  -8.385  1.00 177.35 ? 13  DC  B "H5''" 1 
ATOM   212  H  "H4'"  . DC  A 1 7  ? 1.125   17.840  -6.720  1.00 174.38 ? 13  DC  B "H4'"  1 
ATOM   213  H  "H3'"  . DC  A 1 7  ? 1.899   15.462  -7.180  1.00 167.78 ? 13  DC  B "H3'"  1 
ATOM   214  H  "H2'"  . DC  A 1 7  ? -0.039  14.388  -6.690  1.00 163.69 ? 13  DC  B "H2'"  1 
ATOM   215  H  "H2''" . DC  A 1 7  ? 0.711   14.245  -5.285  1.00 163.69 ? 13  DC  B "H2''" 1 
ATOM   216  H  "H1'"  . DC  A 1 7  ? -0.460  15.901  -4.357  1.00 152.91 ? 13  DC  B "H1'"  1 
ATOM   217  H  H41    . DC  A 1 7  ? -6.241  13.776  -6.480  1.00 123.92 ? 13  DC  B H41    1 
ATOM   218  H  H42    . DC  A 1 7  ? -6.426  14.028  -5.022  1.00 123.92 ? 13  DC  B H42    1 
ATOM   219  H  H5     . DC  A 1 7  ? -4.170  14.274  -7.634  1.00 146.08 ? 13  DC  B H5     1 
ATOM   220  H  H6     . DC  A 1 7  ? -2.027  15.003  -7.398  1.00 143.95 ? 13  DC  B H6     1 
ATOM   221  P  P      . DA  A 1 8  ? 2.875   15.140  -4.310  1.00 151.71 ? 14  DA  B P      1 
ATOM   222  O  OP1    . DA  A 1 8  ? 4.033   15.726  -3.598  1.00 155.98 ? 14  DA  B OP1    1 
ATOM   223  O  OP2    . DA  A 1 8  ? 3.015   13.835  -4.994  1.00 146.54 ? 14  DA  B OP2    1 
ATOM   224  O  "O5'"  . DA  A 1 8  ? 1.648   15.034  -3.293  1.00 135.20 ? 14  DA  B "O5'"  1 
ATOM   225  C  "C5'"  . DA  A 1 8  ? 1.576   13.963  -2.376  1.00 149.02 ? 14  DA  B "C5'"  1 
ATOM   226  C  "C4'"  . DA  A 1 8  ? 0.773   14.357  -1.155  1.00 123.16 ? 14  DA  B "C4'"  1 
ATOM   227  O  "O4'"  . DA  A 1 8  ? -0.634  14.408  -1.509  1.00 107.81 ? 14  DA  B "O4'"  1 
ATOM   228  C  "C3'"  . DA  A 1 8  ? 0.897   13.391  0.016   1.00 133.48 ? 14  DA  B "C3'"  1 
ATOM   229  O  "O3'"  . DA  A 1 8  ? 1.053   14.089  1.239   1.00 149.01 ? 14  DA  B "O3'"  1 
ATOM   230  C  "C2'"  . DA  A 1 8  ? -0.388  12.573  -0.018  1.00 122.46 ? 14  DA  B "C2'"  1 
ATOM   231  C  "C1'"  . DA  A 1 8  ? -1.373  13.428  -0.806  1.00 120.90 ? 14  DA  B "C1'"  1 
ATOM   232  N  N9     . DA  A 1 8  ? -2.151  12.643  -1.764  1.00 104.58 ? 14  DA  B N9     1 
ATOM   233  C  C8     . DA  A 1 8  ? -1.752  12.227  -3.003  1.00 122.79 ? 14  DA  B C8     1 
ATOM   234  N  N7     . DA  A 1 8  ? -2.654  11.516  -3.638  1.00 106.27 ? 14  DA  B N7     1 
ATOM   235  C  C5     . DA  A 1 8  ? -3.714  11.454  -2.750  1.00 100.38 ? 14  DA  B C5     1 
ATOM   236  C  C6     . DA  A 1 8  ? -4.978  10.839  -2.829  1.00 114.81 ? 14  DA  B C6     1 
ATOM   237  N  N6     . DA  A 1 8  ? -5.389  10.147  -3.895  1.00 118.03 ? 14  DA  B N6     1 
ATOM   238  N  N1     . DA  A 1 8  ? -5.802  10.964  -1.768  1.00 108.14 ? 14  DA  B N1     1 
ATOM   239  C  C2     . DA  A 1 8  ? -5.377  11.648  -0.701  1.00 115.33 ? 14  DA  B C2     1 
ATOM   240  N  N3     . DA  A 1 8  ? -4.216  12.279  -0.516  1.00 103.91 ? 14  DA  B N3     1 
ATOM   241  C  C4     . DA  A 1 8  ? -3.420  12.137  -1.587  1.00 104.13 ? 14  DA  B C4     1 
ATOM   242  H  "H5'"  . DA  A 1 8  ? 2.474   13.718  -2.102  1.00 181.50 ? 14  DA  B "H5'"  1 
ATOM   243  H  "H5''" . DA  A 1 8  ? 1.154   13.203  -2.805  1.00 181.50 ? 14  DA  B "H5''" 1 
ATOM   244  H  "H4'"  . DA  A 1 8  ? 1.054   15.238  -0.866  1.00 150.47 ? 14  DA  B "H4'"  1 
ATOM   245  H  "H3'"  . DA  A 1 8  ? 1.658   12.806  -0.124  1.00 162.85 ? 14  DA  B "H3'"  1 
ATOM   246  H  "H2'"  . DA  A 1 8  ? -0.238  11.728  -0.470  1.00 149.62 ? 14  DA  B "H2'"  1 
ATOM   247  H  "H2''" . DA  A 1 8  ? -0.716  12.423  0.882   1.00 149.62 ? 14  DA  B "H2''" 1 
ATOM   248  H  "H1'"  . DA  A 1 8  ? -1.979  13.867  -0.188  1.00 147.76 ? 14  DA  B "H1'"  1 
ATOM   249  H  H8     . DA  A 1 8  ? -0.921  12.435  -3.366  1.00 150.02 ? 14  DA  B H8     1 
ATOM   250  H  H61    . DA  A 1 8  ? -6.168  9.781   -3.896  1.00 144.31 ? 14  DA  B H61    1 
ATOM   251  H  H62    . DA  A 1 8  ? -4.877  10.068  -4.581  1.00 144.31 ? 14  DA  B H62    1 
ATOM   252  H  H2     . DA  A 1 8  ? -5.984  11.714  0.000   1.00 141.07 ? 14  DA  B H2     1 
ATOM   253  P  P      . DC  A 1 9  ? 1.410   13.271  2.573   1.00 155.33 ? 15  DC  B P      1 
ATOM   254  O  OP1    . DC  A 1 9  ? 2.018   14.215  3.537   1.00 130.58 ? 15  DC  B OP1    1 
ATOM   255  O  OP2    . DC  A 1 9  ? 2.157   12.062  2.158   1.00 116.59 ? 15  DC  B OP2    1 
ATOM   256  O  "O5'"  . DC  A 1 9  ? -0.017  12.800  3.120   1.00 123.91 ? 15  DC  B "O5'"  1 
ATOM   257  C  "C5'"  . DC  A 1 9  ? -0.224  11.449  3.513   1.00 112.82 ? 15  DC  B "C5'"  1 
ATOM   258  C  "C4'"  . DC  A 1 9  ? -1.702  11.168  3.715   1.00 108.36 ? 15  DC  B "C4'"  1 
ATOM   259  O  "O4'"  . DC  A 1 9  ? -2.402  11.372  2.464   1.00 111.30 ? 15  DC  B "O4'"  1 
ATOM   260  C  "C3'"  . DC  A 1 9  ? -2.034  9.748   4.137   1.00 131.58 ? 15  DC  B "C3'"  1 
ATOM   261  O  "O3'"  . DC  A 1 9  ? -2.026  9.626   5.550   1.00 108.80 ? 15  DC  B "O3'"  1 
ATOM   262  C  "C2'"  . DC  A 1 9  ? -3.422  9.520   3.553   1.00 118.03 ? 15  DC  B "C2'"  1 
ATOM   263  C  "C1'"  . DC  A 1 9  ? -3.460  10.436  2.333   1.00 116.63 ? 15  DC  B "C1'"  1 
ATOM   264  N  N1     . DC  A 1 9  ? -3.299  9.714   1.038   1.00 113.78 ? 15  DC  B N1     1 
ATOM   265  C  C2     . DC  A 1 9  ? -4.343  8.918   0.552   1.00 111.13 ? 15  DC  B C2     1 
ATOM   266  O  O2     . DC  A 1 9  ? -5.386  8.820   1.210   1.00 113.34 ? 15  DC  B O2     1 
ATOM   267  N  N3     . DC  A 1 9  ? -4.181  8.274   -0.631  1.00 108.35 ? 15  DC  B N3     1 
ATOM   268  C  C4     . DC  A 1 9  ? -3.042  8.407   -1.312  1.00 91.08  ? 15  DC  B C4     1 
ATOM   269  N  N4     . DC  A 1 9  ? -2.928  7.753   -2.472  1.00 111.67 ? 15  DC  B N4     1 
ATOM   270  C  C5     . DC  A 1 9  ? -1.968  9.213   -0.834  1.00 98.90  ? 15  DC  B C5     1 
ATOM   271  C  C6     . DC  A 1 9  ? -2.138  9.842   0.334   1.00 109.57 ? 15  DC  B C6     1 
ATOM   272  H  "H5'"  . DC  A 1 9  ? 0.249   11.283  4.344   1.00 138.05 ? 15  DC  B "H5'"  1 
ATOM   273  H  "H5''" . DC  A 1 9  ? 0.121   10.860  2.825   1.00 138.05 ? 15  DC  B "H5''" 1 
ATOM   274  H  "H4'"  . DC  A 1 9  ? -2.053  11.784  4.378   1.00 132.71 ? 15  DC  B "H4'"  1 
ATOM   275  H  "H3'"  . DC  A 1 9  ? -1.401  9.126   3.744   1.00 160.57 ? 15  DC  B "H3'"  1 
ATOM   276  H  "H2'"  . DC  A 1 9  ? -3.532  8.594   3.287   1.00 144.31 ? 15  DC  B "H2'"  1 
ATOM   277  H  "H2''" . DC  A 1 9  ? -4.106  9.776   4.192   1.00 144.31 ? 15  DC  B "H2''" 1 
ATOM   278  H  "H1'"  . DC  A 1 9  ? -4.304  10.914  2.323   1.00 142.63 ? 15  DC  B "H1'"  1 
ATOM   279  H  H41    . DC  A 1 9  ? -2.204  7.817   -2.933  1.00 136.67 ? 15  DC  B H41    1 
ATOM   280  H  H42    . DC  A 1 9  ? -3.577  7.267   -2.758  1.00 136.67 ? 15  DC  B H42    1 
ATOM   281  H  H5     . DC  A 1 9  ? -1.178  9.299   -1.316  1.00 121.35 ? 15  DC  B H5     1 
ATOM   282  H  H6     . DC  A 1 9  ? -1.456  10.378  0.669   1.00 134.16 ? 15  DC  B H6     1 
ATOM   283  P  P      . DT  A 1 10 ? -2.041  8.171   6.231   1.00 176.99 ? 16  DT  B P      1 
ATOM   284  O  OP1    . DT  A 1 10 ? -2.057  8.367   7.698   1.00 178.32 ? 16  DT  B OP1    1 
ATOM   285  O  OP2    . DT  A 1 10 ? -0.971  7.367   5.600   1.00 149.40 ? 16  DT  B OP2    1 
ATOM   286  O  "O5'"  . DT  A 1 10 ? -3.450  7.551   5.796   1.00 127.49 ? 16  DT  B "O5'"  1 
ATOM   287  C  "C5'"  . DT  A 1 10 ? -4.637  7.964   6.459   1.00 129.92 ? 16  DT  B "C5'"  1 
ATOM   288  C  "C4'"  . DT  A 1 10 ? -5.807  7.066   6.098   1.00 139.94 ? 16  DT  B "C4'"  1 
ATOM   289  O  "O4'"  . DT  A 1 10 ? -5.893  6.927   4.647   1.00 135.01 ? 16  DT  B "O4'"  1 
ATOM   290  C  "C3'"  . DT  A 1 10 ? -5.721  5.635   6.638   1.00 128.28 ? 16  DT  B "C3'"  1 
ATOM   291  O  "O3'"  . DT  A 1 10 ? -7.005  5.197   7.077   1.00 134.74 ? 16  DT  B "O3'"  1 
ATOM   292  C  "C2'"  . DT  A 1 10 ? -5.222  4.857   5.429   1.00 114.31 ? 16  DT  B "C2'"  1 
ATOM   293  C  "C1'"  . DT  A 1 10 ? -5.986  5.552   4.327   1.00 113.40 ? 16  DT  B "C1'"  1 
ATOM   294  N  N1     . DT  A 1 10 ? -5.460  5.327   2.948   1.00 123.37 ? 16  DT  B N1     1 
ATOM   295  C  C2     . DT  A 1 10 ? -6.220  4.612   2.048   1.00 114.49 ? 16  DT  B C2     1 
ATOM   296  O  O2     . DT  A 1 10 ? -7.307  4.134   2.323   1.00 110.17 ? 16  DT  B O2     1 
ATOM   297  N  N3     . DT  A 1 10 ? -5.658  4.472   0.807   1.00 100.00 ? 16  DT  B N3     1 
ATOM   298  C  C4     . DT  A 1 10 ? -4.438  4.967   0.383   1.00 106.99 ? 16  DT  B C4     1 
ATOM   299  O  O4     . DT  A 1 10 ? -4.016  4.786   -0.756  1.00 98.45  ? 16  DT  B O4     1 
ATOM   300  C  C5     . DT  A 1 10 ? -3.695  5.708   1.375   1.00 113.10 ? 16  DT  B C5     1 
ATOM   301  C  C7     . DT  A 1 10 ? -2.358  6.289   1.032   1.00 105.85 ? 16  DT  B C7     1 
ATOM   302  C  C6     . DT  A 1 10 ? -4.236  5.854   2.595   1.00 124.54 ? 16  DT  B C6     1 
ATOM   303  H  "H5'"  . DT  A 1 10 ? -4.844  8.876   6.201   1.00 158.57 ? 16  DT  B "H5'"  1 
ATOM   304  H  "H5''" . DT  A 1 10 ? -4.493  7.928   7.418   1.00 158.57 ? 16  DT  B "H5''" 1 
ATOM   305  H  "H4'"  . DT  A 1 10 ? -6.625  7.473   6.422   1.00 170.60 ? 16  DT  B "H4'"  1 
ATOM   306  H  "H3'"  . DT  A 1 10 ? -5.077  5.585   7.362   1.00 156.60 ? 16  DT  B "H3'"  1 
ATOM   307  H  "H2'"  . DT  A 1 10 ? -4.265  4.966   5.313   1.00 139.84 ? 16  DT  B "H2'"  1 
ATOM   308  H  "H2''" . DT  A 1 10 ? -5.468  3.922   5.489   1.00 139.84 ? 16  DT  B "H2''" 1 
ATOM   309  H  "H1'"  . DT  A 1 10 ? -6.916  5.278   4.362   1.00 138.75 ? 16  DT  B "H1'"  1 
ATOM   310  H  H3     . DT  A 1 10 ? -6.114  4.027   0.228   1.00 122.67 ? 16  DT  B H3     1 
ATOM   311  H  H71    . DT  A 1 10 ? -2.354  7.236   1.235   1.00 129.69 ? 16  DT  B H71    1 
ATOM   312  H  H72    . DT  A 1 10 ? -1.670  5.843   1.551   1.00 129.69 ? 16  DT  B H72    1 
ATOM   313  H  H73    . DT  A 1 10 ? -2.183  6.160   0.086   1.00 129.69 ? 16  DT  B H73    1 
ATOM   314  H  H6     . DT  A 1 10 ? -3.759  6.331   3.235   1.00 152.12 ? 16  DT  B H6     1 
ATOM   315  P  P      . DG  A 1 11 ? -7.148  4.021   8.162   1.00 174.31 ? 17  DG  B P      1 
ATOM   316  O  OP1    . DG  A 1 11 ? -7.964  4.540   9.284   1.00 148.41 ? 17  DG  B OP1    1 
ATOM   317  O  OP2    . DG  A 1 11 ? -5.792  3.486   8.411   1.00 147.24 ? 17  DG  B OP2    1 
ATOM   318  O  "O5'"  . DG  A 1 11 ? -7.977  2.892   7.388   1.00 145.19 ? 17  DG  B "O5'"  1 
ATOM   319  C  "C5'"  . DG  A 1 11 ? -7.546  2.481   6.103   1.00 142.62 ? 17  DG  B "C5'"  1 
ATOM   320  C  "C4'"  . DG  A 1 11 ? -8.353  1.308   5.589   1.00 136.18 ? 17  DG  B "C4'"  1 
ATOM   321  O  "O4'"  . DG  A 1 11 ? -8.136  1.176   4.162   1.00 131.46 ? 17  DG  B "O4'"  1 
ATOM   322  C  "C3'"  . DG  A 1 11 ? -7.965  -0.038  6.169   1.00 124.10 ? 17  DG  B "C3'"  1 
ATOM   323  O  "O3'"  . DG  A 1 11 ? -9.071  -0.937  6.154   1.00 132.09 ? 17  DG  B "O3'"  1 
ATOM   324  C  "C2'"  . DG  A 1 11 ? -6.829  -0.487  5.252   1.00 117.48 ? 17  DG  B "C2'"  1 
ATOM   325  C  "C1'"  . DG  A 1 11 ? -7.166  0.170   3.911   1.00 117.51 ? 17  DG  B "C1'"  1 
ATOM   326  N  N9     . DG  A 1 11 ? -6.008  0.781   3.251   1.00 106.06 ? 17  DG  B N9     1 
ATOM   327  C  C8     . DG  A 1 11 ? -5.022  1.540   3.838   1.00 109.85 ? 17  DG  B C8     1 
ATOM   328  N  N7     . DG  A 1 11 ? -4.109  1.948   2.999   1.00 94.21  ? 17  DG  B N7     1 
ATOM   329  C  C5     . DG  A 1 11 ? -4.512  1.425   1.778   1.00 88.42  ? 17  DG  B C5     1 
ATOM   330  C  C6     . DG  A 1 11 ? -3.917  1.535   0.498   1.00 86.93  ? 17  DG  B C6     1 
ATOM   331  O  O6     . DG  A 1 11 ? -2.881  2.137   0.183   1.00 93.72  ? 17  DG  B O6     1 
ATOM   332  N  N1     . DG  A 1 11 ? -4.650  0.854   -0.471  1.00 76.86  ? 17  DG  B N1     1 
ATOM   333  C  C2     . DG  A 1 11 ? -5.813  0.154   -0.231  1.00 92.22  ? 17  DG  B C2     1 
ATOM   334  N  N2     . DG  A 1 11 ? -6.381  -0.438  -1.288  1.00 91.13  ? 17  DG  B N2     1 
ATOM   335  N  N3     . DG  A 1 11 ? -6.378  0.045   0.963   1.00 88.23  ? 17  DG  B N3     1 
ATOM   336  C  C4     . DG  A 1 11 ? -5.678  0.702   1.916   1.00 92.13  ? 17  DG  B C4     1 
ATOM   337  H  "H5'"  . DG  A 1 11 ? -6.611  2.225   6.151   1.00 173.81 ? 17  DG  B "H5'"  1 
ATOM   338  H  "H5''" . DG  A 1 11 ? -7.639  3.223   5.486   1.00 173.81 ? 17  DG  B "H5''" 1 
ATOM   339  H  "H4'"  . DG  A 1 11 ? -9.294  1.471   5.756   1.00 166.09 ? 17  DG  B "H4'"  1 
ATOM   340  H  "H3'"  . DG  A 1 11 ? -7.637  0.072   7.074   1.00 151.59 ? 17  DG  B "H3'"  1 
ATOM   341  H  "H2'"  . DG  A 1 11 ? -5.975  -0.166  5.584   1.00 143.65 ? 17  DG  B "H2'"  1 
ATOM   342  H  "H2''" . DG  A 1 11 ? -6.821  -1.454  5.166   1.00 143.65 ? 17  DG  B "H2''" 1 
ATOM   343  H  "H1'"  . DG  A 1 11 ? -7.549  -0.497  3.320   1.00 143.68 ? 17  DG  B "H1'"  1 
ATOM   344  H  H8     . DG  A 1 11 ? -5.007  1.743   4.746   1.00 134.50 ? 17  DG  B H8     1 
ATOM   345  H  H1     . DG  A 1 11 ? -4.355  0.871   -1.279  1.00 94.90  ? 17  DG  B H1     1 
ATOM   346  H  H21    . DG  A 1 11 ? -7.096  -0.906  -1.187  1.00 112.03 ? 17  DG  B H21    1 
ATOM   347  H  H22    . DG  A 1 11 ? -6.032  -0.351  -2.069  1.00 112.03 ? 17  DG  B H22    1 
ATOM   348  P  P      . DA  A 1 12 ? -8.858  -2.483  6.537   1.00 123.78 ? 18  DA  B P      1 
ATOM   349  O  OP1    . DA  A 1 12 ? -10.127 -3.009  7.086   1.00 120.72 ? 18  DA  B OP1    1 
ATOM   350  O  OP2    . DA  A 1 12 ? -7.615  -2.574  7.335   1.00 93.52  ? 18  DA  B OP2    1 
ATOM   351  O  "O5'"  . DA  A 1 12 ? -8.582  -3.182  5.129   1.00 111.93 ? 18  DA  B "O5'"  1 
ATOM   352  C  "C5'"  . DA  A 1 12 ? -8.472  -4.587  5.054   1.00 114.97 ? 18  DA  B "C5'"  1 
ATOM   353  C  "C4'"  . DA  A 1 12 ? -9.005  -5.098  3.733   1.00 112.39 ? 18  DA  B "C4'"  1 
ATOM   354  O  "O4'"  . DA  A 1 12 ? -8.587  -4.209  2.670   1.00 105.02 ? 18  DA  B "O4'"  1 
ATOM   355  C  "C3'"  . DA  A 1 12 ? -8.503  -6.476  3.342   1.00 126.45 ? 18  DA  B "C3'"  1 
ATOM   356  O  "O3'"  . DA  A 1 12 ? -9.496  -7.196  2.637   1.00 134.07 ? 18  DA  B "O3'"  1 
ATOM   357  C  "C2'"  . DA  A 1 12 ? -7.275  -6.187  2.486   1.00 116.44 ? 18  DA  B "C2'"  1 
ATOM   358  C  "C1'"  . DA  A 1 12 ? -7.511  -4.776  1.944   1.00 102.41 ? 18  DA  B "C1'"  1 
ATOM   359  N  N9     . DA  A 1 12 ? -6.342  -3.916  2.086   1.00 97.58  ? 18  DA  B N9     1 
ATOM   360  C  C8     . DA  A 1 12 ? -5.853  -3.379  3.244   1.00 104.63 ? 18  DA  B C8     1 
ATOM   361  N  N7     . DA  A 1 12 ? -4.772  -2.655  3.076   1.00 95.91  ? 18  DA  B N7     1 
ATOM   362  C  C5     . DA  A 1 12 ? -4.531  -2.728  1.713   1.00 89.04  ? 18  DA  B C5     1 
ATOM   363  C  C6     . DA  A 1 12 ? -3.527  -2.170  0.895   1.00 95.46  ? 18  DA  B C6     1 
ATOM   364  N  N6     . DA  A 1 12 ? -2.537  -1.399  1.360   1.00 81.82  ? 18  DA  B N6     1 
ATOM   365  N  N1     . DA  A 1 12 ? -3.578  -2.439  -0.427  1.00 86.81  ? 18  DA  B N1     1 
ATOM   366  C  C2     . DA  A 1 12 ? -4.569  -3.212  -0.890  1.00 104.67 ? 18  DA  B C2     1 
ATOM   367  N  N3     . DA  A 1 12 ? -5.566  -3.791  -0.220  1.00 88.63  ? 18  DA  B N3     1 
ATOM   368  C  C4     . DA  A 1 12 ? -5.489  -3.506  1.089   1.00 99.23  ? 18  DA  B C4     1 
ATOM   369  H  "H5'"  . DA  A 1 12 ? -8.978  -4.986  5.778   1.00 140.64 ? 18  DA  B "H5'"  1 
ATOM   370  H  "H5''" . DA  A 1 12 ? -7.539  -4.839  5.140   1.00 140.64 ? 18  DA  B "H5''" 1 
ATOM   371  H  "H4'"  . DA  A 1 12 ? -9.974  -5.114  3.769   1.00 137.54 ? 18  DA  B "H4'"  1 
ATOM   372  H  "H3'"  . DA  A 1 12 ? -8.241  -6.967  4.136   1.00 154.41 ? 18  DA  B "H3'"  1 
ATOM   373  H  "H2'"  . DA  A 1 12 ? -6.471  -6.210  3.030   1.00 142.40 ? 18  DA  B "H2'"  1 
ATOM   374  H  "H2''" . DA  A 1 12 ? -7.212  -6.823  1.758   1.00 142.40 ? 18  DA  B "H2''" 1 
ATOM   375  H  "H1'"  . DA  A 1 12 ? -7.754  -4.833  1.007   1.00 125.56 ? 18  DA  B "H1'"  1 
ATOM   376  H  H8     . DA  A 1 12 ? -6.253  -3.510  4.074   1.00 128.23 ? 18  DA  B H8     1 
ATOM   377  H  H61    . DA  A 1 12 ? -1.942  -1.090  0.822   1.00 100.86 ? 18  DA  B H61    1 
ATOM   378  H  H62    . DA  A 1 12 ? -2.495  -1.213  2.199   1.00 100.86 ? 18  DA  B H62    1 
ATOM   379  H  H2     . DA  A 1 12 ? -4.558  -3.369  -1.806  1.00 128.28 ? 18  DA  B H2     1 
ATOM   380  P  P      . DC  A 1 13 ? -9.358  -8.788  2.479   1.00 179.57 ? 19  DC  B P      1 
ATOM   381  O  OP1    . DC  A 1 13 ? -10.631 -9.307  1.931   1.00 117.67 ? 19  DC  B OP1    1 
ATOM   382  O  OP2    . DC  A 1 13 ? -8.833  -9.323  3.754   1.00 135.30 ? 19  DC  B OP2    1 
ATOM   383  O  "O5'"  . DC  A 1 13 ? -8.219  -8.955  1.373   1.00 132.58 ? 19  DC  B "O5'"  1 
ATOM   384  C  "C5'"  . DC  A 1 13 ? -8.441  -8.469  0.061   1.00 125.75 ? 19  DC  B "C5'"  1 
ATOM   385  C  "C4'"  . DC  A 1 13 ? -7.167  -8.508  -0.761  1.00 117.31 ? 19  DC  B "C4'"  1 
ATOM   386  O  "O4'"  . DC  A 1 13 ? -6.336  -7.377  -0.439  1.00 110.33 ? 19  DC  B "O4'"  1 
ATOM   387  C  "C3'"  . DC  A 1 13 ? -6.276  -9.722  -0.523  1.00 115.23 ? 19  DC  B "C3'"  1 
ATOM   388  O  "O3'"  . DC  A 1 13 ? -6.552  -10.740 -1.473  1.00 117.14 ? 19  DC  B "O3'"  1 
ATOM   389  C  "C2'"  . DC  A 1 13 ? -4.844  -9.176  -0.656  1.00 106.39 ? 19  DC  B "C2'"  1 
ATOM   390  C  "C1'"  . DC  A 1 13 ? -5.031  -7.673  -0.872  1.00 102.22 ? 19  DC  B "C1'"  1 
ATOM   391  N  N1     . DC  A 1 13 ? -4.056  -6.835  -0.115  1.00 99.86  ? 19  DC  B N1     1 
ATOM   392  C  C2     . DC  A 1 13 ? -2.974  -6.252  -0.790  1.00 103.50 ? 19  DC  B C2     1 
ATOM   393  O  O2     . DC  A 1 13 ? -2.851  -6.434  -2.008  1.00 112.70 ? 19  DC  B O2     1 
ATOM   394  N  N3     . DC  A 1 13 ? -2.091  -5.500  -0.090  1.00 86.17  ? 19  DC  B N3     1 
ATOM   395  C  C4     . DC  A 1 13 ? -2.255  -5.328  1.221   1.00 80.78  ? 19  DC  B C4     1 
ATOM   396  N  N4     . DC  A 1 13 ? -1.356  -4.579  1.869   1.00 81.02  ? 19  DC  B N4     1 
ATOM   397  C  C5     . DC  A 1 13 ? -3.347  -5.917  1.928   1.00 81.28  ? 19  DC  B C5     1 
ATOM   398  C  C6     . DC  A 1 13 ? -4.213  -6.657  1.228   1.00 78.03  ? 19  DC  B C6     1 
ATOM   399  H  "H5'"  . DC  A 1 13 ? -8.760  -7.554  0.111   1.00 153.57 ? 19  DC  B "H5'"  1 
ATOM   400  H  "H5''" . DC  A 1 13 ? -9.115  -9.017  -0.371  1.00 153.57 ? 19  DC  B "H5''" 1 
ATOM   401  H  "H4'"  . DC  A 1 13 ? -7.400  -8.469  -1.702  1.00 143.44 ? 19  DC  B "H4'"  1 
ATOM   402  H  "H3'"  . DC  A 1 13 ? -6.416  -10.063 0.375   1.00 140.95 ? 19  DC  B "H3'"  1 
ATOM   403  H  "H2'"  . DC  A 1 13 ? -4.342  -9.341  0.157   1.00 130.34 ? 19  DC  B "H2'"  1 
ATOM   404  H  "H2''" . DC  A 1 13 ? -4.399  -9.575  -1.420  1.00 130.34 ? 19  DC  B "H2''" 1 
ATOM   405  H  "H1'"  . DC  A 1 13 ? -4.956  -7.475  -1.818  1.00 125.33 ? 19  DC  B "H1'"  1 
ATOM   406  H  H41    . DC  A 1 13 ? -1.419  -4.470  2.719   1.00 99.89  ? 19  DC  B H41    1 
ATOM   407  H  H42    . DC  A 1 13 ? -0.714  -4.207  1.435   1.00 99.89  ? 19  DC  B H42    1 
ATOM   408  H  H5     . DC  A 1 13 ? -3.451  -5.792  2.844   1.00 100.21 ? 19  DC  B H5     1 
ATOM   409  H  H6     . DC  A 1 13 ? -4.932  -7.056  1.661   1.00 96.31  ? 19  DC  B H6     1 
ATOM   410  P  P      . DG  A 1 14 ? -5.823  -12.165 -1.358  1.00 130.32 ? 20  DG  B P      1 
ATOM   411  O  OP1    . DG  A 1 14 ? -6.604  -13.132 -2.159  1.00 146.58 ? 20  DG  B OP1    1 
ATOM   412  O  OP2    . DG  A 1 14 ? -5.584  -12.431 0.079   1.00 119.72 ? 20  DG  B OP2    1 
ATOM   413  O  "O5'"  . DG  A 1 14 ? -4.406  -11.926 -2.061  1.00 113.57 ? 20  DG  B "O5'"  1 
ATOM   414  C  "C5'"  . DG  A 1 14 ? -4.350  -11.579 -3.437  1.00 97.99  ? 20  DG  B "C5'"  1 
ATOM   415  C  "C4'"  . DG  A 1 14 ? -2.980  -11.037 -3.808  1.00 118.18 ? 20  DG  B "C4'"  1 
ATOM   416  O  "O4'"  . DG  A 1 14 ? -2.606  -10.009 -2.867  1.00 109.81 ? 20  DG  B "O4'"  1 
ATOM   417  C  "C3'"  . DG  A 1 14 ? -1.846  -12.066 -3.772  1.00 120.65 ? 20  DG  B "C3'"  1 
ATOM   418  O  "O3'"  . DG  A 1 14 ? -1.456  -12.438 -5.089  1.00 112.81 ? 20  DG  B "O3'"  1 
ATOM   419  C  "C2'"  . DG  A 1 14 ? -0.703  -11.376 -3.019  1.00 103.81 ? 20  DG  B "C2'"  1 
ATOM   420  C  "C1'"  . DG  A 1 14 ? -1.207  -9.959  -2.778  1.00 111.27 ? 20  DG  B "C1'"  1 
ATOM   421  N  N9     . DG  A 1 14 ? -0.833  -9.431  -1.473  1.00 84.89  ? 20  DG  B N9     1 
ATOM   422  C  C8     . DG  A 1 14 ? -1.458  -9.663  -0.271  1.00 102.65 ? 20  DG  B C8     1 
ATOM   423  N  N7     . DG  A 1 14 ? -0.889  -9.058  0.735   1.00 89.09  ? 20  DG  B N7     1 
ATOM   424  C  C5     . DG  A 1 14 ? 0.183   -8.387  0.163   1.00 78.73  ? 20  DG  B C5     1 
ATOM   425  C  C6     . DG  A 1 14 ? 1.163   -7.560  0.757   1.00 82.94  ? 20  DG  B C6     1 
ATOM   426  O  O6     . DG  A 1 14 ? 1.282   -7.248  1.951   1.00 93.65  ? 20  DG  B O6     1 
ATOM   427  N  N1     . DG  A 1 14 ? 2.070   -7.077  -0.185  1.00 79.60  ? 20  DG  B N1     1 
ATOM   428  C  C2     . DG  A 1 14 ? 2.031   -7.361  -1.531  1.00 94.66  ? 20  DG  B C2     1 
ATOM   429  N  N2     . DG  A 1 14 ? 2.988   -6.806  -2.289  1.00 100.67 ? 20  DG  B N2     1 
ATOM   430  N  N3     . DG  A 1 14 ? 1.118   -8.134  -2.099  1.00 83.72  ? 20  DG  B N3     1 
ATOM   431  C  C4     . DG  A 1 14 ? 0.230   -8.610  -1.195  1.00 85.48  ? 20  DG  B C4     1 
ATOM   432  H  "H5'"  . DG  A 1 14 ? -5.021  -10.904 -3.623  1.00 120.26 ? 20  DG  B "H5'"  1 
ATOM   433  H  "H5''" . DG  A 1 14 ? -4.535  -12.367 -3.972  1.00 120.26 ? 20  DG  B "H5''" 1 
ATOM   434  H  "H4'"  . DG  A 1 14 ? -3.025  -10.649 -4.696  1.00 144.49 ? 20  DG  B "H4'"  1 
ATOM   435  H  "H3'"  . DG  A 1 14 ? -2.133  -12.852 -3.282  1.00 147.46 ? 20  DG  B "H3'"  1 
ATOM   436  H  "H2'"  . DG  A 1 14 ? -0.536  -11.823 -2.175  1.00 127.24 ? 20  DG  B "H2'"  1 
ATOM   437  H  "H2''" . DG  A 1 14 ? 0.100   -11.361 -3.562  1.00 127.24 ? 20  DG  B "H2''" 1 
ATOM   438  H  "H1'"  . DG  A 1 14 ? -0.861  -9.374  -3.471  1.00 136.20 ? 20  DG  B "H1'"  1 
ATOM   439  H  H8     . DG  A 1 14 ? -2.214  -10.197 -0.184  1.00 125.86 ? 20  DG  B H8     1 
ATOM   440  H  H1     . DG  A 1 14 ? 2.702   -6.564  0.095   1.00 98.19  ? 20  DG  B H1     1 
ATOM   441  H  H21    . DG  A 1 14 ? 3.010   -6.960  -3.134  1.00 123.48 ? 20  DG  B H21    1 
ATOM   442  H  H22    . DG  A 1 14 ? 3.579   -6.296  -1.928  1.00 123.48 ? 20  DG  B H22    1 
ATOM   443  P  P      . DG  A 1 15 ? -0.479  -13.696 -5.313  1.00 128.89 ? 21  DG  B P      1 
ATOM   444  O  OP1    . DG  A 1 15 ? -0.487  -14.010 -6.759  1.00 132.13 ? 21  DG  B OP1    1 
ATOM   445  O  OP2    . DG  A 1 15 ? -0.852  -14.733 -4.326  1.00 148.99 ? 21  DG  B OP2    1 
ATOM   446  O  "O5'"  . DG  A 1 15 ? 0.974   -13.147 -4.923  1.00 107.78 ? 21  DG  B "O5'"  1 
ATOM   447  C  "C5'"  . DG  A 1 15 ? 1.734   -12.422 -5.876  1.00 115.84 ? 21  DG  B "C5'"  1 
ATOM   448  C  "C4'"  . DG  A 1 15 ? 2.885   -11.686 -5.214  1.00 112.27 ? 21  DG  B "C4'"  1 
ATOM   449  O  "O4'"  . DG  A 1 15 ? 2.455   -11.143 -3.953  1.00 105.12 ? 21  DG  B "O4'"  1 
ATOM   450  C  "C3'"  . DG  A 1 15 ? 4.098   -12.547 -4.875  1.00 106.24 ? 21  DG  B "C3'"  1 
ATOM   451  O  "O3'"  . DG  A 1 15 ? 5.072   -12.456 -5.905  1.00 107.60 ? 21  DG  B "O3'"  1 
ATOM   452  C  "C2'"  . DG  A 1 15 ? 4.609   -11.981 -3.537  1.00 107.77 ? 21  DG  B "C2'"  1 
ATOM   453  C  "C1'"  . DG  A 1 15 ? 3.600   -10.889 -3.178  1.00 112.76 ? 21  DG  B "C1'"  1 
ATOM   454  N  N9     . DG  A 1 15 ? 3.222   -10.864 -1.765  1.00 105.53 ? 21  DG  B N9     1 
ATOM   455  C  C8     . DG  A 1 15 ? 2.162   -11.511 -1.176  1.00 99.63  ? 21  DG  B C8     1 
ATOM   456  N  N7     . DG  A 1 15 ? 2.071   -11.297 0.110   1.00 94.98  ? 21  DG  B N7     1 
ATOM   457  C  C5     . DG  A 1 15 ? 3.139   -10.451 0.391   1.00 81.31  ? 21  DG  B C5     1 
ATOM   458  C  C6     . DG  A 1 15 ? 3.552   -9.876  1.619   1.00 89.00  ? 21  DG  B C6     1 
ATOM   459  O  O6     . DG  A 1 15 ? 3.040   -10.007 2.742   1.00 79.93  ? 21  DG  B O6     1 
ATOM   460  N  N1     . DG  A 1 15 ? 4.684   -9.078  1.461   1.00 80.10  ? 21  DG  B N1     1 
ATOM   461  C  C2     . DG  A 1 15 ? 5.330   -8.860  0.268   1.00 83.34  ? 21  DG  B C2     1 
ATOM   462  N  N2     . DG  A 1 15 ? 6.408   -8.061  0.314   1.00 83.91  ? 21  DG  B N2     1 
ATOM   463  N  N3     . DG  A 1 15 ? 4.955   -9.393  -0.888  1.00 85.47  ? 21  DG  B N3     1 
ATOM   464  C  C4     . DG  A 1 15 ? 3.855   -10.173 -0.753  1.00 93.11  ? 21  DG  B C4     1 
ATOM   465  H  "H5'"  . DG  A 1 15 ? 1.159   -11.779 -6.319  1.00 141.68 ? 21  DG  B "H5'"  1 
ATOM   466  H  "H5''" . DG  A 1 15 ? 2.089   -13.038 -6.535  1.00 141.68 ? 21  DG  B "H5''" 1 
ATOM   467  H  "H4'"  . DG  A 1 15 ? 3.167   -10.959 -5.790  1.00 137.40 ? 21  DG  B "H4'"  1 
ATOM   468  H  "H3'"  . DG  A 1 15 ? 3.824   -13.470 -4.759  1.00 130.16 ? 21  DG  B "H3'"  1 
ATOM   469  H  "H2'"  . DG  A 1 15 ? 4.616   -12.673 -2.857  1.00 132.00 ? 21  DG  B "H2'"  1 
ATOM   470  H  "H2''" . DG  A 1 15 ? 5.494   -11.601 -3.646  1.00 132.00 ? 21  DG  B "H2''" 1 
ATOM   471  H  "H1'"  . DG  A 1 15 ? 3.964   -10.025 -3.425  1.00 137.98 ? 21  DG  B "H1'"  1 
ATOM   472  H  H8     . DG  A 1 15 ? 1.569   -12.051 -1.646  1.00 122.23 ? 21  DG  B H8     1 
ATOM   473  H  H1     . DG  A 1 15 ? 4.999   -8.692  2.161   1.00 98.79  ? 21  DG  B H1     1 
ATOM   474  H  H21    . DG  A 1 15 ? 6.850   -7.896  -0.404  1.00 103.37 ? 21  DG  B H21    1 
ATOM   475  H  H22    . DG  A 1 15 ? 6.654   -7.715  1.061   1.00 103.37 ? 21  DG  B H22    1 
ATOM   476  P  P      . DG  A 1 16 ? 6.394   -13.364 -5.845  1.00 140.63 ? 22  DG  B P      1 
ATOM   477  O  OP1    . DG  A 1 16 ? 6.877   -13.540 -7.234  1.00 136.91 ? 22  DG  B OP1    1 
ATOM   478  O  OP2    . DG  A 1 16 ? 6.077   -14.547 -5.011  1.00 96.99  ? 22  DG  B OP2    1 
ATOM   479  O  "O5'"  . DG  A 1 16 ? 7.444   -12.459 -5.047  1.00 103.06 ? 22  DG  B "O5'"  1 
ATOM   480  C  "C5'"  . DG  A 1 16 ? 7.763   -11.152 -5.519  1.00 108.11 ? 22  DG  B "C5'"  1 
ATOM   481  C  "C4'"  . DG  A 1 16 ? 8.873   -10.533 -4.691  1.00 107.23 ? 22  DG  B "C4'"  1 
ATOM   482  O  "O4'"  . DG  A 1 16 ? 8.353   -10.162 -3.382  1.00 120.95 ? 22  DG  B "O4'"  1 
ATOM   483  C  "C3'"  . DG  A 1 16 ? 10.059  -11.459 -4.436  1.00 125.50 ? 22  DG  B "C3'"  1 
ATOM   484  O  "O3'"  . DG  A 1 16 ? 11.295  -10.768 -4.593  1.00 135.38 ? 22  DG  B "O3'"  1 
ATOM   485  C  "C2'"  . DG  A 1 16 ? 9.845   -11.937 -3.008  1.00 122.79 ? 22  DG  B "C2'"  1 
ATOM   486  C  "C1'"  . DG  A 1 16 ? 9.122   -10.766 -2.359  1.00 100.21 ? 22  DG  B "C1'"  1 
ATOM   487  N  N9     . DG  A 1 16 ? 8.228   -11.155 -1.268  1.00 96.12  ? 22  DG  B N9     1 
ATOM   488  C  C8     . DG  A 1 16 ? 7.109   -11.946 -1.362  1.00 112.59 ? 22  DG  B C8     1 
ATOM   489  N  N7     . DG  A 1 16 ? 6.500   -12.126 -0.222  1.00 107.60 ? 22  DG  B N7     1 
ATOM   490  C  C5     . DG  A 1 16 ? 7.263   -11.408 0.689   1.00 95.06  ? 22  DG  B C5     1 
ATOM   491  C  C6     . DG  A 1 16 ? 7.088   -11.230 2.083   1.00 94.54  ? 22  DG  B C6     1 
ATOM   492  O  O6     . DG  A 1 16 ? 6.197   -11.692 2.809   1.00 76.32  ? 22  DG  B O6     1 
ATOM   493  N  N1     . DG  A 1 16 ? 8.084   -10.427 2.630   1.00 90.36  ? 22  DG  B N1     1 
ATOM   494  C  C2     . DG  A 1 16 ? 9.118   -9.863  1.920   1.00 97.80  ? 22  DG  B C2     1 
ATOM   495  N  N2     . DG  A 1 16 ? 9.983   -9.118  2.624   1.00 99.38  ? 22  DG  B N2     1 
ATOM   496  N  N3     . DG  A 1 16 ? 9.293   -10.018 0.611   1.00 89.99  ? 22  DG  B N3     1 
ATOM   497  C  C4     . DG  A 1 16 ? 8.331   -10.801 0.063   1.00 92.12  ? 22  DG  B C4     1 
ATOM   498  H  "H5'"  . DG  A 1 16 ? 6.973   -10.591 -5.462  1.00 132.41 ? 22  DG  B "H5'"  1 
ATOM   499  H  "H5''" . DG  A 1 16 ? 8.048   -11.207 -6.444  1.00 132.41 ? 22  DG  B "H5''" 1 
ATOM   500  H  "H4'"  . DG  A 1 16 ? 9.191   -9.734  -5.140  1.00 131.35 ? 22  DG  B "H4'"  1 
ATOM   501  H  "H3'"  . DG  A 1 16 ? 10.023  -12.214 -5.044  1.00 153.28 ? 22  DG  B "H3'"  1 
ATOM   502  H  "H2'"  . DG  A 1 16 ? 9.292   -12.733 -2.992  1.00 150.02 ? 22  DG  B "H2'"  1 
ATOM   503  H  "H2''" . DG  A 1 16 ? 10.695  -12.098 -2.569  1.00 150.02 ? 22  DG  B "H2''" 1 
ATOM   504  H  "H1'"  . DG  A 1 16 ? 9.773   -10.129 -2.029  1.00 122.92 ? 22  DG  B "H1'"  1 
ATOM   505  H  H8     . DG  A 1 16 ? 6.814   -12.321 -2.162  1.00 137.78 ? 22  DG  B H8     1 
ATOM   506  H  H1     . DG  A 1 16 ? 8.050   -10.271 3.474   1.00 111.11 ? 22  DG  B H1     1 
ATOM   507  H  H21    . DG  A 1 16 ? 10.647  -8.741  2.228   1.00 121.93 ? 22  DG  B H21    1 
ATOM   508  H  H22    . DG  A 1 16 ? 9.872   -9.014  3.471   1.00 121.93 ? 22  DG  B H22    1 
ATOM   509  P  P      . DG  A 1 17 ? 12.669  -11.598 -4.683  1.00 134.31 ? 23  DG  B P      1 
ATOM   510  O  OP1    . DG  A 1 17 ? 13.530  -10.929 -5.681  1.00 129.01 ? 23  DG  B OP1    1 
ATOM   511  O  OP2    . DG  A 1 17 ? 12.311  -13.024 -4.853  1.00 125.66 ? 23  DG  B OP2    1 
ATOM   512  O  "O5'"  . DG  A 1 17 ? 13.330  -11.430 -3.233  1.00 120.72 ? 23  DG  B "O5'"  1 
ATOM   513  C  "C5'"  . DG  A 1 17 ? 13.944  -10.199 -2.871  1.00 130.15 ? 23  DG  B "C5'"  1 
ATOM   514  C  "C4'"  . DG  A 1 17 ? 14.519  -10.261 -1.466  1.00 131.48 ? 23  DG  B "C4'"  1 
ATOM   515  O  "O4'"  . DG  A 1 17 ? 13.462  -10.583 -0.520  1.00 123.66 ? 23  DG  B "O4'"  1 
ATOM   516  C  "C3'"  . DG  A 1 17 ? 15.611  -11.304 -1.262  1.00 134.32 ? 23  DG  B "C3'"  1 
ATOM   517  O  "O3'"  . DG  A 1 17 ? 16.677  -10.744 -0.504  1.00 142.57 ? 23  DG  B "O3'"  1 
ATOM   518  C  "C2'"  . DG  A 1 17 ? 14.902  -12.453 -0.540  1.00 124.26 ? 23  DG  B "C2'"  1 
ATOM   519  C  "C1'"  . DG  A 1 17 ? 13.777  -11.755 0.212   1.00 132.64 ? 23  DG  B "C1'"  1 
ATOM   520  N  N9     . DG  A 1 17 ? 12.553  -12.544 0.338   1.00 118.43 ? 23  DG  B N9     1 
ATOM   521  C  C8     . DG  A 1 17 ? 11.893  -13.204 -0.668  1.00 125.61 ? 23  DG  B C8     1 
ATOM   522  N  N7     . DG  A 1 17 ? 10.805  -13.803 -0.273  1.00 121.89 ? 23  DG  B N7     1 
ATOM   523  C  C5     . DG  A 1 17 ? 10.732  -13.519 1.083   1.00 117.71 ? 23  DG  B C5     1 
ATOM   524  C  C6     . DG  A 1 17 ? 9.765   -13.904 2.043   1.00 108.48 ? 23  DG  B C6     1 
ATOM   525  O  O6     . DG  A 1 17 ? 8.753   -14.599 1.877   1.00 101.65 ? 23  DG  B O6     1 
ATOM   526  N  N1     . DG  A 1 17 ? 10.067  -13.404 3.307   1.00 101.12 ? 23  DG  B N1     1 
ATOM   527  C  C2     . DG  A 1 17 ? 11.160  -12.627 3.605   1.00 106.59 ? 23  DG  B C2     1 
ATOM   528  N  N2     . DG  A 1 17 ? 11.281  -12.239 4.882   1.00 104.67 ? 23  DG  B N2     1 
ATOM   529  N  N3     . DG  A 1 17 ? 12.075  -12.257 2.714   1.00 110.89 ? 23  DG  B N3     1 
ATOM   530  C  C4     . DG  A 1 17 ? 11.797  -12.738 1.477   1.00 115.76 ? 23  DG  B C4     1 
ATOM   531  H  "H5'"  . DG  A 1 17 ? 13.284  -9.489  -2.914  1.00 158.85 ? 23  DG  B "H5'"  1 
ATOM   532  H  "H5''" . DG  A 1 17 ? 14.660  -10.004 -3.498  1.00 158.85 ? 23  DG  B "H5''" 1 
ATOM   533  H  "H4'"  . DG  A 1 17 ? 14.878  -9.389  -1.241  1.00 160.45 ? 23  DG  B "H4'"  1 
ATOM   534  H  "H3'"  . DG  A 1 17 ? 15.941  -11.608 -2.123  1.00 163.86 ? 23  DG  B "H3'"  1 
ATOM   535  H  "H2'"  . DG  A 1 17 ? 14.542  -13.088 -1.179  1.00 151.78 ? 23  DG  B "H2'"  1 
ATOM   536  H  "H2''" . DG  A 1 17 ? 15.506  -12.893 0.078   1.00 151.78 ? 23  DG  B "H2''" 1 
ATOM   537  H  "H1'"  . DG  A 1 17 ? 14.090  -11.504 1.096   1.00 161.84 ? 23  DG  B "H1'"  1 
ATOM   538  H  H8     . DG  A 1 17 ? 12.194  -13.220 -1.548  1.00 153.40 ? 23  DG  B H8     1 
ATOM   539  H  H1     . DG  A 1 17 ? 9.527   -13.594 3.949   1.00 124.02 ? 23  DG  B H1     1 
ATOM   540  H  H21    . DG  A 1 17 ? 11.946  -11.750 5.122   1.00 128.27 ? 23  DG  B H21    1 
ATOM   541  H  H22    . DG  A 1 17 ? 10.692  -12.479 5.461   1.00 128.27 ? 23  DG  B H22    1 
ATOM   542  P  P      . DA  A 1 18 ? 17.895  -11.659 -0.004  1.00 135.95 ? 24  DA  B P      1 
ATOM   543  O  OP1    . DA  A 1 18 ? 19.078  -10.785 0.164   1.00 140.43 ? 24  DA  B OP1    1 
ATOM   544  O  OP2    . DA  A 1 18 ? 17.963  -12.839 -0.896  1.00 126.92 ? 24  DA  B OP2    1 
ATOM   545  O  "O5'"  . DA  A 1 18 ? 17.420  -12.156 1.436   1.00 136.19 ? 24  DA  B "O5'"  1 
ATOM   546  C  "C5'"  . DA  A 1 18 ? 18.275  -12.958 2.219   1.00 144.28 ? 24  DA  B "C5'"  1 
ATOM   547  C  "C4'"  . DA  A 1 18 ? 18.160  -12.595 3.686   1.00 151.03 ? 24  DA  B "C4'"  1 
ATOM   548  O  "O4'"  . DA  A 1 18 ? 16.781  -12.307 4.003   1.00 135.96 ? 24  DA  B "O4'"  1 
ATOM   549  C  "C3'"  . DA  A 1 18 ? 18.616  -13.689 4.643   1.00 139.63 ? 24  DA  B "C3'"  1 
ATOM   550  O  "O3'"  . DA  A 1 18 ? 19.520  -13.168 5.599   1.00 132.51 ? 24  DA  B "O3'"  1 
ATOM   551  C  "C2'"  . DA  A 1 18 ? 17.339  -14.228 5.294   1.00 128.80 ? 24  DA  B "C2'"  1 
ATOM   552  C  "C1'"  . DA  A 1 18 ? 16.213  -13.337 4.787   1.00 132.55 ? 24  DA  B "C1'"  1 
ATOM   553  N  N9     . DA  A 1 18 ? 15.222  -14.039 3.977   1.00 124.98 ? 24  DA  B N9     1 
ATOM   554  C  C8     . DA  A 1 18 ? 15.269  -14.273 2.632   1.00 124.70 ? 24  DA  B C8     1 
ATOM   555  N  N7     . DA  A 1 18 ? 14.224  -14.919 2.170   1.00 124.22 ? 24  DA  B N7     1 
ATOM   556  C  C5     . DA  A 1 18 ? 13.436  -15.120 3.290   1.00 127.15 ? 24  DA  B C5     1 
ATOM   557  C  C6     . DA  A 1 18 ? 12.188  -15.749 3.473   1.00 122.53 ? 24  DA  B C6     1 
ATOM   558  N  N6     . DA  A 1 18 ? 11.496  -16.314 2.478   1.00 116.13 ? 24  DA  B N6     1 
ATOM   559  N  N1     . DA  A 1 18 ? 11.678  -15.775 4.721   1.00 118.77 ? 24  DA  B N1     1 
ATOM   560  C  C2     . DA  A 1 18 ? 12.376  -15.210 5.715   1.00 118.64 ? 24  DA  B C2     1 
ATOM   561  N  N3     . DA  A 1 18 ? 13.556  -14.593 5.665   1.00 126.34 ? 24  DA  B N3     1 
ATOM   562  C  C4     . DA  A 1 18 ? 14.035  -14.582 4.412   1.00 128.58 ? 24  DA  B C4     1 
ATOM   563  H  "H5'"  . DA  A 1 18 ? 19.191  -12.824 1.928   1.00 175.80 ? 24  DA  B "H5'"  1 
ATOM   564  H  "H5''" . DA  A 1 18 ? 18.035  -13.890 2.101   1.00 175.80 ? 24  DA  B "H5''" 1 
ATOM   565  H  "H4'"  . DA  A 1 18 ? 18.690  -11.800 3.850   1.00 183.91 ? 24  DA  B "H4'"  1 
ATOM   566  H  "H3'"  . DA  A 1 18 ? 19.048  -14.398 4.142   1.00 170.23 ? 24  DA  B "H3'"  1 
ATOM   567  H  "H2'"  . DA  A 1 18 ? 17.188  -15.147 5.022   1.00 157.23 ? 24  DA  B "H2'"  1 
ATOM   568  H  "H2''" . DA  A 1 18 ? 17.405  -14.169 6.260   1.00 157.23 ? 24  DA  B "H2''" 1 
ATOM   569  H  "H1'"  . DA  A 1 18 ? 15.765  -12.936 5.549   1.00 161.74 ? 24  DA  B "H1'"  1 
ATOM   570  H  H8     . DA  A 1 18 ? 15.977  -14.002 2.093   1.00 152.31 ? 24  DA  B H8     1 
ATOM   571  H  H61    . DA  A 1 18 ? 10.741  -16.690 2.640   1.00 142.03 ? 24  DA  B H61    1 
ATOM   572  H  H62    . DA  A 1 18 ? 11.809  -16.300 1.676   1.00 142.03 ? 24  DA  B H62    1 
ATOM   573  H  H2     . DA  A 1 18 ? 11.982  -15.255 6.556   1.00 145.04 ? 24  DA  B H2     1 
ATOM   574  P  P      . DG  A 1 19 ? 20.560  -14.154 6.320   1.00 164.12 ? 25  DG  B P      1 
ATOM   575  O  OP1    . DG  A 1 19 ? 21.368  -13.342 7.259   1.00 154.13 ? 25  DG  B OP1    1 
ATOM   576  O  OP2    . DG  A 1 19 ? 21.229  -14.944 5.263   1.00 149.34 ? 25  DG  B OP2    1 
ATOM   577  O  "O5'"  . DG  A 1 19 ? 19.625  -15.146 7.160   1.00 134.99 ? 25  DG  B "O5'"  1 
ATOM   578  C  "C5'"  . DG  A 1 19 ? 18.979  -14.673 8.329   1.00 121.05 ? 25  DG  B "C5'"  1 
ATOM   579  C  "C4'"  . DG  A 1 19 ? 17.899  -15.633 8.801   1.00 122.10 ? 25  DG  B "C4'"  1 
ATOM   580  O  "O4'"  . DG  A 1 19 ? 16.933  -15.858 7.743   1.00 120.76 ? 25  DG  B "O4'"  1 
ATOM   581  C  "C3'"  . DG  A 1 19 ? 18.388  -17.034 9.213   1.00 147.94 ? 25  DG  B "C3'"  1 
ATOM   582  O  "O3'"  . DG  A 1 19 ? 18.084  -17.268 10.590  1.00 130.28 ? 25  DG  B "O3'"  1 
ATOM   583  C  "C2'"  . DG  A 1 19 ? 17.630  -17.981 8.273   1.00 126.15 ? 25  DG  B "C2'"  1 
ATOM   584  C  "C1'"  . DG  A 1 19 ? 16.421  -17.147 7.926   1.00 135.53 ? 25  DG  B "C1'"  1 
ATOM   585  N  N9     . DG  A 1 19 ? 15.685  -17.568 6.738   1.00 122.99 ? 25  DG  B N9     1 
ATOM   586  C  C8     . DG  A 1 19 ? 16.113  -17.592 5.432   1.00 131.92 ? 25  DG  B C8     1 
ATOM   587  N  N7     . DG  A 1 19 ? 15.198  -18.016 4.598   1.00 126.58 ? 25  DG  B N7     1 
ATOM   588  C  C5     . DG  A 1 19 ? 14.102  -18.281 5.409   1.00 116.20 ? 25  DG  B C5     1 
ATOM   589  C  C6     . DG  A 1 19 ? 12.812  -18.767 5.083   1.00 120.81 ? 25  DG  B C6     1 
ATOM   590  O  O6     . DG  A 1 19 ? 12.361  -19.068 3.968   1.00 113.17 ? 25  DG  B O6     1 
ATOM   591  N  N1     . DG  A 1 19 ? 12.011  -18.891 6.220   1.00 116.16 ? 25  DG  B N1     1 
ATOM   592  C  C2     . DG  A 1 19 ? 12.413  -18.582 7.504   1.00 124.30 ? 25  DG  B C2     1 
ATOM   593  N  N2     . DG  A 1 19 ? 11.519  -18.762 8.483   1.00 129.89 ? 25  DG  B N2     1 
ATOM   594  N  N3     . DG  A 1 19 ? 13.610  -18.131 7.808   1.00 132.84 ? 25  DG  B N3     1 
ATOM   595  C  C4     . DG  A 1 19 ? 14.395  -18.007 6.723   1.00 119.84 ? 25  DG  B C4     1 
ATOM   596  H  "H5'"  . DG  A 1 19 ? 18.576  -13.810 8.142   1.00 147.94 ? 25  DG  B "H5'"  1 
ATOM   597  H  "H5''" . DG  A 1 19 ? 19.639  -14.568 9.034   1.00 147.94 ? 25  DG  B "H5''" 1 
ATOM   598  H  "H4'"  . DG  A 1 19 ? 17.441  -15.232 9.555   1.00 149.20 ? 25  DG  B "H4'"  1 
ATOM   599  H  "H3'"  . DG  A 1 19 ? 19.343  -17.110 9.064   1.00 180.20 ? 25  DG  B "H3'"  1 
ATOM   600  H  "H2'"  . DG  A 1 19 ? 18.154  -18.177 7.480   1.00 154.06 ? 25  DG  B "H2'"  1 
ATOM   601  H  "H2''" . DG  A 1 19 ? 17.371  -18.794 8.733   1.00 154.06 ? 25  DG  B "H2''" 1 
ATOM   602  H  "H1'"  . DG  A 1 19 ? 15.816  -17.140 8.685   1.00 165.31 ? 25  DG  B "H1'"  1 
ATOM   603  H  H8     . DG  A 1 19 ? 16.967  -17.336 5.168   1.00 160.98 ? 25  DG  B H8     1 
ATOM   604  H  H21    . DG  A 1 19 ? 11.271  -19.557 8.699   1.00 158.54 ? 25  DG  B H21    1 
ATOM   605  P  P      . DT  A 1 20 ? 18.274  -18.725 11.241  1.00 142.82 ? 26  DT  B P      1 
ATOM   606  O  OP1    . DT  A 1 20 ? 18.578  -18.531 12.676  1.00 131.87 ? 26  DT  B OP1    1 
ATOM   607  O  OP2    . DT  A 1 20 ? 19.209  -19.479 10.378  1.00 144.84 ? 26  DT  B OP2    1 
ATOM   608  O  "O5'"  . DT  A 1 20 ? 16.832  -19.404 11.099  1.00 127.58 ? 26  DT  B "O5'"  1 
ATOM   609  C  "C5'"  . DT  A 1 20 ? 15.731  -18.904 11.851  1.00 117.22 ? 26  DT  B "C5'"  1 
ATOM   610  C  "C4'"  . DT  A 1 20 ? 14.740  -20.012 12.168  1.00 127.77 ? 26  DT  B "C4'"  1 
ATOM   611  O  "O4'"  . DT  A 1 20 ? 13.938  -20.293 10.991  1.00 112.31 ? 26  DT  B "O4'"  1 
ATOM   612  C  "C3'"  . DT  A 1 20 ? 15.376  -21.341 12.587  1.00 151.81 ? 26  DT  B "C3'"  1 
ATOM   613  O  "O3'"  . DT  A 1 20 ? 14.826  -21.788 13.822  1.00 155.32 ? 26  DT  B "O3'"  1 
ATOM   614  C  "C2'"  . DT  A 1 20 ? 15.069  -22.294 11.427  1.00 132.28 ? 26  DT  B "C2'"  1 
ATOM   615  C  "C1'"  . DT  A 1 20 ? 13.822  -21.684 10.806  1.00 137.34 ? 26  DT  B "C1'"  1 
ATOM   616  N  N1     . DT  A 1 20 ? 13.652  -21.946 9.336   1.00 124.65 ? 26  DT  B N1     1 
ATOM   617  C  C2     . DT  A 1 20 ? 12.405  -22.275 8.853   1.00 130.35 ? 26  DT  B C2     1 
ATOM   618  O  O2     . DT  A 1 20 ? 11.422  -22.390 9.563   1.00 128.95 ? 26  DT  B O2     1 
ATOM   619  N  N3     . DT  A 1 20 ? 12.348  -22.474 7.499   1.00 134.99 ? 26  DT  B N3     1 
ATOM   620  C  C4     . DT  A 1 20 ? 13.389  -22.372 6.596   1.00 118.75 ? 26  DT  B C4     1 
ATOM   621  O  O4     . DT  A 1 20 ? 13.237  -22.572 5.395   1.00 123.18 ? 26  DT  B O4     1 
ATOM   622  C  C5     . DT  A 1 20 ? 14.667  -22.017 7.163   1.00 110.67 ? 26  DT  B C5     1 
ATOM   623  C  C7     . DT  A 1 20 ? 15.868  -21.879 6.279   1.00 108.20 ? 26  DT  B C7     1 
ATOM   624  C  C6     . DT  A 1 20 ? 14.738  -21.816 8.489   1.00 115.88 ? 26  DT  B C6     1 
ATOM   625  H  "H5'"  . DT  A 1 20 ? 15.282  -18.213 11.339  1.00 143.33 ? 26  DT  B "H5'"  1 
ATOM   626  H  "H5''" . DT  A 1 20 ? 16.059  -18.523 12.680  1.00 143.33 ? 26  DT  B "H5''" 1 
ATOM   627  H  "H4'"  . DT  A 1 20 ? 14.154  -19.710 12.879  1.00 156.00 ? 26  DT  B "H4'"  1 
ATOM   628  H  "H3'"  . DT  A 1 20 ? 16.336  -21.232 12.677  1.00 184.84 ? 26  DT  B "H3'"  1 
ATOM   629  H  "H2'"  . DT  A 1 20 ? 15.800  -22.303 10.789  1.00 161.41 ? 26  DT  B "H2'"  1 
ATOM   630  H  "H2''" . DT  A 1 20 ? 14.887  -23.188 11.756  1.00 161.41 ? 26  DT  B "H2''" 1 
ATOM   631  H  "H1'"  . DT  A 1 20 ? 13.039  -22.005 11.280  1.00 167.48 ? 26  DT  B "H1'"  1 
ATOM   632  H  H3     . DT  A 1 20 ? 11.579  -22.684 7.176   1.00 164.66 ? 26  DT  B H3     1 
ATOM   633  H  H71    . DT  A 1 20 ? 16.217  -20.976 6.346   1.00 132.51 ? 26  DT  B H71    1 
ATOM   634  H  H72    . DT  A 1 20 ? 16.550  -22.510 6.559   1.00 132.51 ? 26  DT  B H72    1 
ATOM   635  H  H73    . DT  A 1 20 ? 15.617  -22.061 5.361   1.00 132.51 ? 26  DT  B H73    1 
ATOM   636  H  H6     . DT  A 1 20 ? 15.559  -21.589 8.858   1.00 141.73 ? 26  DT  B H6     1 
ATOM   637  P  P      . DC  A 1 21 ? 15.312  -23.173 14.473  1.00 165.55 ? 27  DC  B P      1 
ATOM   638  O  OP1    . DC  A 1 21 ? 15.246  -23.031 15.945  1.00 159.98 ? 27  DC  B OP1    1 
ATOM   639  O  OP2    . DC  A 1 21 ? 16.588  -23.549 13.823  1.00 138.85 ? 27  DC  B OP2    1 
ATOM   640  O  "O5'"  . DC  A 1 21 ? 14.199  -24.217 14.000  1.00 149.58 ? 27  DC  B "O5'"  1 
ATOM   641  C  "C5'"  . DC  A 1 21 ? 12.822  -23.887 14.129  1.00 129.04 ? 27  DC  B "C5'"  1 
ATOM   642  C  "C4'"  . DC  A 1 21 ? 11.947  -24.957 13.505  1.00 159.31 ? 27  DC  B "C4'"  1 
ATOM   643  O  "O4'"  . DC  A 1 21 ? 12.027  -24.864 12.057  1.00 145.63 ? 27  DC  B "O4'"  1 
ATOM   644  C  "C3'"  . DC  A 1 21 ? 12.340  -26.396 13.867  1.00 152.54 ? 27  DC  B "C3'"  1 
ATOM   645  O  "O3'"  . DC  A 1 21 ? 11.228  -27.103 14.404  1.00 154.65 ? 27  DC  B "O3'"  1 
ATOM   646  C  "C2'"  . DC  A 1 21 ? 12.825  -26.997 12.549  1.00 141.10 ? 27  DC  B "C2'"  1 
ATOM   647  C  "C1'"  . DC  A 1 21 ? 12.098  -26.159 11.511  1.00 128.88 ? 27  DC  B "C1'"  1 
ATOM   648  N  N1     . DC  A 1 21 ? 12.784  -26.090 10.181  1.00 126.45 ? 27  DC  B N1     1 
ATOM   649  C  C2     . DC  A 1 21 ? 12.044  -26.287 9.008   1.00 126.27 ? 27  DC  B C2     1 
ATOM   650  O  O2     . DC  A 1 21 ? 10.831  -26.515 9.089   1.00 110.69 ? 27  DC  B O2     1 
ATOM   651  N  N3     . DC  A 1 21 ? 12.681  -26.220 7.813   1.00 116.31 ? 27  DC  B N3     1 
ATOM   652  C  C4     . DC  A 1 21 ? 13.990  -25.971 7.765   1.00 116.19 ? 27  DC  B C4     1 
ATOM   653  N  N4     . DC  A 1 21 ? 14.571  -25.916 6.564   1.00 125.97 ? 27  DC  B N4     1 
ATOM   654  C  C5     . DC  A 1 21 ? 14.761  -25.768 8.947   1.00 121.46 ? 27  DC  B C5     1 
ATOM   655  C  C6     . DC  A 1 21 ? 14.125  -25.834 10.121  1.00 124.95 ? 27  DC  B C6     1 
ATOM   656  H  "H5'"  . DC  A 1 21 ? 12.654  -23.040 13.687  1.00 157.53 ? 27  DC  B "H5'"  1 
ATOM   657  H  "H5''" . DC  A 1 21 ? 12.601  -23.804 15.070  1.00 157.53 ? 27  DC  B "H5''" 1 
ATOM   658  H  "H4'"  . DC  A 1 21 ? 11.028  -24.808 13.777  1.00 193.85 ? 27  DC  B "H4'"  1 
ATOM   659  H  "H3'"  . DC  A 1 21 ? 13.066  -26.385 14.511  1.00 185.72 ? 27  DC  B "H3'"  1 
ATOM   660  H  "HO3'" . DC  A 1 21 ? 11.274  -27.434 15.175  1.00 188.25 ? 27  DC  B "HO3'" 1 
ATOM   661  H  "H2'"  . DC  A 1 21 ? 13.786  -26.897 12.459  1.00 171.99 ? 27  DC  B "H2'"  1 
ATOM   662  H  "H2''" . DC  A 1 21 ? 12.567  -27.929 12.481  1.00 171.99 ? 27  DC  B "H2''" 1 
ATOM   663  H  "H1'"  . DC  A 1 21 ? 11.200  -26.506 11.391  1.00 157.33 ? 27  DC  B "H1'"  1 
ATOM   664  H  H41    . DC  A 1 21 ? 15.415  -25.760 6.502   1.00 153.84 ? 27  DC  B H41    1 
ATOM   665  H  H42    . DC  A 1 21 ? 14.102  -26.036 5.853   1.00 153.84 ? 27  DC  B H42    1 
ATOM   666  H  H5     . DC  A 1 21 ? 15.674  -25.595 8.904   1.00 148.43 ? 27  DC  B H5     1 
ATOM   667  H  H6     . DC  A 1 21 ? 14.602  -25.707 10.909  1.00 152.61 ? 27  DC  B H6     1 
ATOM   668  O  "O5'"  . DT  B 2 1  ? 21.874  -29.126 -2.151  1.00 151.73 ? 28  DT  C "O5'"  1 
ATOM   669  C  "C5'"  . DT  B 2 1  ? 21.027  -28.644 -3.187  1.00 147.49 ? 28  DT  C "C5'"  1 
ATOM   670  C  "C4'"  . DT  B 2 1  ? 19.815  -29.541 -3.356  1.00 146.21 ? 28  DT  C "C4'"  1 
ATOM   671  O  "O4'"  . DT  B 2 1  ? 19.747  -30.462 -2.253  1.00 147.81 ? 28  DT  C "O4'"  1 
ATOM   672  C  "C3'"  . DT  B 2 1  ? 18.482  -28.814 -3.358  1.00 149.19 ? 28  DT  C "C3'"  1 
ATOM   673  O  "O3'"  . DT  B 2 1  ? 18.113  -28.458 -4.687  1.00 153.94 ? 28  DT  C "O3'"  1 
ATOM   674  C  "C2'"  . DT  B 2 1  ? 17.509  -29.820 -2.734  1.00 138.95 ? 28  DT  C "C2'"  1 
ATOM   675  C  "C1'"  . DT  B 2 1  ? 18.404  -30.828 -2.013  1.00 143.07 ? 28  DT  C "C1'"  1 
ATOM   676  N  N1     . DT  B 2 1  ? 18.202  -30.895 -0.531  1.00 147.60 ? 28  DT  C N1     1 
ATOM   677  C  C2     . DT  B 2 1  ? 17.105  -31.554 -0.025  1.00 151.16 ? 28  DT  C C2     1 
ATOM   678  O  O2     . DT  B 2 1  ? 16.253  -32.070 -0.727  1.00 159.11 ? 28  DT  C O2     1 
ATOM   679  N  N3     . DT  B 2 1  ? 17.032  -31.578 1.343   1.00 146.66 ? 28  DT  C N3     1 
ATOM   680  C  C4     . DT  B 2 1  ? 17.931  -31.025 2.238   1.00 140.00 ? 28  DT  C C4     1 
ATOM   681  O  O4     . DT  B 2 1  ? 17.778  -31.102 3.454   1.00 125.80 ? 28  DT  C O4     1 
ATOM   682  C  C5     . DT  B 2 1  ? 19.067  -30.362 1.642   1.00 138.62 ? 28  DT  C C5     1 
ATOM   683  C  C7     . DT  B 2 1  ? 20.113  -29.728 2.512   1.00 126.59 ? 28  DT  C C7     1 
ATOM   684  C  C6     . DT  B 2 1  ? 19.150  -30.331 0.303   1.00 139.97 ? 28  DT  C C6     1 
ATOM   685  H  "H5'"  . DT  B 2 1  ? 21.524  -28.620 -4.019  1.00 179.66 ? 28  DT  C "H5'"  1 
ATOM   686  H  "H5''" . DT  B 2 1  ? 20.732  -27.747 -2.967  1.00 179.66 ? 28  DT  C "H5''" 1 
ATOM   687  H  "H4'"  . DT  B 2 1  ? 19.905  -30.041 -4.182  1.00 178.13 ? 28  DT  C "H4'"  1 
ATOM   688  H  "H3'"  . DT  B 2 1  ? 18.537  -28.020 -2.805  1.00 181.70 ? 28  DT  C "H3'"  1 
ATOM   689  H  "H2'"  . DT  B 2 1  ? 16.923  -29.375 -2.103  1.00 169.41 ? 28  DT  C "H2'"  1 
ATOM   690  H  "H2''" . DT  B 2 1  ? 16.991  -30.262 -3.426  1.00 169.41 ? 28  DT  C "H2''" 1 
ATOM   691  H  "H1'"  . DT  B 2 1  ? 18.249  -31.709 -2.389  1.00 174.36 ? 28  DT  C "H1'"  1 
ATOM   692  H  H3     . DT  B 2 1  ? 16.352  -31.980 1.684   1.00 178.67 ? 28  DT  C H3     1 
ATOM   693  H  H71    . DT  B 2 1  ? 20.967  -30.162 2.360   1.00 154.58 ? 28  DT  C H71    1 
ATOM   694  H  H72    . DT  B 2 1  ? 20.186  -28.785 2.294   1.00 154.58 ? 28  DT  C H72    1 
ATOM   695  H  H73    . DT  B 2 1  ? 19.862  -29.826 3.443   1.00 154.58 ? 28  DT  C H73    1 
ATOM   696  H  H6     . DT  B 2 1  ? 19.878  -29.902 -0.084  1.00 170.64 ? 28  DT  C H6     1 
ATOM   697  H  "HO5'" . DT  B 2 1  ? 21.599  -29.722 -1.626  1.00 184.74 ? 28  DT  C "HO5'" 1 
ATOM   698  P  P      . DC  B 2 2  ? 16.806  -27.566 -4.959  1.00 164.27 ? 29  DC  C P      1 
ATOM   699  O  OP1    . DC  B 2 2  ? 16.888  -27.061 -6.349  1.00 146.09 ? 29  DC  C OP1    1 
ATOM   700  O  OP2    . DC  B 2 2  ? 16.678  -26.608 -3.838  1.00 155.74 ? 29  DC  C OP2    1 
ATOM   701  O  "O5'"  . DC  B 2 2  ? 15.598  -28.610 -4.853  1.00 166.84 ? 29  DC  C "O5'"  1 
ATOM   702  C  "C5'"  . DC  B 2 2  ? 14.277  -28.196 -5.178  1.00 164.35 ? 29  DC  C "C5'"  1 
ATOM   703  C  "C4'"  . DC  B 2 2  ? 13.242  -29.047 -4.466  1.00 163.96 ? 29  DC  C "C4'"  1 
ATOM   704  O  "O4'"  . DC  B 2 2  ? 13.800  -29.536 -3.211  1.00 153.30 ? 29  DC  C "O4'"  1 
ATOM   705  C  "C3'"  . DC  B 2 2  ? 11.956  -28.302 -4.105  1.00 160.99 ? 29  DC  C "C3'"  1 
ATOM   706  O  "O3'"  . DC  B 2 2  ? 10.796  -29.093 -4.376  1.00 164.93 ? 29  DC  C "O3'"  1 
ATOM   707  C  "C2'"  . DC  B 2 2  ? 12.117  -28.006 -2.621  1.00 158.81 ? 29  DC  C "C2'"  1 
ATOM   708  C  "C1'"  . DC  B 2 2  ? 12.965  -29.167 -2.130  1.00 152.71 ? 29  DC  C "C1'"  1 
ATOM   709  N  N1     . DC  B 2 2  ? 13.826  -28.832 -0.952  1.00 142.43 ? 29  DC  C N1     1 
ATOM   710  C  C2     . DC  B 2 2  ? 13.484  -29.309 0.320   1.00 129.60 ? 29  DC  C C2     1 
ATOM   711  O  O2     . DC  B 2 2  ? 12.471  -30.006 0.453   1.00 139.10 ? 29  DC  C O2     1 
ATOM   712  N  N3     . DC  B 2 2  ? 14.277  -28.993 1.375   1.00 127.43 ? 29  DC  C N3     1 
ATOM   713  C  C4     . DC  B 2 2  ? 15.362  -28.239 1.192   1.00 126.00 ? 29  DC  C C4     1 
ATOM   714  N  N4     . DC  B 2 2  ? 16.114  -27.954 2.261   1.00 123.31 ? 29  DC  C N4     1 
ATOM   715  C  C5     . DC  B 2 2  ? 15.725  -27.743 -0.094  1.00 132.20 ? 29  DC  C C5     1 
ATOM   716  C  C6     . DC  B 2 2  ? 14.934  -28.058 -1.126  1.00 150.26 ? 29  DC  C C6     1 
ATOM   717  H  "H5'"  . DC  B 2 2  ? 14.148  -28.274 -6.136  1.00 199.90 ? 29  DC  C "H5'"  1 
ATOM   718  H  "H5''" . DC  B 2 2  ? 14.162  -27.270 -4.915  1.00 199.90 ? 29  DC  C "H5''" 1 
ATOM   719  H  "H4'"  . DC  B 2 2  ? 13.018  -29.806 -5.027  1.00 199.43 ? 29  DC  C "H4'"  1 
ATOM   720  H  "H3'"  . DC  B 2 2  ? 11.910  -27.470 -4.601  1.00 195.86 ? 29  DC  C "H3'"  1 
ATOM   721  H  "H2'"  . DC  B 2 2  ? 12.579  -27.163 -2.489  1.00 193.25 ? 29  DC  C "H2'"  1 
ATOM   722  H  "H2''" . DC  B 2 2  ? 11.255  -28.000 -2.178  1.00 193.25 ? 29  DC  C "H2''" 1 
ATOM   723  H  "H1'"  . DC  B 2 2  ? 12.388  -29.913 -1.903  1.00 185.92 ? 29  DC  C "H1'"  1 
ATOM   724  H  H41    . DC  B 2 2  ? 16.823  -27.476 2.174   1.00 150.64 ? 29  DC  C H41    1 
ATOM   725  H  H42    . DC  B 2 2  ? 15.888  -28.251 3.037   1.00 150.64 ? 29  DC  C H42    1 
ATOM   726  H  H5     . DC  B 2 2  ? 16.482  -27.218 -0.212  1.00 161.31 ? 29  DC  C H5     1 
ATOM   727  H  H6     . DC  B 2 2  ? 15.148  -27.750 -1.978  1.00 182.98 ? 29  DC  C H6     1 
ATOM   728  P  P      . DG  B 2 3  ? 9.344   -28.399 -4.357  1.00 190.49 ? 30  DG  C P      1 
ATOM   729  O  OP1    . DG  B 2 3  ? 8.829   -28.395 -5.743  1.00 184.76 ? 30  DG  C OP1    1 
ATOM   730  O  OP2    . DG  B 2 3  ? 9.491   -27.116 -3.634  1.00 170.73 ? 30  DG  C OP2    1 
ATOM   731  O  "O5'"  . DG  B 2 3  ? 8.439   -29.378 -3.463  1.00 168.75 ? 30  DG  C "O5'"  1 
ATOM   732  C  "C5'"  . DG  B 2 3  ? 8.928   -29.877 -2.220  1.00 168.66 ? 30  DG  C "C5'"  1 
ATOM   733  C  "C4'"  . DG  B 2 3  ? 8.140   -29.326 -1.035  1.00 158.18 ? 30  DG  C "C4'"  1 
ATOM   734  O  "O4'"  . DG  B 2 3  ? 9.058   -29.092 0.061   1.00 162.91 ? 30  DG  C "O4'"  1 
ATOM   735  C  "C3'"  . DG  B 2 3  ? 7.416   -28.004 -1.294  1.00 163.60 ? 30  DG  C "C3'"  1 
ATOM   736  O  "O3'"  . DG  B 2 3  ? 6.003   -28.217 -1.395  1.00 173.87 ? 30  DG  C "O3'"  1 
ATOM   737  C  "C2'"  . DG  B 2 3  ? 7.775   -27.102 -0.109  1.00 145.14 ? 30  DG  C "C2'"  1 
ATOM   738  C  "C1'"  . DG  B 2 3  ? 8.726   -27.916 0.763   1.00 137.52 ? 30  DG  C "C1'"  1 
ATOM   739  N  N9     . DG  B 2 3  ? 9.970   -27.209 1.078   1.00 134.67 ? 30  DG  C N9     1 
ATOM   740  C  C8     . DG  B 2 3  ? 10.897  -26.752 0.177   1.00 125.87 ? 30  DG  C C8     1 
ATOM   741  N  N7     . DG  B 2 3  ? 11.918  -26.164 0.729   1.00 119.12 ? 30  DG  C N7     1 
ATOM   742  C  C5     . DG  B 2 3  ? 11.660  -26.236 2.089   1.00 120.54 ? 30  DG  C C5     1 
ATOM   743  C  C6     . DG  B 2 3  ? 12.422  -25.764 3.180   1.00 110.72 ? 30  DG  C C6     1 
ATOM   744  O  O6     . DG  B 2 3  ? 13.509  -25.171 3.156   1.00 115.93 ? 30  DG  C O6     1 
ATOM   745  N  N1     . DG  B 2 3  ? 11.805  -26.038 4.398   1.00 119.88 ? 30  DG  C N1     1 
ATOM   746  C  C2     . DG  B 2 3  ? 10.602  -26.689 4.540   1.00 118.49 ? 30  DG  C C2     1 
ATOM   747  N  N2     . DG  B 2 3  ? 10.169  -26.863 5.800   1.00 115.64 ? 30  DG  C N2     1 
ATOM   748  N  N3     . DG  B 2 3  ? 9.873   -27.141 3.520   1.00 125.18 ? 30  DG  C N3     1 
ATOM   749  C  C4     . DG  B 2 3  ? 10.463  -26.879 2.326   1.00 128.34 ? 30  DG  C C4     1 
ATOM   750  H  "H5'"  . DG  B 2 3  ? 9.860   -29.626 -2.123  1.00 205.06 ? 30  DG  C "H5'"  1 
ATOM   751  H  "H5''" . DG  B 2 3  ? 8.860   -30.846 -2.219  1.00 205.06 ? 30  DG  C "H5''" 1 
ATOM   752  H  "H4'"  . DG  B 2 3  ? 7.488   -29.989 -0.760  1.00 192.49 ? 30  DG  C "H4'"  1 
ATOM   753  H  "H3'"  . DG  B 2 3  ? 7.746   -27.608 -2.115  1.00 198.99 ? 30  DG  C "H3'"  1 
ATOM   754  H  "H2'"  . DG  B 2 3  ? 8.216   -26.297 -0.422  1.00 176.83 ? 30  DG  C "H2'"  1 
ATOM   755  H  "H2''" . DG  B 2 3  ? 6.976   -26.873 0.391   1.00 176.83 ? 30  DG  C "H2''" 1 
ATOM   756  H  "H1'"  . DG  B 2 3  ? 8.277   -28.153 1.589   1.00 167.70 ? 30  DG  C "H1'"  1 
ATOM   757  H  H8     . DG  B 2 3  ? 10.805  -26.852 -0.743  1.00 153.72 ? 30  DG  C H8     1 
ATOM   758  H  H1     . DG  B 2 3  ? 12.206  -25.781 5.114   1.00 146.53 ? 30  DG  C H1     1 
ATOM   759  H  H21    . DG  B 2 3  ? 9.422   -27.261 5.947   1.00 141.44 ? 30  DG  C H21    1 
ATOM   760  H  H22    . DG  B 2 3  ? 10.641  -26.577 6.460   1.00 141.44 ? 30  DG  C H22    1 
ATOM   761  P  P      . DA  B 2 4  ? 4.991   -26.966 -1.444  1.00 161.89 ? 31  DA  C P      1 
ATOM   762  O  OP1    . DA  B 2 4  ? 3.725   -27.428 -2.053  1.00 163.69 ? 31  DA  C OP1    1 
ATOM   763  O  OP2    . DA  B 2 4  ? 5.719   -25.824 -2.041  1.00 148.15 ? 31  DA  C OP2    1 
ATOM   764  O  "O5'"  . DA  B 2 4  ? 4.726   -26.619 0.097   1.00 160.76 ? 31  DA  C "O5'"  1 
ATOM   765  C  "C5'"  . DA  B 2 4  ? 4.442   -27.658 1.031   1.00 159.91 ? 31  DA  C "C5'"  1 
ATOM   766  C  "C4'"  . DA  B 2 4  ? 4.450   -27.126 2.454   1.00 161.89 ? 31  DA  C "C4'"  1 
ATOM   767  O  "O4'"  . DA  B 2 4  ? 5.806   -26.729 2.826   1.00 141.93 ? 31  DA  C "O4'"  1 
ATOM   768  C  "C3'"  . DA  B 2 4  ? 3.574   -25.893 2.675   1.00 157.30 ? 31  DA  C "C3'"  1 
ATOM   769  O  "O3'"  . DA  B 2 4  ? 2.875   -25.991 3.921   1.00 153.73 ? 31  DA  C "O3'"  1 
ATOM   770  C  "C2'"  . DA  B 2 4  ? 4.585   -24.750 2.652   1.00 130.27 ? 31  DA  C "C2'"  1 
ATOM   771  C  "C1'"  . DA  B 2 4  ? 5.795   -25.399 3.305   1.00 129.95 ? 31  DA  C "C1'"  1 
ATOM   772  N  N9     . DA  B 2 4  ? 7.085   -24.768 2.991   1.00 134.95 ? 31  DA  C N9     1 
ATOM   773  C  C8     . DA  B 2 4  ? 7.673   -24.658 1.762   1.00 129.14 ? 31  DA  C C8     1 
ATOM   774  N  N7     . DA  B 2 4  ? 8.840   -24.056 1.782   1.00 128.45 ? 31  DA  C N7     1 
ATOM   775  C  C5     . DA  B 2 4  ? 9.037   -23.751 3.116   1.00 127.35 ? 31  DA  C C5     1 
ATOM   776  C  C6     . DA  B 2 4  ? 10.092  -23.105 3.795   1.00 123.71 ? 31  DA  C C6     1 
ATOM   777  N  N6     . DA  B 2 4  ? 11.184  -22.637 3.182   1.00 115.61 ? 31  DA  C N6     1 
ATOM   778  N  N1     . DA  B 2 4  ? 9.978   -22.959 5.132   1.00 121.45 ? 31  DA  C N1     1 
ATOM   779  C  C2     . DA  B 2 4  ? 8.883   -23.431 5.742   1.00 123.25 ? 31  DA  C C2     1 
ATOM   780  N  N3     . DA  B 2 4  ? 7.829   -24.055 5.210   1.00 122.57 ? 31  DA  C N3     1 
ATOM   781  C  C4     . DA  B 2 4  ? 7.970   -24.186 3.880   1.00 130.71 ? 31  DA  C C4     1 
ATOM   782  H  "H5'"  . DA  B 2 4  ? 5.114   -28.353 0.948   1.00 194.57 ? 31  DA  C "H5'"  1 
ATOM   783  H  "H5''" . DA  B 2 4  ? 3.569   -28.032 0.836   1.00 194.57 ? 31  DA  C "H5''" 1 
ATOM   784  H  "H4'"  . DA  B 2 4  ? 4.155   -27.830 3.052   1.00 196.94 ? 31  DA  C "H4'"  1 
ATOM   785  H  "H3'"  . DA  B 2 4  ? 2.945   -25.796 1.944   1.00 191.44 ? 31  DA  C "H3'"  1 
ATOM   786  H  "H2'"  . DA  B 2 4  ? 4.786   -24.483 1.741   1.00 159.00 ? 31  DA  C "H2'"  1 
ATOM   787  H  "H2''" . DA  B 2 4  ? 4.270   -23.998 3.176   1.00 159.00 ? 31  DA  C "H2''" 1 
ATOM   788  H  "H1'"  . DA  B 2 4  ? 5.671   -25.407 4.267   1.00 158.61 ? 31  DA  C "H1'"  1 
ATOM   789  H  H8     . DA  B 2 4  ? 7.283   -24.983 0.983   1.00 157.64 ? 31  DA  C H8     1 
ATOM   790  H  H61    . DA  B 2 4  ? 11.797  -22.241 3.637   1.00 141.41 ? 31  DA  C H61    1 
ATOM   791  H  H62    . DA  B 2 4  ? 11.273  -22.731 2.331   1.00 141.41 ? 31  DA  C H62    1 
ATOM   792  H  H2     . DA  B 2 4  ? 8.852   -23.304 6.663   1.00 150.57 ? 31  DA  C H2     1 
ATOM   793  P  P      . DG  B 2 5  ? 1.486   -25.215 4.146   1.00 158.42 ? 32  DG  C P      1 
ATOM   794  O  OP1    . DG  B 2 5  ? 0.420   -26.221 4.358   1.00 172.48 ? 32  DG  C OP1    1 
ATOM   795  O  OP2    . DG  B 2 5  ? 1.349   -24.223 3.058   1.00 159.52 ? 32  DG  C OP2    1 
ATOM   796  O  "O5'"  . DG  B 2 5  ? 1.727   -24.408 5.506   1.00 153.57 ? 32  DG  C "O5'"  1 
ATOM   797  C  "C5'"  . DG  B 2 5  ? 2.832   -23.530 5.588   1.00 142.25 ? 32  DG  C "C5'"  1 
ATOM   798  C  "C4'"  . DG  B 2 5  ? 3.150   -23.139 7.019   1.00 129.60 ? 32  DG  C "C4'"  1 
ATOM   799  O  "O4'"  . DG  B 2 5  ? 4.578   -22.958 7.131   1.00 130.13 ? 32  DG  C "O4'"  1 
ATOM   800  C  "C3'"  . DG  B 2 5  ? 2.577   -21.807 7.473   1.00 129.78 ? 32  DG  C "C3'"  1 
ATOM   801  O  "O3'"  . DG  B 2 5  ? 2.543   -21.709 8.906   1.00 145.76 ? 32  DG  C "O3'"  1 
ATOM   802  C  "C2'"  . DG  B 2 5  ? 3.559   -20.829 6.851   1.00 129.52 ? 32  DG  C "C2'"  1 
ATOM   803  C  "C1'"  . DG  B 2 5  ? 4.888   -21.587 6.929   1.00 116.05 ? 32  DG  C "C1'"  1 
ATOM   804  N  N9     . DG  B 2 5  ? 5.696   -21.446 5.723   1.00 118.68 ? 32  DG  C N9     1 
ATOM   805  C  C8     . DG  B 2 5  ? 5.414   -21.926 4.468   1.00 127.58 ? 32  DG  C C8     1 
ATOM   806  N  N7     . DG  B 2 5  ? 6.319   -21.622 3.580   1.00 126.59 ? 32  DG  C N7     1 
ATOM   807  C  C5     . DG  B 2 5  ? 7.257   -20.888 4.292   1.00 123.19 ? 32  DG  C C5     1 
ATOM   808  C  C6     . DG  B 2 5  ? 8.465   -20.288 3.865   1.00 110.02 ? 32  DG  C C6     1 
ATOM   809  O  O6     . DG  B 2 5  ? 8.967   -20.288 2.732   1.00 108.34 ? 32  DG  C O6     1 
ATOM   810  N  N1     . DG  B 2 5  ? 9.110   -19.639 4.913   1.00 105.61 ? 32  DG  C N1     1 
ATOM   811  C  C2     . DG  B 2 5  ? 8.642   -19.583 6.204   1.00 120.98 ? 32  DG  C C2     1 
ATOM   812  N  N2     . DG  B 2 5  ? 9.386   -18.910 7.075   1.00 129.35 ? 32  DG  C N2     1 
ATOM   813  N  N3     . DG  B 2 5  ? 7.517   -20.136 6.611   1.00 118.69 ? 32  DG  C N3     1 
ATOM   814  C  C4     . DG  B 2 5  ? 6.880   -20.770 5.610   1.00 119.25 ? 32  DG  C C4     1 
ATOM   815  H  "H5'"  . DG  B 2 5  ? 2.635   -22.728 5.080   1.00 173.37 ? 32  DG  C "H5'"  1 
ATOM   816  H  "H5''" . DG  B 2 5  ? 3.608   -23.965 5.202   1.00 173.37 ? 32  DG  C "H5''" 1 
ATOM   817  H  "H4'"  . DG  B 2 5  ? 2.862   -23.841 7.622   1.00 158.20 ? 32  DG  C "H4'"  1 
ATOM   818  H  "H3'"  . DG  B 2 5  ? 1.690   -21.676 7.101   1.00 158.40 ? 32  DG  C "H3'"  1 
ATOM   819  H  "H2'"  . DG  B 2 5  ? 3.322   -20.645 5.928   1.00 158.09 ? 32  DG  C "H2'"  1 
ATOM   820  H  "H2''" . DG  B 2 5  ? 3.600   -20.009 7.368   1.00 158.09 ? 32  DG  C "H2''" 1 
ATOM   821  H  "H1'"  . DG  B 2 5  ? 5.395   -21.260 7.690   1.00 141.93 ? 32  DG  C "H1'"  1 
ATOM   822  H  H8     . DG  B 2 5  ? 4.654   -22.425 4.272   1.00 155.77 ? 32  DG  C H8     1 
ATOM   823  H  H21    . DG  B 2 5  ? 9.219   -18.967 7.917   1.00 157.89 ? 32  DG  C H21    1 
ATOM   824  P  P      . DT  B 2 6  ? 1.985   -20.381 9.627   1.00 145.57 ? 33  DT  C P      1 
ATOM   825  O  OP1    . DT  B 2 6  ? 0.958   -20.800 10.607  1.00 146.96 ? 33  DT  C OP1    1 
ATOM   826  O  OP2    . DT  B 2 6  ? 1.636   -19.399 8.576   1.00 122.12 ? 33  DT  C OP2    1 
ATOM   827  O  "O5'"  . DT  B 2 6  ? 3.248   -19.808 10.433  1.00 127.69 ? 33  DT  C "O5'"  1 
ATOM   828  C  "C5'"  . DT  B 2 6  ? 4.352   -19.261 9.723   1.00 112.49 ? 33  DT  C "C5'"  1 
ATOM   829  C  "C4'"  . DT  B 2 6  ? 5.314   -18.540 10.651  1.00 115.69 ? 33  DT  C "C4'"  1 
ATOM   830  O  "O4'"  . DT  B 2 6  ? 6.574   -18.346 9.956   1.00 108.95 ? 33  DT  C "O4'"  1 
ATOM   831  C  "C3'"  . DT  B 2 6  ? 4.870   -17.148 11.094  1.00 111.27 ? 33  DT  C "C3'"  1 
ATOM   832  O  "O3'"  . DT  B 2 6  ? 5.339   -16.844 12.407  1.00 112.00 ? 33  DT  C "O3'"  1 
ATOM   833  C  "C2'"  . DT  B 2 6  ? 5.487   -16.243 10.044  1.00 114.50 ? 33  DT  C "C2'"  1 
ATOM   834  C  "C1'"  . DT  B 2 6  ? 6.778   -16.972 9.677   1.00 99.67  ? 33  DT  C "C1'"  1 
ATOM   835  N  N1     . DT  B 2 6  ? 7.166   -16.816 8.233   1.00 94.07  ? 33  DT  C N1     1 
ATOM   836  C  C2     . DT  B 2 6  ? 8.366   -16.217 7.923   1.00 96.99  ? 33  DT  C C2     1 
ATOM   837  O  O2     . DT  B 2 6  ? 9.150   -15.816 8.765   1.00 107.33 ? 33  DT  C O2     1 
ATOM   838  N  N3     . DT  B 2 6  ? 8.627   -16.114 6.582   1.00 101.79 ? 33  DT  C N3     1 
ATOM   839  C  C4     . DT  B 2 6  ? 7.822   -16.530 5.539   1.00 99.00  ? 33  DT  C C4     1 
ATOM   840  O  O4     . DT  B 2 6  ? 8.146   -16.392 4.362   1.00 111.68 ? 33  DT  C O4     1 
ATOM   841  C  C5     . DT  B 2 6  ? 6.575   -17.143 5.928   1.00 100.87 ? 33  DT  C C5     1 
ATOM   842  C  C7     . DT  B 2 6  ? 5.622   -17.632 4.878   1.00 104.17 ? 33  DT  C C7     1 
ATOM   843  C  C6     . DT  B 2 6  ? 6.305   -17.255 7.241   1.00 98.62  ? 33  DT  C C6     1 
ATOM   844  H  "H5'"  . DT  B 2 6  ? 4.023   -18.635 9.060   1.00 137.66 ? 33  DT  C "H5'"  1 
ATOM   845  H  "H5''" . DT  B 2 6  ? 4.826   -19.979 9.274   1.00 137.66 ? 33  DT  C "H5''" 1 
ATOM   846  H  "H4'"  . DT  B 2 6  ? 5.467   -19.088 11.437  1.00 141.50 ? 33  DT  C "H4'"  1 
ATOM   847  H  "H3'"  . DT  B 2 6  ? 3.902   -17.083 11.061  1.00 136.20 ? 33  DT  C "H3'"  1 
ATOM   848  H  "H2'"  . DT  B 2 6  ? 4.905   -16.168 9.271   1.00 140.07 ? 33  DT  C "H2'"  1 
ATOM   849  H  "H2''" . DT  B 2 6  ? 5.681   -15.369 10.416  1.00 140.07 ? 33  DT  C "H2''" 1 
ATOM   850  H  "H1'"  . DT  B 2 6  ? 7.498   -16.639 10.235  1.00 122.27 ? 33  DT  C "H1'"  1 
ATOM   851  H  H3     . DT  B 2 6  ? 9.374   -15.746 6.366   1.00 124.83 ? 33  DT  C H3     1 
ATOM   852  H  H71    . DT  B 2 6  ? 5.439   -18.574 5.021   1.00 127.68 ? 33  DT  C H71    1 
ATOM   853  H  H72    . DT  B 2 6  ? 4.794   -17.130 4.933   1.00 127.68 ? 33  DT  C H72    1 
ATOM   854  H  H73    . DT  B 2 6  ? 6.017   -17.510 4.000   1.00 127.68 ? 33  DT  C H73    1 
ATOM   855  H  H6     . DT  B 2 6  ? 5.502   -17.648 7.496   1.00 121.02 ? 33  DT  C H6     1 
ATOM   856  P  P      . DC  B 2 7  ? 4.914   -15.462 13.115  1.00 114.92 ? 34  DC  C P      1 
ATOM   857  O  OP1    . DC  B 2 7  ? 5.106   -15.629 14.572  1.00 89.58  ? 34  DC  C OP1    1 
ATOM   858  O  OP2    . DC  B 2 7  ? 3.583   -15.080 12.591  1.00 116.07 ? 34  DC  C OP2    1 
ATOM   859  O  "O5'"  . DC  B 2 7  ? 5.982   -14.396 12.574  1.00 100.39 ? 34  DC  C "O5'"  1 
ATOM   860  C  "C5'"  . DC  B 2 7  ? 7.182   -14.163 13.308  1.00 108.05 ? 34  DC  C "C5'"  1 
ATOM   861  C  "C4'"  . DC  B 2 7  ? 8.125   -13.227 12.565  1.00 122.18 ? 34  DC  C "C4'"  1 
ATOM   862  O  "O4'"  . DC  B 2 7  ? 8.143   -13.559 11.156  1.00 109.66 ? 34  DC  C "O4'"  1 
ATOM   863  C  "C3'"  . DC  B 2 7  ? 7.768   -11.732 12.634  1.00 112.09 ? 34  DC  C "C3'"  1 
ATOM   864  O  "O3'"  . DC  B 2 7  ? 8.779   -11.025 13.357  1.00 127.79 ? 34  DC  C "O3'"  1 
ATOM   865  C  "C2'"  . DC  B 2 7  ? 7.674   -11.295 11.161  1.00 98.05  ? 34  DC  C "C2'"  1 
ATOM   866  C  "C1'"  . DC  B 2 7  ? 8.440   -12.388 10.443  1.00 86.29  ? 34  DC  C "C1'"  1 
ATOM   867  N  N1     . DC  B 2 7  ? 8.065   -12.579 9.006   1.00 84.54  ? 34  DC  C N1     1 
ATOM   868  C  C2     . DC  B 2 7  ? 8.932   -12.127 8.002   1.00 90.43  ? 34  DC  C C2     1 
ATOM   869  O  O2     . DC  B 2 7  ? 9.985   -11.561 8.321   1.00 100.34 ? 34  DC  C O2     1 
ATOM   870  N  N3     . DC  B 2 7  ? 8.590   -12.316 6.704   1.00 93.94  ? 34  DC  C N3     1 
ATOM   871  C  C4     . DC  B 2 7  ? 7.447   -12.929 6.397   1.00 94.21  ? 34  DC  C C4     1 
ATOM   872  N  N4     . DC  B 2 7  ? 7.155   -13.091 5.100   1.00 92.54  ? 34  DC  C N4     1 
ATOM   873  C  C5     . DC  B 2 7  ? 6.552   -13.401 7.403   1.00 88.19  ? 34  DC  C C5     1 
ATOM   874  C  C6     . DC  B 2 7  ? 6.898   -13.208 8.681   1.00 91.73  ? 34  DC  C C6     1 
ATOM   875  H  "H5'"  . DC  B 2 7  ? 7.631   -15.010 13.459  1.00 132.34 ? 34  DC  C "H5'"  1 
ATOM   876  H  "H5''" . DC  B 2 7  ? 6.955   -13.768 14.166  1.00 132.34 ? 34  DC  C "H5''" 1 
ATOM   877  H  "H4'"  . DC  B 2 7  ? 9.019   -13.346 12.921  1.00 149.29 ? 34  DC  C "H4'"  1 
ATOM   878  H  "H3'"  . DC  B 2 7  ? 6.907   -11.618 13.068  1.00 137.18 ? 34  DC  C "H3'"  1 
ATOM   879  H  "H2'"  . DC  B 2 7  ? 6.751   -11.272 10.868  1.00 120.34 ? 34  DC  C "H2'"  1 
ATOM   880  H  "H2''" . DC  B 2 7  ? 8.101   -10.434 11.030  1.00 120.34 ? 34  DC  C "H2''" 1 
ATOM   881  H  "H1'"  . DC  B 2 7  ? 9.390   -12.206 10.506  1.00 106.22 ? 34  DC  C "H1'"  1 
ATOM   882  H  H41    . DC  B 2 7  ? 6.427   -13.487 4.870   1.00 113.72 ? 34  DC  C H41    1 
ATOM   883  H  H42    . DC  B 2 7  ? 7.696   -12.801 4.499   1.00 113.72 ? 34  DC  C H42    1 
ATOM   884  H  H5     . DC  B 2 7  ? 5.757   -13.828 7.178   1.00 108.50 ? 34  DC  C H5     1 
ATOM   885  H  H6     . DC  B 2 7  ? 6.336   -13.507 9.358   1.00 112.74 ? 34  DC  C H6     1 
ATOM   886  P  P      . DC  B 2 8  ? 8.745   -9.423  13.482  1.00 116.31 ? 35  DC  C P      1 
ATOM   887  O  OP1    . DC  B 2 8  ? 9.551   -9.055  14.666  1.00 89.66  ? 35  DC  C OP1    1 
ATOM   888  O  OP2    . DC  B 2 8  ? 7.333   -8.996  13.383  1.00 85.62  ? 35  DC  C OP2    1 
ATOM   889  O  "O5'"  . DC  B 2 8  ? 9.514   -8.923  12.175  1.00 88.90  ? 35  DC  C "O5'"  1 
ATOM   890  C  "C5'"  . DC  B 2 8  ? 9.710   -7.532  11.938  1.00 126.97 ? 35  DC  C "C5'"  1 
ATOM   891  C  "C4'"  . DC  B 2 8  ? 10.351  -7.317  10.583  1.00 98.07  ? 35  DC  C "C4'"  1 
ATOM   892  O  "O4'"  . DC  B 2 8  ? 9.759   -8.240  9.623   1.00 79.39  ? 35  DC  C "O4'"  1 
ATOM   893  C  "C3'"  . DC  B 2 8  ? 10.165  -5.917  9.984   1.00 87.11  ? 35  DC  C "C3'"  1 
ATOM   894  O  "O3'"  . DC  B 2 8  ? 11.388  -5.440  9.443   1.00 102.40 ? 35  DC  C "O3'"  1 
ATOM   895  C  "C2'"  . DC  B 2 8  ? 9.119   -6.140  8.904   1.00 95.20  ? 35  DC  C "C2'"  1 
ATOM   896  C  "C1'"  . DC  B 2 8  ? 9.475   -7.533  8.441   1.00 66.56  ? 35  DC  C "C1'"  1 
ATOM   897  N  N1     . DC  B 2 8  ? 8.398   -8.227  7.685   1.00 68.46  ? 35  DC  C N1     1 
ATOM   898  C  C2     . DC  B 2 8  ? 8.487   -8.315  6.291   1.00 90.59  ? 35  DC  C C2     1 
ATOM   899  O  O2     . DC  B 2 8  ? 9.463   -7.815  5.714   1.00 88.29  ? 35  DC  C O2     1 
ATOM   900  N  N3     . DC  B 2 8  ? 7.504   -8.950  5.609   1.00 73.16  ? 35  DC  C N3     1 
ATOM   901  C  C4     . DC  B 2 8  ? 6.471   -9.475  6.265   1.00 69.75  ? 35  DC  C C4     1 
ATOM   902  N  N4     . DC  B 2 8  ? 5.525   -10.088 5.549   1.00 83.08  ? 35  DC  C N4     1 
ATOM   903  C  C5     . DC  B 2 8  ? 6.359   -9.393  7.684   1.00 71.26  ? 35  DC  C C5     1 
ATOM   904  C  C6     . DC  B 2 8  ? 7.335   -8.766  8.348   1.00 76.64  ? 35  DC  C C6     1 
ATOM   905  H  "H5'"  . DC  B 2 8  ? 10.286  -7.166  12.627  1.00 155.04 ? 35  DC  C "H5'"  1 
ATOM   906  H  "H5''" . DC  B 2 8  ? 8.853   -7.078  11.964  1.00 155.04 ? 35  DC  C "H5''" 1 
ATOM   907  H  "H4'"  . DC  B 2 8  ? 11.300  -7.503  10.653  1.00 120.36 ? 35  DC  C "H4'"  1 
ATOM   908  H  "H3'"  . DC  B 2 8  ? 9.830   -5.304  10.657  1.00 107.21 ? 35  DC  C "H3'"  1 
ATOM   909  H  "HO3'" . DC  B 2 8  ? 11.450  -5.280  8.621   1.00 125.55 ? 35  DC  C "HO3'" 1 
ATOM   910  H  "H2'"  . DC  B 2 8  ? 8.224   -6.116  9.275   1.00 116.91 ? 35  DC  C "H2'"  1 
ATOM   911  H  "H2''" . DC  B 2 8  ? 9.219   -5.498  8.183   1.00 116.91 ? 35  DC  C "H2''" 1 
ATOM   912  H  "H1'"  . DC  B 2 8  ? 10.275  -7.493  7.893   1.00 82.54  ? 35  DC  C "H1'"  1 
ATOM   913  H  H41    . DC  B 2 8  ? 4.844   -10.435 5.943   1.00 102.36 ? 35  DC  C H41    1 
ATOM   914  H  H42    . DC  B 2 8  ? 5.598   -10.137 4.694   1.00 102.36 ? 35  DC  C H42    1 
ATOM   915  H  H5     . DC  B 2 8  ? 5.633   -9.765  8.132   1.00 88.18  ? 35  DC  C H5     1 
ATOM   916  H  H6     . DC  B 2 8  ? 7.291   -8.699  9.274   1.00 94.65  ? 35  DC  C H6     1 
ATOM   917  P  P      . DG  C 3 1  ? -13.150 7.050   -7.252  1.00 145.32 ? 36  DG  D P      1 
ATOM   918  O  OP1    . DG  C 3 1  ? -12.371 7.493   -8.427  1.00 107.66 ? 36  DG  D OP1    1 
ATOM   919  O  OP2    . DG  C 3 1  ? -14.614 6.886   -7.378  1.00 137.62 ? 36  DG  D OP2    1 
ATOM   920  O  "O5'"  . DG  C 3 1  ? -12.519 5.668   -6.743  1.00 99.73  ? 36  DG  D "O5'"  1 
ATOM   921  C  "C5'"  . DG  C 3 1  ? -13.343 4.683   -6.117  1.00 111.92 ? 36  DG  D "C5'"  1 
ATOM   922  C  "C4'"  . DG  C 3 1  ? -13.116 4.656   -4.613  1.00 102.41 ? 36  DG  D "C4'"  1 
ATOM   923  O  "O4'"  . DG  C 3 1  ? -11.768 4.198   -4.348  1.00 104.84 ? 36  DG  D "O4'"  1 
ATOM   924  C  "C3'"  . DG  C 3 1  ? -13.259 6.006   -3.920  1.00 106.59 ? 36  DG  D "C3'"  1 
ATOM   925  O  "O3'"  . DG  C 3 1  ? -14.553 6.129   -3.338  1.00 98.07  ? 36  DG  D "O3'"  1 
ATOM   926  C  "C2'"  . DG  C 3 1  ? -12.152 6.017   -2.869  1.00 107.45 ? 36  DG  D "C2'"  1 
ATOM   927  C  "C1'"  . DG  C 3 1  ? -11.128 5.010   -3.385  1.00 100.13 ? 36  DG  D "C1'"  1 
ATOM   928  N  N9     . DG  C 3 1  ? -9.950  5.608   -4.009  1.00 86.18  ? 36  DG  D N9     1 
ATOM   929  C  C8     . DG  C 3 1  ? -9.667  5.671   -5.354  1.00 96.79  ? 36  DG  D C8     1 
ATOM   930  N  N7     . DG  C 3 1  ? -8.526  6.245   -5.619  1.00 94.33  ? 36  DG  D N7     1 
ATOM   931  C  C5     . DG  C 3 1  ? -8.014  6.574   -4.371  1.00 82.22  ? 36  DG  D C5     1 
ATOM   932  C  C6     . DG  C 3 1  ? -6.802  7.215   -4.026  1.00 87.75  ? 36  DG  D C6     1 
ATOM   933  O  O6     . DG  C 3 1  ? -5.914  7.631   -4.781  1.00 86.48  ? 36  DG  D O6     1 
ATOM   934  N  N1     . DG  C 3 1  ? -6.668  7.355   -2.645  1.00 86.13  ? 36  DG  D N1     1 
ATOM   935  C  C2     . DG  C 3 1  ? -7.592  6.928   -1.717  1.00 109.99 ? 36  DG  D C2     1 
ATOM   936  N  N2     . DG  C 3 1  ? -7.288  7.151   -0.428  1.00 96.35  ? 36  DG  D N2     1 
ATOM   937  N  N3     . DG  C 3 1  ? -8.733  6.326   -2.030  1.00 74.05  ? 36  DG  D N3     1 
ATOM   938  C  C4     . DG  C 3 1  ? -8.876  6.183   -3.369  1.00 83.49  ? 36  DG  D C4     1 
ATOM   939  H  "H5'"  . DG  C 3 1  ? -13.132 3.811   -6.485  1.00 136.97 ? 36  DG  D "H5'"  1 
ATOM   940  H  "H5''" . DG  C 3 1  ? -14.274 4.887   -6.294  1.00 136.97 ? 36  DG  D "H5''" 1 
ATOM   941  H  "H4'"  . DG  C 3 1  ? -13.742 4.033   -4.214  1.00 125.57 ? 36  DG  D "H4'"  1 
ATOM   942  H  "H3'"  . DG  C 3 1  ? -13.115 6.722   -4.560  1.00 130.58 ? 36  DG  D "H3'"  1 
ATOM   943  H  "H2'"  . DG  C 3 1  ? -11.756 6.899   -2.804  1.00 131.61 ? 36  DG  D "H2'"  1 
ATOM   944  H  "H2''" . DG  C 3 1  ? -12.499 5.735   -2.008  1.00 131.61 ? 36  DG  D "H2''" 1 
ATOM   945  H  "H1'"  . DG  C 3 1  ? -10.840 4.451   -2.647  1.00 122.83 ? 36  DG  D "H1'"  1 
ATOM   946  H  H8     . DG  C 3 1  ? -10.238 5.345   -6.011  1.00 118.82 ? 36  DG  D H8     1 
ATOM   947  H  H1     . DG  C 3 1  ? -5.955  7.736   -2.351  1.00 106.03 ? 36  DG  D H1     1 
ATOM   948  H  H21    . DG  C 3 1  ? -6.612  7.640   -0.223  1.00 118.30 ? 36  DG  D H21    1 
ATOM   949  P  P      . DT  C 3 2  ? -15.167 7.582   -3.038  1.00 111.32 ? 37  DT  D P      1 
ATOM   950  O  OP1    . DT  C 3 2  ? -16.573 7.392   -2.619  1.00 96.71  ? 37  DT  D OP1    1 
ATOM   951  O  OP2    . DT  C 3 2  ? -14.849 8.448   -4.196  1.00 102.12 ? 37  DT  D OP2    1 
ATOM   952  O  "O5'"  . DT  C 3 2  ? -14.337 8.096   -1.769  1.00 92.48  ? 37  DT  D "O5'"  1 
ATOM   953  C  "C5'"  . DT  C 3 2  ? -14.421 7.388   -0.541  1.00 88.27  ? 37  DT  D "C5'"  1 
ATOM   954  C  "C4'"  . DT  C 3 2  ? -13.429 7.930   0.472   1.00 100.96 ? 37  DT  D "C4'"  1 
ATOM   955  O  "O4'"  . DT  C 3 2  ? -12.107 8.010   -0.136  1.00 86.74  ? 37  DT  D "O4'"  1 
ATOM   956  C  "C3'"  . DT  C 3 2  ? -13.732 9.341   0.986   1.00 104.05 ? 37  DT  D "C3'"  1 
ATOM   957  O  "O3'"  . DT  C 3 2  ? -13.462 9.431   2.385   1.00 120.36 ? 37  DT  D "O3'"  1 
ATOM   958  C  "C2'"  . DT  C 3 2  ? -12.795 10.205  0.157   1.00 105.67 ? 37  DT  D "C2'"  1 
ATOM   959  C  "C1'"  . DT  C 3 2  ? -11.583 9.306   0.058   1.00 78.07  ? 37  DT  D "C1'"  1 
ATOM   960  N  N1     . DT  C 3 2  ? -10.661 9.631   -1.062  1.00 86.20  ? 37  DT  D N1     1 
ATOM   961  C  C2     . DT  C 3 2  ? -9.420  10.155  -0.780  1.00 107.50 ? 37  DT  D C2     1 
ATOM   962  O  O2     . DT  C 3 2  ? -9.029  10.378  0.351   1.00 104.80 ? 37  DT  D O2     1 
ATOM   963  N  N3     . DT  C 3 2  ? -8.646  10.415  -1.878  1.00 89.36  ? 37  DT  D N3     1 
ATOM   964  C  C4     . DT  C 3 2  ? -8.981  10.205  -3.201  1.00 84.60  ? 37  DT  D C4     1 
ATOM   965  O  O4     . DT  C 3 2  ? -8.214  10.470  -4.121  1.00 81.81  ? 37  DT  D O4     1 
ATOM   966  C  C5     . DT  C 3 2  ? -10.294 9.653   -3.426  1.00 84.50  ? 37  DT  D C5     1 
ATOM   967  C  C7     . DT  C 3 2  ? -10.763 9.380   -4.823  1.00 94.43  ? 37  DT  D C7     1 
ATOM   968  C  C6     . DT  C 3 2  ? -11.063 9.395   -2.358  1.00 77.41  ? 37  DT  D C6     1 
ATOM   969  H  "H5'"  . DT  C 3 2  ? -14.232 6.450   -0.701  1.00 108.59 ? 37  DT  D "H5'"  1 
ATOM   970  H  "H5''" . DT  C 3 2  ? -15.319 7.475   -0.185  1.00 108.59 ? 37  DT  D "H5''" 1 
ATOM   971  H  "H4'"  . DT  C 3 2  ? -13.390 7.323   1.228   1.00 123.83 ? 37  DT  D "H4'"  1 
ATOM   972  H  "H3'"  . DT  C 3 2  ? -14.655 9.574   0.803   1.00 127.53 ? 37  DT  D "H3'"  1 
ATOM   973  H  "H2'"  . DT  C 3 2  ? -13.170 10.382  -0.720  1.00 129.47 ? 37  DT  D "H2'"  1 
ATOM   974  H  "H2''" . DT  C 3 2  ? -12.580 11.029  0.621   1.00 129.47 ? 37  DT  D "H2''" 1 
ATOM   975  H  "H1'"  . DT  C 3 2  ? -11.094 9.332   0.896   1.00 96.35  ? 37  DT  D "H1'"  1 
ATOM   976  H  H3     . DT  C 3 2  ? -7.866  10.744  -1.728  1.00 109.90 ? 37  DT  D H3     1 
ATOM   977  H  H71    . DT  C 3 2  ? -11.022 8.449   -4.901  1.00 115.99 ? 37  DT  D H71    1 
ATOM   978  H  H72    . DT  C 3 2  ? -11.526 9.946   -5.024  1.00 115.99 ? 37  DT  D H72    1 
ATOM   979  H  H73    . DT  C 3 2  ? -10.047 9.571   -5.448  1.00 115.99 ? 37  DT  D H73    1 
ATOM   980  H  H6     . DT  C 3 2  ? -11.910 9.036   -2.499  1.00 95.57  ? 37  DT  D H6     1 
ATOM   981  P  P      . DG  C 3 3  ? -13.839 10.757  3.211   1.00 140.13 ? 38  DG  D P      1 
ATOM   982  O  OP1    . DG  C 3 3  ? -14.694 10.342  4.346   1.00 107.18 ? 38  DG  D OP1    1 
ATOM   983  O  OP2    . DG  C 3 3  ? -14.330 11.763  2.242   1.00 116.48 ? 38  DG  D OP2    1 
ATOM   984  O  "O5'"  . DG  C 3 3  ? -12.431 11.273  3.777   1.00 99.67  ? 38  DG  D "O5'"  1 
ATOM   985  C  "C5'"  . DG  C 3 3  ? -11.478 11.843  2.889   1.00 109.04 ? 38  DG  D "C5'"  1 
ATOM   986  C  "C4'"  . DG  C 3 3  ? -10.289 12.405  3.646   1.00 124.39 ? 38  DG  D "C4'"  1 
ATOM   987  O  "O4'"  . DG  C 3 3  ? -9.168  12.561  2.747   1.00 125.19 ? 38  DG  D "O4'"  1 
ATOM   988  C  "C3'"  . DG  C 3 3  ? -10.496 13.780  4.239   1.00 122.10 ? 38  DG  D "C3'"  1 
ATOM   989  O  "O3'"  . DG  C 3 3  ? -9.677  13.941  5.395   1.00 124.10 ? 38  DG  D "O3'"  1 
ATOM   990  C  "C2'"  . DG  C 3 3  ? -10.111 14.718  3.084   1.00 129.18 ? 38  DG  D "C2'"  1 
ATOM   991  C  "C1'"  . DG  C 3 3  ? -9.128  13.888  2.246   1.00 124.38 ? 38  DG  D "C1'"  1 
ATOM   992  N  N9     . DG  C 3 3  ? -9.440  13.835  0.814   1.00 123.39 ? 38  DG  D N9     1 
ATOM   993  C  C8     . DG  C 3 3  ? -10.666 13.598  0.238   1.00 118.55 ? 38  DG  D C8     1 
ATOM   994  N  N7     . DG  C 3 3  ? -10.636 13.581  -1.065  1.00 119.96 ? 38  DG  D N7     1 
ATOM   995  C  C5     . DG  C 3 3  ? -9.303  13.808  -1.379  1.00 120.94 ? 38  DG  D C5     1 
ATOM   996  C  C6     . DG  C 3 3  ? -8.666  13.895  -2.640  1.00 118.60 ? 38  DG  D C6     1 
ATOM   997  O  O6     . DG  C 3 3  ? -9.175  13.786  -3.766  1.00 111.66 ? 38  DG  D O6     1 
ATOM   998  N  N1     . DG  C 3 3  ? -7.300  14.136  -2.511  1.00 108.47 ? 38  DG  D N1     1 
ATOM   999  C  C2     . DG  C 3 3  ? -6.638  14.283  -1.317  1.00 113.17 ? 38  DG  D C2     1 
ATOM   1000 N  N2     . DG  C 3 3  ? -5.318  14.507  -1.393  1.00 113.03 ? 38  DG  D N2     1 
ATOM   1001 N  N3     . DG  C 3 3  ? -7.221  14.194  -0.127  1.00 114.04 ? 38  DG  D N3     1 
ATOM   1002 C  C4     . DG  C 3 3  ? -8.550  13.960  -0.233  1.00 114.25 ? 38  DG  D C4     1 
ATOM   1003 H  "H5'"  . DG  C 3 3  ? -11.900 12.557  2.386   1.00 133.52 ? 38  DG  D "H5'"  1 
ATOM   1004 H  "H5''" . DG  C 3 3  ? -11.169 11.159  2.274   1.00 133.52 ? 38  DG  D "H5''" 1 
ATOM   1005 H  "H4'"  . DG  C 3 3  ? -10.044 11.789  4.354   1.00 151.94 ? 38  DG  D "H4'"  1 
ATOM   1006 H  "H3'"  . DG  C 3 3  ? -11.430 13.905  4.471   1.00 149.19 ? 38  DG  D "H3'"  1 
ATOM   1007 H  "H2'"  . DG  C 3 3  ? -10.893 14.950  2.559   1.00 157.68 ? 38  DG  D "H2'"  1 
ATOM   1008 H  "H2''" . DG  C 3 3  ? -9.678  15.516  3.424   1.00 157.68 ? 38  DG  D "H2''" 1 
ATOM   1009 H  "H1'"  . DG  C 3 3  ? -8.234  14.246  2.362   1.00 151.92 ? 38  DG  D "H1'"  1 
ATOM   1010 H  H8     . DG  C 3 3  ? -11.444 13.473  0.731   1.00 144.93 ? 38  DG  D H8     1 
ATOM   1011 H  H1     . DG  C 3 3  ? -6.838  14.205  -3.234  1.00 132.83 ? 38  DG  D H1     1 
ATOM   1012 H  H21    . DG  C 3 3  ? -4.853  14.592  -0.674  1.00 138.31 ? 38  DG  D H21    1 
ATOM   1013 H  H22    . DG  C 3 3  ? -4.935  14.565  -2.162  1.00 138.31 ? 38  DG  D H22    1 
ATOM   1014 P  P      . DT  C 3 4  ? -9.497  15.380  6.082   1.00 146.05 ? 39  DT  D P      1 
ATOM   1015 O  OP1    . DT  C 3 4  ? -9.198  15.156  7.515   1.00 134.55 ? 39  DT  D OP1    1 
ATOM   1016 O  OP2    . DT  C 3 4  ? -10.651 16.219  5.686   1.00 130.28 ? 39  DT  D OP2    1 
ATOM   1017 O  "O5'"  . DT  C 3 4  ? -8.198  15.968  5.364   1.00 146.99 ? 39  DT  D "O5'"  1 
ATOM   1018 C  "C5'"  . DT  C 3 4  ? -8.148  17.332  4.998   1.00 148.34 ? 39  DT  D "C5'"  1 
ATOM   1019 C  "C4'"  . DT  C 3 4  ? -6.850  17.648  4.287   1.00 158.17 ? 39  DT  D "C4'"  1 
ATOM   1020 O  "O4'"  . DT  C 3 4  ? -6.880  17.074  2.953   1.00 138.15 ? 39  DT  D "O4'"  1 
ATOM   1021 C  "C3'"  . DT  C 3 4  ? -6.571  19.143  4.105   1.00 159.08 ? 39  DT  D "C3'"  1 
ATOM   1022 O  "O3'"  . DT  C 3 4  ? -5.341  19.504  4.727   1.00 162.38 ? 39  DT  D "O3'"  1 
ATOM   1023 C  "C2'"  . DT  C 3 4  ? -6.530  19.342  2.589   1.00 153.38 ? 39  DT  D "C2'"  1 
ATOM   1024 C  "C1'"  . DT  C 3 4  ? -6.240  17.953  2.062   1.00 148.67 ? 39  DT  D "C1'"  1 
ATOM   1025 N  N1     . DT  C 3 4  ? -6.751  17.707  0.674   1.00 138.59 ? 39  DT  D N1     1 
ATOM   1026 C  C2     . DT  C 3 4  ? -5.851  17.603  -0.363  1.00 144.96 ? 39  DT  D C2     1 
ATOM   1027 O  O2     . DT  C 3 4  ? -4.646  17.706  -0.214  1.00 137.84 ? 39  DT  D O2     1 
ATOM   1028 N  N3     . DT  C 3 4  ? -6.414  17.372  -1.591  1.00 141.61 ? 39  DT  D N3     1 
ATOM   1029 C  C4     . DT  C 3 4  ? -7.760  17.241  -1.882  1.00 139.32 ? 39  DT  D C4     1 
ATOM   1030 O  O4     . DT  C 3 4  ? -8.169  17.031  -3.021  1.00 117.43 ? 39  DT  D O4     1 
ATOM   1031 C  C5     . DT  C 3 4  ? -8.651  17.358  -0.751  1.00 132.89 ? 39  DT  D C5     1 
ATOM   1032 C  C7     . DT  C 3 4  ? -10.134 17.231  -0.945  1.00 118.51 ? 39  DT  D C7     1 
ATOM   1033 C  C6     . DT  C 3 4  ? -8.112  17.585  0.459   1.00 140.11 ? 39  DT  D C6     1 
ATOM   1034 H  "H5'"  . DT  C 3 4  ? -8.217  17.879  5.795   1.00 180.68 ? 39  DT  D "H5'"  1 
ATOM   1035 H  "H5''" . DT  C 3 4  ? -8.893  17.531  4.408   1.00 180.68 ? 39  DT  D "H5''" 1 
ATOM   1036 H  "H4'"  . DT  C 3 4  ? -6.117  17.251  4.782   1.00 192.47 ? 39  DT  D "H4'"  1 
ATOM   1037 H  "H3'"  . DT  C 3 4  ? -7.298  19.661  4.484   1.00 193.57 ? 39  DT  D "H3'"  1 
ATOM   1038 H  "H2'"  . DT  C 3 4  ? -7.386  19.660  2.263   1.00 186.73 ? 39  DT  D "H2'"  1 
ATOM   1039 H  "H2''" . DT  C 3 4  ? -5.819  19.956  2.346   1.00 186.73 ? 39  DT  D "H2''" 1 
ATOM   1040 H  "H1'"  . DT  C 3 4  ? -5.283  17.794  2.086   1.00 181.08 ? 39  DT  D "H1'"  1 
ATOM   1041 H  H3     . DT  C 3 4  ? -5.871  17.303  -2.254  1.00 172.61 ? 39  DT  D H3     1 
ATOM   1042 H  H71    . DT  C 3 4  ? -10.465 16.484  -0.423  1.00 144.88 ? 39  DT  D H71    1 
ATOM   1043 H  H72    . DT  C 3 4  ? -10.570 18.047  -0.655  1.00 144.88 ? 39  DT  D H72    1 
ATOM   1044 H  H73    . DT  C 3 4  ? -10.325 17.080  -1.884  1.00 144.88 ? 39  DT  D H73    1 
ATOM   1045 H  H6     . DT  C 3 4  ? -8.683  17.662  1.190   1.00 170.81 ? 39  DT  D H6     1 
ATOM   1046 P  P      . DC  C 3 5  ? -5.299  20.634  5.870   1.00 184.48 ? 40  DC  D P      1 
ATOM   1047 O  OP1    . DC  C 3 5  ? -4.470  20.105  6.977   1.00 170.79 ? 40  DC  D OP1    1 
ATOM   1048 O  OP2    . DC  C 3 5  ? -6.682  21.083  6.146   1.00 178.87 ? 40  DC  D OP2    1 
ATOM   1049 O  "O5'"  . DC  C 3 5  ? -4.521  21.853  5.183   1.00 174.15 ? 40  DC  D "O5'"  1 
ATOM   1050 C  "C5'"  . DC  C 3 5  ? -5.144  22.610  4.151   1.00 160.21 ? 40  DC  D "C5'"  1 
ATOM   1051 C  "C4'"  . DC  C 3 5  ? -4.200  22.803  2.978   1.00 178.19 ? 40  DC  D "C4'"  1 
ATOM   1052 O  "O4'"  . DC  C 3 5  ? -4.306  21.664  2.078   1.00 170.94 ? 40  DC  D "O4'"  1 
ATOM   1053 C  "C3'"  . DC  C 3 5  ? -4.488  24.016  2.106   1.00 177.62 ? 40  DC  D "C3'"  1 
ATOM   1054 O  "O3'"  . DC  C 3 5  ? -3.885  25.219  2.654   1.00 168.44 ? 40  DC  D "O3'"  1 
ATOM   1055 C  "C2'"  . DC  C 3 5  ? -3.909  23.579  0.766   1.00 163.17 ? 40  DC  D "C2'"  1 
ATOM   1056 C  "C1'"  . DC  C 3 5  ? -4.271  22.104  0.727   1.00 165.81 ? 40  DC  D "C1'"  1 
ATOM   1057 N  N1     . DC  C 3 5  ? -5.598  21.825  0.090   1.00 158.15 ? 40  DC  D N1     1 
ATOM   1058 C  C2     . DC  C 3 5  ? -5.659  21.502  -1.272  1.00 164.13 ? 40  DC  D C2     1 
ATOM   1059 O  O2     . DC  C 3 5  ? -4.612  21.452  -1.930  1.00 140.98 ? 40  DC  D O2     1 
ATOM   1060 N  N3     . DC  C 3 5  ? -6.868  21.249  -1.833  1.00 151.19 ? 40  DC  D N3     1 
ATOM   1061 C  C4     . DC  C 3 5  ? -7.975  21.313  -1.091  1.00 141.09 ? 40  DC  D C4     1 
ATOM   1062 N  N4     . DC  C 3 5  ? -9.144  21.056  -1.688  1.00 140.52 ? 40  DC  D N4     1 
ATOM   1063 C  C5     . DC  C 3 5  ? -7.933  21.642  0.295   1.00 153.06 ? 40  DC  D C5     1 
ATOM   1064 C  C6     . DC  C 3 5  ? -6.737  21.896  0.836   1.00 159.24 ? 40  DC  D C6     1 
ATOM   1065 H  "H5'"  . DC  C 3 5  ? -5.400  23.478  4.501   1.00 194.92 ? 40  DC  D "H5'"  1 
ATOM   1066 H  "H5''" . DC  C 3 5  ? -5.939  22.143  3.847   1.00 194.92 ? 40  DC  D "H5''" 1 
ATOM   1067 H  "H4'"  . DC  C 3 5  ? -3.291  22.861  3.310   1.00 216.50 ? 40  DC  D "H4'"  1 
ATOM   1068 H  "H3'"  . DC  C 3 5  ? -5.446  24.139  2.023   1.00 215.82 ? 40  DC  D "H3'"  1 
ATOM   1069 H  "H2'"  . DC  C 3 5  ? -4.330  24.058  0.035   1.00 198.48 ? 40  DC  D "H2'"  1 
ATOM   1070 H  "H2''" . DC  C 3 5  ? -2.946  23.698  0.751   1.00 198.48 ? 40  DC  D "H2''" 1 
ATOM   1071 H  "H1'"  . DC  C 3 5  ? -3.579  21.619  0.251   1.00 201.65 ? 40  DC  D "H1'"  1 
ATOM   1072 H  H41    . DC  C 3 5  ? -9.876  21.101  -1.237  1.00 171.30 ? 40  DC  D H41    1 
ATOM   1073 H  H42    . DC  C 3 5  ? -9.164  20.847  -2.521  1.00 171.30 ? 40  DC  D H42    1 
ATOM   1074 H  H5     . DC  C 3 5  ? -8.710  21.686  0.804   1.00 186.34 ? 40  DC  D H5     1 
ATOM   1075 H  H6     . DC  C 3 5  ? -6.679  22.108  1.740   1.00 193.77 ? 40  DC  D H6     1 
ATOM   1076 P  P      . DG  C 3 6  ? -2.564  25.885  2.016   1.00 184.30 ? 41  DG  D P      1 
ATOM   1077 O  OP1    . DG  C 3 6  ? -1.457  24.910  2.143   1.00 179.20 ? 41  DG  D OP1    1 
ATOM   1078 O  OP2    . DG  C 3 6  ? -2.425  27.234  2.610   1.00 178.00 ? 41  DG  D OP2    1 
ATOM   1079 O  "O5'"  . DG  C 3 6  ? -2.911  26.081  0.465   1.00 162.22 ? 41  DG  D "O5'"  1 
ATOM   1080 C  "C5'"  . DG  C 3 6  ? -1.877  25.957  -0.510  1.00 147.85 ? 41  DG  D "C5'"  1 
ATOM   1081 C  "C4'"  . DG  C 3 6  ? -2.450  25.856  -1.912  1.00 160.64 ? 41  DG  D "C4'"  1 
ATOM   1082 O  "O4'"  . DG  C 3 6  ? -3.596  24.980  -1.899  1.00 148.33 ? 41  DG  D "O4'"  1 
ATOM   1083 C  "C3'"  . DG  C 3 6  ? -2.949  27.168  -2.489  1.00 164.75 ? 41  DG  D "C3'"  1 
ATOM   1084 O  "O3'"  . DG  C 3 6  ? -1.910  27.812  -3.216  1.00 154.30 ? 41  DG  D "O3'"  1 
ATOM   1085 C  "C2'"  . DG  C 3 6  ? -4.118  26.759  -3.389  1.00 151.15 ? 41  DG  D "C2'"  1 
ATOM   1086 C  "C1'"  . DG  C 3 6  ? -4.521  25.367  -2.896  1.00 152.18 ? 41  DG  D "C1'"  1 
ATOM   1087 N  N9     . DG  C 3 6  ? -5.865  25.311  -2.323  1.00 156.46 ? 41  DG  D N9     1 
ATOM   1088 C  C8     . DG  C 3 6  ? -6.219  25.565  -1.019  1.00 155.43 ? 41  DG  D C8     1 
ATOM   1089 N  N7     . DG  C 3 6  ? -7.495  25.429  -0.790  1.00 161.10 ? 41  DG  D N7     1 
ATOM   1090 C  C5     . DG  C 3 6  ? -8.024  25.063  -2.019  1.00 156.73 ? 41  DG  D C5     1 
ATOM   1091 C  C6     . DG  C 3 6  ? -9.360  24.781  -2.387  1.00 141.57 ? 41  DG  D C6     1 
ATOM   1092 O  O6     . DG  C 3 6  ? -10.373 24.799  -1.672  1.00 148.74 ? 41  DG  D O6     1 
ATOM   1093 N  N1     . DG  C 3 6  ? -9.464  24.448  -3.736  1.00 138.41 ? 41  DG  D N1     1 
ATOM   1094 C  C2     . DG  C 3 6  ? -8.409  24.398  -4.617  1.00 136.08 ? 41  DG  D C2     1 
ATOM   1095 N  N2     . DG  C 3 6  ? -8.706  24.057  -5.880  1.00 128.27 ? 41  DG  D N2     1 
ATOM   1096 N  N3     . DG  C 3 6  ? -7.151  24.660  -4.286  1.00 127.82 ? 41  DG  D N3     1 
ATOM   1097 C  C4     . DG  C 3 6  ? -7.034  24.985  -2.974  1.00 153.17 ? 41  DG  D C4     1 
ATOM   1098 H  "H5'"  . DG  C 3 6  ? -1.357  25.160  -0.322  1.00 180.09 ? 41  DG  D "H5'"  1 
ATOM   1099 H  "H5''" . DG  C 3 6  ? -1.298  26.733  -0.459  1.00 180.09 ? 41  DG  D "H5''" 1 
ATOM   1100 H  "H4'"  . DG  C 3 6  ? -1.776  25.486  -2.504  1.00 195.45 ? 41  DG  D "H4'"  1 
ATOM   1101 H  "H3'"  . DG  C 3 6  ? -3.265  27.745  -1.777  1.00 200.37 ? 41  DG  D "H3'"  1 
ATOM   1102 H  "H2'"  . DG  C 3 6  ? -4.857  27.380  -3.287  1.00 184.05 ? 41  DG  D "H2'"  1 
ATOM   1103 H  "H2''" . DG  C 3 6  ? -3.835  26.720  -4.315  1.00 184.05 ? 41  DG  D "H2''" 1 
ATOM   1104 H  "H1'"  . DG  C 3 6  ? -4.468  24.743  -3.636  1.00 185.29 ? 41  DG  D "H1'"  1 
ATOM   1105 H  H8     . DG  C 3 6  ? -5.606  25.808  -0.362  1.00 189.19 ? 41  DG  D H8     1 
ATOM   1106 H  H1     . DG  C 3 6  ? -10.246 24.262  -4.040  1.00 168.76 ? 41  DG  D H1     1 
ATOM   1107 H  H21    . DG  C 3 6  ? -8.082  24.009  -6.470  1.00 156.59 ? 41  DG  D H21    1 
ATOM   1108 H  H22    . DG  C 3 6  ? -9.519  23.887  -6.099  1.00 156.59 ? 41  DG  D H22    1 
ATOM   1109 P  P      . DT  C 3 7  ? -2.045  29.358  -3.629  1.00 157.11 ? 42  DT  D P      1 
ATOM   1110 O  OP1    . DT  C 3 7  ? -0.706  29.829  -4.047  1.00 156.26 ? 42  DT  D OP1    1 
ATOM   1111 O  OP2    . DT  C 3 7  ? -2.760  30.052  -2.536  1.00 155.33 ? 42  DT  D OP2    1 
ATOM   1112 O  "O5'"  . DT  C 3 7  ? -2.998  29.326  -4.913  1.00 168.55 ? 42  DT  D "O5'"  1 
ATOM   1113 C  "C5'"  . DT  C 3 7  ? -2.635  28.550  -6.050  1.00 165.72 ? 42  DT  D "C5'"  1 
ATOM   1114 C  "C4'"  . DT  C 3 7  ? -3.815  28.378  -6.989  1.00 160.12 ? 42  DT  D "C4'"  1 
ATOM   1115 O  "O4'"  . DT  C 3 7  ? -4.923  27.809  -6.264  1.00 151.42 ? 42  DT  D "O4'"  1 
ATOM   1116 C  "C3'"  . DT  C 3 7  ? -4.342  29.677  -7.596  1.00 151.47 ? 42  DT  D "C3'"  1 
ATOM   1117 O  "O3'"  . DT  C 3 7  ? -3.861  29.838  -8.925  1.00 145.47 ? 42  DT  D "O3'"  1 
ATOM   1118 C  "C2'"  . DT  C 3 7  ? -5.873  29.547  -7.544  1.00 142.03 ? 42  DT  D "C2'"  1 
ATOM   1119 C  "C1'"  . DT  C 3 7  ? -6.129  28.198  -6.875  1.00 138.32 ? 42  DT  D "C1'"  1 
ATOM   1120 N  N1     . DT  C 3 7  ? -7.193  28.241  -5.832  1.00 150.44 ? 42  DT  D N1     1 
ATOM   1121 C  C2     . DT  C 3 7  ? -8.483  27.909  -6.171  1.00 154.00 ? 42  DT  D C2     1 
ATOM   1122 O  O2     . DT  C 3 7  ? -8.814  27.577  -7.296  1.00 139.59 ? 42  DT  D O2     1 
ATOM   1123 N  N3     . DT  C 3 7  ? -9.380  27.975  -5.139  1.00 132.57 ? 42  DT  D N3     1 
ATOM   1124 C  C4     . DT  C 3 7  ? -9.122  28.337  -3.829  1.00 144.42 ? 42  DT  D C4     1 
ATOM   1125 O  O4     . DT  C 3 7  ? -10.000 28.371  -2.972  1.00 131.13 ? 42  DT  D O4     1 
ATOM   1126 C  C5     . DT  C 3 7  ? -7.749  28.676  -3.542  1.00 146.54 ? 42  DT  D C5     1 
ATOM   1127 C  C7     . DT  C 3 7  ? -7.348  29.082  -2.155  1.00 152.45 ? 42  DT  D C7     1 
ATOM   1128 C  C6     . DT  C 3 7  ? -6.861  28.613  -4.545  1.00 149.53 ? 42  DT  D C6     1 
ATOM   1129 H  "H5'"  . DT  C 3 7  ? -2.332  27.676  -5.755  1.00 201.54 ? 42  DT  D "H5'"  1 
ATOM   1130 H  "H5''" . DT  C 3 7  ? -1.914  28.994  -6.522  1.00 201.54 ? 42  DT  D "H5''" 1 
ATOM   1131 H  "H4'"  . DT  C 3 7  ? -3.563  27.775  -7.706  1.00 194.81 ? 42  DT  D "H4'"  1 
ATOM   1132 H  "H3'"  . DT  C 3 7  ? -4.060  30.429  -7.052  1.00 184.43 ? 42  DT  D "H3'"  1 
ATOM   1133 H  "HO3'" . DT  C 3 7  ? -4.405  29.922  -9.561  1.00 177.24 ? 42  DT  D "HO3'" 1 
ATOM   1134 H  "H2'"  . DT  C 3 7  ? -6.256  30.264  -7.016  1.00 173.11 ? 42  DT  D "H2'"  1 
ATOM   1135 H  "H2''" . DT  C 3 7  ? -6.242  29.554  -8.442  1.00 173.11 ? 42  DT  D "H2''" 1 
ATOM   1136 H  "H1'"  . DT  C 3 7  ? -6.369  27.546  -7.551  1.00 168.65 ? 42  DT  D "H1'"  1 
ATOM   1137 H  H3     . DT  C 3 7  ? -10.196 27.773  -5.326  1.00 161.76 ? 42  DT  D H3     1 
ATOM   1138 H  H71    . DT  C 3 7  ? -8.112  29.464  -1.696  1.00 185.62 ? 42  DT  D H71    1 
ATOM   1139 H  H72    . DT  C 3 7  ? -7.033  28.304  -1.669  1.00 185.62 ? 42  DT  D H72    1 
ATOM   1140 H  H73    . DT  C 3 7  ? -6.637  29.742  -2.205  1.00 185.62 ? 42  DT  D H73    1 
ATOM   1141 H  H6     . DT  C 3 7  ? -5.974  28.827  -4.363  1.00 182.11 ? 42  DT  D H6     1 
ATOM   1142 P  P      . DC  D 4 1  ? 5.593   -1.295  8.145   1.00 138.62 ? 1   DC  A P      1 
ATOM   1143 O  OP1    . DC  D 4 1  ? 6.190   -1.169  9.491   1.00 113.73 ? 1   DC  A OP1    1 
ATOM   1144 O  OP2    . DC  D 4 1  ? 4.635   -2.386  7.863   1.00 91.06  ? 1   DC  A OP2    1 
ATOM   1145 O  "O5'"  . DC  D 4 1  ? 6.778   -1.429  7.083   1.00 89.18  ? 1   DC  A "O5'"  1 
ATOM   1146 C  "C5'"  . DC  D 4 1  ? 8.131   -1.477  7.524   1.00 101.11 ? 1   DC  A "C5'"  1 
ATOM   1147 C  "C4'"  . DC  D 4 1  ? 8.997   -2.233  6.534   1.00 119.81 ? 1   DC  A "C4'"  1 
ATOM   1148 O  "O4'"  . DC  D 4 1  ? 8.796   -3.660  6.695   1.00 78.28  ? 1   DC  A "O4'"  1 
ATOM   1149 C  "C3'"  . DC  D 4 1  ? 8.684   -1.956  5.079   1.00 106.70 ? 1   DC  A "C3'"  1 
ATOM   1150 O  "O3'"  . DC  D 4 1  ? 9.359   -0.795  4.630   1.00 85.47  ? 1   DC  A "O3'"  1 
ATOM   1151 C  "C2'"  . DC  D 4 1  ? 9.168   -3.223  4.387   1.00 89.18  ? 1   DC  A "C2'"  1 
ATOM   1152 C  "C1'"  . DC  D 4 1  ? 8.932   -4.313  5.441   1.00 78.27  ? 1   DC  A "C1'"  1 
ATOM   1153 N  N1     . DC  D 4 1  ? 7.705   -5.149  5.208   1.00 71.17  ? 1   DC  A N1     1 
ATOM   1154 C  C2     . DC  D 4 1  ? 7.511   -5.777  3.971   1.00 86.24  ? 1   DC  A C2     1 
ATOM   1155 O  O2     . DC  D 4 1  ? 8.353   -5.625  3.079   1.00 97.47  ? 1   DC  A O2     1 
ATOM   1156 N  N3     . DC  D 4 1  ? 6.398   -6.531  3.783   1.00 72.03  ? 1   DC  A N3     1 
ATOM   1157 C  C4     . DC  D 4 1  ? 5.512   -6.673  4.769   1.00 73.24  ? 1   DC  A C4     1 
ATOM   1158 N  N4     . DC  D 4 1  ? 4.433   -7.428  4.537   1.00 67.47  ? 1   DC  A N4     1 
ATOM   1159 C  C5     . DC  D 4 1  ? 5.693   -6.048  6.038   1.00 83.49  ? 1   DC  A C5     1 
ATOM   1160 C  C6     . DC  D 4 1  ? 6.793   -5.305  6.213   1.00 84.53  ? 1   DC  A C6     1 
ATOM   1161 H  "H5'"  . DC  D 4 1  ? 8.170   -1.920  8.386   1.00 124.01 ? 1   DC  A "H5'"  1 
ATOM   1162 H  "H5''" . DC  D 4 1  ? 8.469   -0.572  7.617   1.00 124.01 ? 1   DC  A "H5''" 1 
ATOM   1163 H  "H4'"  . DC  D 4 1  ? 9.929   -2.023  6.703   1.00 146.45 ? 1   DC  A "H4'"  1 
ATOM   1164 H  "H3'"  . DC  D 4 1  ? 7.727   -1.855  4.958   1.00 130.71 ? 1   DC  A "H3'"  1 
ATOM   1165 H  "H2'"  . DC  D 4 1  ? 8.643   -3.400  3.590   1.00 109.69 ? 1   DC  A "H2'"  1 
ATOM   1166 H  "H2''" . DC  D 4 1  ? 10.111  -3.158  4.170   1.00 109.69 ? 1   DC  A "H2''" 1 
ATOM   1167 H  "H1'"  . DC  D 4 1  ? 9.707   -4.895  5.472   1.00 96.60  ? 1   DC  A "H1'"  1 
ATOM   1168 H  H41    . DC  D 4 1  ? 3.837   -7.526  5.148   1.00 83.64  ? 1   DC  A H41    1 
ATOM   1169 H  H42    . DC  D 4 1  ? 4.336   -7.815  3.775   1.00 83.64  ? 1   DC  A H42    1 
ATOM   1170 H  H5     . DC  D 4 1  ? 5.069   -6.152  6.719   1.00 102.86 ? 1   DC  A H5     1 
ATOM   1171 H  H6     . DC  D 4 1  ? 6.935   -4.885  7.029   1.00 104.11 ? 1   DC  A H6     1 
ATOM   1172 P  P      . DC  D 4 2  ? 8.597   0.243   3.675   1.00 119.27 ? 2   DC  A P      1 
ATOM   1173 O  OP1    . DC  D 4 2  ? 9.529   1.354   3.370   1.00 141.24 ? 2   DC  A OP1    1 
ATOM   1174 O  OP2    . DC  D 4 2  ? 7.282   0.533   4.288   1.00 131.30 ? 2   DC  A OP2    1 
ATOM   1175 O  "O5'"  . DC  D 4 2  ? 8.330   -0.604  2.348   1.00 94.59  ? 2   DC  A "O5'"  1 
ATOM   1176 C  "C5'"  . DC  D 4 2  ? 9.422   -1.132  1.604   1.00 111.53 ? 2   DC  A "C5'"  1 
ATOM   1177 C  "C4'"  . DC  D 4 2  ? 8.933   -1.744  0.308   1.00 106.33 ? 2   DC  A "C4'"  1 
ATOM   1178 O  "O4'"  . DC  D 4 2  ? 8.123   -2.902  0.614   1.00 102.70 ? 2   DC  A "O4'"  1 
ATOM   1179 C  "C3'"  . DC  D 4 2  ? 8.064   -0.808  -0.533  1.00 123.39 ? 2   DC  A "C3'"  1 
ATOM   1180 O  "O3'"  . DC  D 4 2  ? 8.678   -0.533  -1.781  1.00 113.09 ? 2   DC  A "O3'"  1 
ATOM   1181 C  "C2'"  . DC  D 4 2  ? 6.728   -1.535  -0.699  1.00 102.42 ? 2   DC  A "C2'"  1 
ATOM   1182 C  "C1'"  . DC  D 4 2  ? 7.004   -2.956  -0.236  1.00 101.50 ? 2   DC  A "C1'"  1 
ATOM   1183 N  N1     . DC  D 4 2  ? 5.877   -3.558  0.527   1.00 83.52  ? 2   DC  A N1     1 
ATOM   1184 C  C2     . DC  D 4 2  ? 5.058   -4.519  -0.077  1.00 100.96 ? 2   DC  A C2     1 
ATOM   1185 O  O2     . DC  D 4 2  ? 5.279   -4.855  -1.248  1.00 93.32  ? 2   DC  A O2     1 
ATOM   1186 N  N3     . DC  D 4 2  ? 4.040   -5.057  0.642   1.00 100.00 ? 2   DC  A N3     1 
ATOM   1187 C  C4     . DC  D 4 2  ? 3.835   -4.668  1.904   1.00 92.85  ? 2   DC  A C4     1 
ATOM   1188 N  N4     . DC  D 4 2  ? 2.821   -5.223  2.573   1.00 92.56  ? 2   DC  A N4     1 
ATOM   1189 C  C5     . DC  D 4 2  ? 4.660   -3.691  2.534   1.00 92.93  ? 2   DC  A C5     1 
ATOM   1190 C  C6     . DC  D 4 2  ? 5.659   -3.170  1.816   1.00 97.17  ? 2   DC  A C6     1 
ATOM   1191 H  "H5'"  . DC  D 4 2  ? 9.869   -1.812  2.131   1.00 136.51 ? 2   DC  A "H5'"  1 
ATOM   1192 H  "H5''" . DC  D 4 2  ? 10.048  -0.418  1.405   1.00 136.51 ? 2   DC  A "H5''" 1 
ATOM   1193 H  "H4'"  . DC  D 4 2  ? 9.698   -2.022  -0.218  1.00 130.27 ? 2   DC  A "H4'"  1 
ATOM   1194 H  "H3'"  . DC  D 4 2  ? 7.922   0.022   -0.052  1.00 150.74 ? 2   DC  A "H3'"  1 
ATOM   1195 H  "H2'"  . DC  D 4 2  ? 6.047   -1.124  -0.144  1.00 125.57 ? 2   DC  A "H2'"  1 
ATOM   1196 H  "H2''" . DC  D 4 2  ? 6.454   -1.530  -1.631  1.00 125.57 ? 2   DC  A "H2''" 1 
ATOM   1197 H  "H1'"  . DC  D 4 2  ? 7.208   -3.512  -1.004  1.00 124.47 ? 2   DC  A "H1'"  1 
ATOM   1198 H  H41    . DC  D 4 2  ? 2.638   -4.961  3.371   1.00 113.75 ? 2   DC  A H41    1 
ATOM   1199 H  H42    . DC  D 4 2  ? 2.352   -5.844  2.205   1.00 113.75 ? 2   DC  A H42    1 
ATOM   1200 H  H5     . DC  D 4 2  ? 4.508   -3.426  3.412   1.00 114.19 ? 2   DC  A H5     1 
ATOM   1201 H  H6     . DC  D 4 2  ? 6.212   -2.529  2.201   1.00 119.27 ? 2   DC  A H6     1 
ATOM   1202 P  P      . DG  D 4 3  ? 8.090   0.635   -2.713  1.00 125.97 ? 3   DG  A P      1 
ATOM   1203 O  OP1    . DG  D 4 3  ? 9.157   1.045   -3.651  1.00 142.58 ? 3   DG  A OP1    1 
ATOM   1204 O  OP2    . DG  D 4 3  ? 7.453   1.636   -1.829  1.00 125.68 ? 3   DG  A OP2    1 
ATOM   1205 O  "O5'"  . DG  D 4 3  ? 6.924   -0.083  -3.537  1.00 91.02  ? 3   DG  A "O5'"  1 
ATOM   1206 C  "C5'"  . DG  D 4 3  ? 7.244   -0.871  -4.673  1.00 125.76 ? 3   DG  A "C5'"  1 
ATOM   1207 C  "C4'"  . DG  D 4 3  ? 6.035   -1.652  -5.145  1.00 115.53 ? 3   DG  A "C4'"  1 
ATOM   1208 O  "O4'"  . DG  D 4 3  ? 5.382   -2.245  -4.001  1.00 103.31 ? 3   DG  A "O4'"  1 
ATOM   1209 C  "C3'"  . DG  D 4 3  ? 4.982   -0.810  -5.867  1.00 102.15 ? 3   DG  A "C3'"  1 
ATOM   1210 O  "O3'"  . DG  D 4 3  ? 4.910   -1.181  -7.243  1.00 129.29 ? 3   DG  A "O3'"  1 
ATOM   1211 C  "C2'"  . DG  D 4 3  ? 3.667   -1.078  -5.120  1.00 104.19 ? 3   DG  A "C2'"  1 
ATOM   1212 C  "C1'"  . DG  D 4 3  ? 3.987   -2.224  -4.172  1.00 101.87 ? 3   DG  A "C1'"  1 
ATOM   1213 N  N9     . DG  D 4 3  ? 3.381   -2.081  -2.856  1.00 102.31 ? 3   DG  A N9     1 
ATOM   1214 C  C8     . DG  D 4 3  ? 3.770   -1.218  -1.862  1.00 105.40 ? 3   DG  A C8     1 
ATOM   1215 N  N7     . DG  D 4 3  ? 3.049   -1.312  -0.780  1.00 96.62  ? 3   DG  A N7     1 
ATOM   1216 C  C5     . DG  D 4 3  ? 2.127   -2.306  -1.074  1.00 93.78  ? 3   DG  A C5     1 
ATOM   1217 C  C6     . DG  D 4 3  ? 1.087   -2.844  -0.281  1.00 110.55 ? 3   DG  A C6     1 
ATOM   1218 O  O6     . DG  D 4 3  ? 0.765   -2.536  0.876   1.00 101.04 ? 3   DG  A O6     1 
ATOM   1219 N  N1     . DG  D 4 3  ? 0.383   -3.838  -0.961  1.00 110.39 ? 3   DG  A N1     1 
ATOM   1220 C  C2     . DG  D 4 3  ? 0.655   -4.255  -2.245  1.00 110.01 ? 3   DG  A C2     1 
ATOM   1221 N  N2     . DG  D 4 3  ? -0.131  -5.226  -2.734  1.00 87.45  ? 3   DG  A N2     1 
ATOM   1222 N  N3     . DG  D 4 3  ? 1.628   -3.758  -2.996  1.00 103.17 ? 3   DG  A N3     1 
ATOM   1223 C  C4     . DG  D 4 3  ? 2.320   -2.791  -2.348  1.00 98.71  ? 3   DG  A C4     1 
ATOM   1224 H  "H5'"  . DG  D 4 3  ? 7.954   -1.491  -4.441  1.00 153.59 ? 3   DG  A "H5'"  1 
ATOM   1225 H  "H5''" . DG  D 4 3  ? 7.549   -0.292  -5.389  1.00 153.59 ? 3   DG  A "H5''" 1 
ATOM   1226 H  "H4'"  . DG  D 4 3  ? 6.331   -2.360  -5.739  1.00 141.31 ? 3   DG  A "H4'"  1 
ATOM   1227 H  "H3'"  . DG  D 4 3  ? 5.212   0.129   -5.794  1.00 125.25 ? 3   DG  A "H3'"  1 
ATOM   1228 H  "H2'"  . DG  D 4 3  ? 3.397   -0.290  -4.620  1.00 127.70 ? 3   DG  A "H2'"  1 
ATOM   1229 H  "H2''" . DG  D 4 3  ? 2.971   -1.338  -5.744  1.00 127.70 ? 3   DG  A "H2''" 1 
ATOM   1230 H  "H1'"  . DG  D 4 3  ? 3.700   -3.061  -4.569  1.00 124.91 ? 3   DG  A "H1'"  1 
ATOM   1231 H  H8     . DG  D 4 3  ? 4.478   -0.621  -1.953  1.00 129.15 ? 3   DG  A H8     1 
ATOM   1232 H  H1     . DG  D 4 3  ? -0.269  -4.217  -0.550  1.00 135.14 ? 3   DG  A H1     1 
ATOM   1233 H  H21    . DG  D 4 3  ? -0.010  -5.515  -3.534  1.00 107.62 ? 3   DG  A H21    1 
ATOM   1234 H  H22    . DG  D 4 3  ? -0.756  -5.559  -2.247  1.00 107.62 ? 3   DG  A H22    1 
ATOM   1235 P  P      . DT  D 4 4  ? 4.124   -0.258  -8.297  1.00 134.36 ? 4   DT  A P      1 
ATOM   1236 O  OP1    . DT  D 4 4  ? 4.686   -0.534  -9.638  1.00 121.37 ? 4   DT  A OP1    1 
ATOM   1237 O  OP2    . DT  D 4 4  ? 4.116   1.128   -7.778  1.00 122.61 ? 4   DT  A OP2    1 
ATOM   1238 O  "O5'"  . DT  D 4 4  ? 2.627   -0.820  -8.247  1.00 134.22 ? 4   DT  A "O5'"  1 
ATOM   1239 C  "C5'"  . DT  D 4 4  ? 2.372   -2.174  -8.593  1.00 116.41 ? 4   DT  A "C5'"  1 
ATOM   1240 C  "C4'"  . DT  D 4 4  ? 0.939   -2.560  -8.279  1.00 111.49 ? 4   DT  A "C4'"  1 
ATOM   1241 O  "O4'"  . DT  D 4 4  ? 0.732   -2.539  -6.847  1.00 108.84 ? 4   DT  A "O4'"  1 
ATOM   1242 C  "C3'"  . DT  D 4 4  ? -0.128  -1.628  -8.867  1.00 118.63 ? 4   DT  A "C3'"  1 
ATOM   1243 O  "O3'"  . DT  D 4 4  ? -0.864  -2.293  -9.894  1.00 140.56 ? 4   DT  A "O3'"  1 
ATOM   1244 C  "C2'"  . DT  D 4 4  ? -1.011  -1.246  -7.667  1.00 103.67 ? 4   DT  A "C2'"  1 
ATOM   1245 C  "C1'"  . DT  D 4 4  ? -0.620  -2.260  -6.608  1.00 101.33 ? 4   DT  A "C1'"  1 
ATOM   1246 N  N1     . DT  D 4 4  ? -0.784  -1.773  -5.199  1.00 98.30  ? 4   DT  A N1     1 
ATOM   1247 C  C2     . DT  D 4 4  ? -1.800  -2.290  -4.428  1.00 105.59 ? 4   DT  A C2     1 
ATOM   1248 O  O2     . DT  D 4 4  ? -2.584  -3.130  -4.834  1.00 113.60 ? 4   DT  A O2     1 
ATOM   1249 N  N3     . DT  D 4 4  ? -1.868  -1.789  -3.154  1.00 100.15 ? 4   DT  A N3     1 
ATOM   1250 C  C4     . DT  D 4 4  ? -1.039  -0.840  -2.585  1.00 101.29 ? 4   DT  A C4     1 
ATOM   1251 O  O4     . DT  D 4 4  ? -1.182  -0.452  -1.427  1.00 96.21  ? 4   DT  A O4     1 
ATOM   1252 C  C5     . DT  D 4 4  ? 0.006   -0.336  -3.444  1.00 96.02  ? 4   DT  A C5     1 
ATOM   1253 C  C7     . DT  D 4 4  ? 0.965   0.700   -2.934  1.00 91.32  ? 4   DT  A C7     1 
ATOM   1254 C  C6     . DT  D 4 4  ? 0.084   -0.821  -4.698  1.00 97.10  ? 4   DT  A C6     1 
ATOM   1255 H  "H5'"  . DT  D 4 4  ? 2.973   -2.748  -8.092  1.00 142.37 ? 4   DT  A "H5'"  1 
ATOM   1256 H  "H5''" . DT  D 4 4  ? 2.532   -2.295  -9.541  1.00 142.37 ? 4   DT  A "H5''" 1 
ATOM   1257 H  "H4'"  . DT  D 4 4  ? 0.780   -3.461  -8.603  1.00 136.46 ? 4   DT  A "H4'"  1 
ATOM   1258 H  "H3'"  . DT  D 4 4  ? 0.295   -0.833  -9.227  1.00 145.03 ? 4   DT  A "H3'"  1 
ATOM   1259 H  "H2'"  . DT  D 4 4  ? -0.812  -0.345  -7.369  1.00 127.07 ? 4   DT  A "H2'"  1 
ATOM   1260 H  "H2''" . DT  D 4 4  ? -1.951  -1.333  -7.893  1.00 127.07 ? 4   DT  A "H2''" 1 
ATOM   1261 H  "H1'"  . DT  D 4 4  ? -1.142  -3.068  -6.730  1.00 124.26 ? 4   DT  A "H1'"  1 
ATOM   1262 H  H3     . DT  D 4 4  ? -2.495  -2.099  -2.654  1.00 122.86 ? 4   DT  A H3     1 
ATOM   1263 H  H71    . DT  D 4 4  ? 1.871   0.357   -2.991  1.00 112.26 ? 4   DT  A H71    1 
ATOM   1264 H  H72    . DT  D 4 4  ? 0.888   1.504   -3.471  1.00 112.26 ? 4   DT  A H72    1 
ATOM   1265 H  H73    . DT  D 4 4  ? 0.755   0.907   -2.010  1.00 112.26 ? 4   DT  A H73    1 
ATOM   1266 H  H6     . DT  D 4 4  ? 0.755   -0.499  -5.255  1.00 119.20 ? 4   DT  A H6     1 
ATOM   1267 P  P      . DC  D 4 5  ? -1.973  -1.499  -10.746 1.00 132.18 ? 5   DC  A P      1 
ATOM   1268 O  OP1    . DC  D 4 5  ? -2.225  -2.263  -11.988 1.00 119.34 ? 5   DC  A OP1    1 
ATOM   1269 O  OP2    . DC  D 4 5  ? -1.553  -0.082  -10.825 1.00 130.70 ? 5   DC  A OP2    1 
ATOM   1270 O  "O5'"  . DC  D 4 5  ? -3.282  -1.583  -9.832  1.00 106.17 ? 5   DC  A "O5'"  1 
ATOM   1271 C  "C5'"  . DC  D 4 5  ? -3.746  -2.847  -9.397  1.00 99.38  ? 5   DC  A "C5'"  1 
ATOM   1272 C  "C4'"  . DC  D 4 5  ? -4.918  -2.711  -8.438  1.00 106.75 ? 5   DC  A "C4'"  1 
ATOM   1273 O  "O4'"  . DC  D 4 5  ? -4.459  -2.175  -7.170  1.00 111.60 ? 5   DC  A "O4'"  1 
ATOM   1274 C  "C3'"  . DC  D 4 5  ? -6.042  -1.780  -8.904  1.00 98.44  ? 5   DC  A "C3'"  1 
ATOM   1275 O  "O3'"  . DC  D 4 5  ? -7.282  -2.465  -8.860  1.00 87.29  ? 5   DC  A "O3'"  1 
ATOM   1276 C  "C2'"  . DC  D 4 5  ? -5.993  -0.607  -7.920  1.00 106.09 ? 5   DC  A "C2'"  1 
ATOM   1277 C  "C1'"  . DC  D 4 5  ? -5.413  -1.257  -6.685  1.00 105.01 ? 5   DC  A "C1'"  1 
ATOM   1278 N  N1     . DC  D 4 5  ? -4.732  -0.326  -5.735  1.00 106.01 ? 5   DC  A N1     1 
ATOM   1279 C  C2     . DC  D 4 5  ? -5.176  -0.243  -4.410  1.00 102.15 ? 5   DC  A C2     1 
ATOM   1280 O  O2     . DC  D 4 5  ? -6.151  -0.917  -4.053  1.00 97.27  ? 5   DC  A O2     1 
ATOM   1281 N  N3     . DC  D 4 5  ? -4.531  0.585   -3.552  1.00 95.76  ? 5   DC  A N3     1 
ATOM   1282 C  C4     . DC  D 4 5  ? -3.485  1.299   -3.973  1.00 92.88  ? 5   DC  A C4     1 
ATOM   1283 N  N4     . DC  D 4 5  ? -2.883  2.103   -3.090  1.00 85.20  ? 5   DC  A N4     1 
ATOM   1284 C  C5     . DC  D 4 5  ? -3.011  1.219   -5.314  1.00 99.91  ? 5   DC  A C5     1 
ATOM   1285 C  C6     . DC  D 4 5  ? -3.655  0.398   -6.151  1.00 103.14 ? 5   DC  A C6     1 
ATOM   1286 H  "H5'"  . DC  D 4 5  ? -3.023  -3.313  -8.949  1.00 121.93 ? 5   DC  A "H5'"  1 
ATOM   1287 H  "H5''" . DC  D 4 5  ? -4.026  -3.365  -10.168 1.00 121.93 ? 5   DC  A "H5''" 1 
ATOM   1288 H  "H4'"  . DC  D 4 5  ? -5.292  -3.591  -8.283  1.00 130.77 ? 5   DC  A "H4'"  1 
ATOM   1289 H  "H3'"  . DC  D 4 5  ? -5.864  -1.468  -9.805  1.00 120.80 ? 5   DC  A "H3'"  1 
ATOM   1290 H  "H2'"  . DC  D 4 5  ? -5.409  0.095   -8.248  1.00 129.99 ? 5   DC  A "H2'"  1 
ATOM   1291 H  "H2''" . DC  D 4 5  ? -6.884  -0.266  -7.746  1.00 129.99 ? 5   DC  A "H2''" 1 
ATOM   1292 H  "H1'"  . DC  D 4 5  ? -6.112  -1.739  -6.216  1.00 128.69 ? 5   DC  A "H1'"  1 
ATOM   1293 H  H41    . DC  D 4 5  ? -2.211  2.582   -3.333  1.00 104.92 ? 5   DC  A H41    1 
ATOM   1294 H  H42    . DC  D 4 5  ? -3.167  2.141   -2.279  1.00 104.92 ? 5   DC  A H42    1 
ATOM   1295 H  H5     . DC  D 4 5  ? -2.281  1.719   -5.597  1.00 122.57 ? 5   DC  A H5     1 
ATOM   1296 H  H6     . DC  D 4 5  ? -3.368  0.326   -7.033  1.00 126.44 ? 5   DC  A H6     1 
ATOM   1297 P  P      . DA  D 4 6  ? -8.563  -1.879  -9.628  1.00 124.70 ? 6   DA  A P      1 
ATOM   1298 O  OP1    . DA  D 4 6  ? -9.544  -2.977  -9.773  1.00 80.93  ? 6   DA  A OP1    1 
ATOM   1299 O  OP2    . DA  D 4 6  ? -8.070  -1.157  -10.822 1.00 116.06 ? 6   DA  A OP2    1 
ATOM   1300 O  "O5'"  . DA  D 4 6  ? -9.158  -0.805  -8.611  1.00 78.45  ? 6   DA  A "O5'"  1 
ATOM   1301 C  "C5'"  . DA  D 4 6  ? -10.542 -0.796  -8.332  1.00 83.67  ? 6   DA  A "C5'"  1 
ATOM   1302 C  "C4'"  . DA  D 4 6  ? -10.828 0.015   -7.091  1.00 91.40  ? 6   DA  A "C4'"  1 
ATOM   1303 O  "O4'"  . DA  D 4 6  ? -9.610  0.204   -6.341  1.00 85.79  ? 6   DA  A "O4'"  1 
ATOM   1304 C  "C3'"  . DA  D 4 6  ? -11.320 1.421   -7.351  1.00 99.36  ? 6   DA  A "C3'"  1 
ATOM   1305 O  "O3'"  . DA  D 4 6  ? -12.718 1.435   -7.588  1.00 83.65  ? 6   DA  A "O3'"  1 
ATOM   1306 C  "C2'"  . DA  D 4 6  ? -10.939 2.151   -6.068  1.00 91.84  ? 6   DA  A "C2'"  1 
ATOM   1307 C  "C1'"  . DA  D 4 6  ? -9.753  1.351   -5.525  1.00 85.09  ? 6   DA  A "C1'"  1 
ATOM   1308 N  N9     . DA  D 4 6  ? -8.514  2.112   -5.535  1.00 93.11  ? 6   DA  A N9     1 
ATOM   1309 C  C8     . DA  D 4 6  ? -7.749  2.434   -6.620  1.00 95.90  ? 6   DA  A C8     1 
ATOM   1310 N  N7     . DA  D 4 6  ? -6.694  3.153   -6.325  1.00 89.13  ? 6   DA  A N7     1 
ATOM   1311 C  C5     . DA  D 4 6  ? -6.781  3.321   -4.954  1.00 89.36  ? 6   DA  A C5     1 
ATOM   1312 C  C6     . DA  D 4 6  ? -5.963  3.989   -4.023  1.00 84.54  ? 6   DA  A C6     1 
ATOM   1313 N  N6     . DA  D 4 6  ? -4.850  4.644   -4.359  1.00 97.21  ? 6   DA  A N6     1 
ATOM   1314 N  N1     . DA  D 4 6  ? -6.339  3.962   -2.728  1.00 82.97  ? 6   DA  A N1     1 
ATOM   1315 C  C2     . DA  D 4 6  ? -7.457  3.308   -2.395  1.00 97.77  ? 6   DA  A C2     1 
ATOM   1316 N  N3     . DA  D 4 6  ? -8.304  2.645   -3.178  1.00 94.66  ? 6   DA  A N3     1 
ATOM   1317 C  C4     . DA  D 4 6  ? -7.903  2.691   -4.456  1.00 93.54  ? 6   DA  A C4     1 
ATOM   1318 H  "H5'"  . DA  D 4 6  ? -10.845 -1.708  -8.194  1.00 103.08 ? 6   DA  A "H5'"  1 
ATOM   1319 H  "H5''" . DA  D 4 6  ? -11.017 -0.411  -9.083  1.00 103.08 ? 6   DA  A "H5''" 1 
ATOM   1320 H  "H4'"  . DA  D 4 6  ? -11.473 -0.455  -6.541  1.00 112.36 ? 6   DA  A "H4'"  1 
ATOM   1321 H  "H3'"  . DA  D 4 6  ? -10.849 1.806   -8.105  1.00 121.90 ? 6   DA  A "H3'"  1 
ATOM   1322 H  "HO3'" . DA  D 4 6  ? -13.018 1.749   -8.307  1.00 103.05 ? 6   DA  A "HO3'" 1 
ATOM   1323 H  "H2'"  . DA  D 4 6  ? -10.674 3.063   -6.263  1.00 112.88 ? 6   DA  A "H2'"  1 
ATOM   1324 H  "H2''" . DA  D 4 6  ? -11.676 2.137   -5.437  1.00 112.88 ? 6   DA  A "H2''" 1 
ATOM   1325 H  "H1'"  . DA  D 4 6  ? -9.947  1.072   -4.616  1.00 104.78 ? 6   DA  A "H1'"  1 
ATOM   1326 H  H8     . DA  D 4 6  ? -7.955  2.163   -7.486  1.00 117.75 ? 6   DA  A H8     1 
ATOM   1327 H  H61    . DA  D 4 6  ? -4.380  5.032   -3.753  1.00 119.33 ? 6   DA  A H61    1 
ATOM   1328 H  H62    . DA  D 4 6  ? -4.603  4.678   -5.182  1.00 119.33 ? 6   DA  A H62    1 
ATOM   1329 H  H2     . DA  D 4 6  ? -7.673  3.318   -1.490  1.00 119.99 ? 6   DA  A H2     1 
HETATM 1330 AS AS     . CAC E 5 .  ? 2.433   -6.974  -6.884  1.00 412.18 ? 101 CAC A AS     1 
# 
loop_
_pdbx_poly_seq_scheme.asym_id 
_pdbx_poly_seq_scheme.entity_id 
_pdbx_poly_seq_scheme.seq_id 
_pdbx_poly_seq_scheme.mon_id 
_pdbx_poly_seq_scheme.ndb_seq_num 
_pdbx_poly_seq_scheme.pdb_seq_num 
_pdbx_poly_seq_scheme.auth_seq_num 
_pdbx_poly_seq_scheme.pdb_mon_id 
_pdbx_poly_seq_scheme.auth_mon_id 
_pdbx_poly_seq_scheme.pdb_strand_id 
_pdbx_poly_seq_scheme.pdb_ins_code 
_pdbx_poly_seq_scheme.hetero 
A 1 1  DG 1  7  7  DG DG B . n 
A 1 2  DA 2  8  8  DA DA B . n 
A 1 3  DA 3  9  9  DA DA B . n 
A 1 4  DC 4  10 10 DC DC B . n 
A 1 5  DG 5  11 11 DG DG B . n 
A 1 6  DA 6  12 12 DA DA B . n 
A 1 7  DC 7  13 13 DC DC B . n 
A 1 8  DA 8  14 14 DA DA B . n 
A 1 9  DC 9  15 15 DC DC B . n 
A 1 10 DT 10 16 16 DT DT B . n 
A 1 11 DG 11 17 17 DG DG B . n 
A 1 12 DA 12 18 18 DA DA B . n 
A 1 13 DC 13 19 19 DC DC B . n 
A 1 14 DG 14 20 20 DG DG B . n 
A 1 15 DG 15 21 21 DG DG B . n 
A 1 16 DG 16 22 22 DG DG B . n 
A 1 17 DG 17 23 23 DG DG B . n 
A 1 18 DA 18 24 24 DA DA B . n 
A 1 19 DG 19 25 25 DG DG B . n 
A 1 20 DT 20 26 26 DT DT B . n 
A 1 21 DC 21 27 27 DC DC B . n 
B 2 1  DT 1  28 28 DT DT C . n 
B 2 2  DC 2  29 29 DC DC C . n 
B 2 3  DG 3  30 30 DG DG C . n 
B 2 4  DA 4  31 31 DA DA C . n 
B 2 5  DG 5  32 32 DG DG C . n 
B 2 6  DT 6  33 33 DT DT C . n 
B 2 7  DC 7  34 34 DC DC C . n 
B 2 8  DC 8  35 35 DC DC C . n 
C 3 1  DG 1  36 36 DG DG D . n 
C 3 2  DT 2  37 37 DT DT D . n 
C 3 3  DG 3  38 38 DG DG D . n 
C 3 4  DT 4  39 39 DT DT D . n 
C 3 5  DC 5  40 40 DC DC D . n 
C 3 6  DG 6  41 41 DG DG D . n 
C 3 7  DT 7  42 42 DT DT D . n 
D 4 1  DC 1  1  1  DC DC A . n 
D 4 2  DC 2  2  2  DC DC A . n 
D 4 3  DG 3  3  3  DG DG A . n 
D 4 4  DT 4  4  4  DT DT A . n 
D 4 5  DC 5  5  5  DC DC A . n 
D 4 6  DA 6  6  6  DA DA A . n 
# 
_pdbx_nonpoly_scheme.asym_id         E 
_pdbx_nonpoly_scheme.entity_id       5 
_pdbx_nonpoly_scheme.mon_id          CAC 
_pdbx_nonpoly_scheme.ndb_seq_num     1 
_pdbx_nonpoly_scheme.pdb_seq_num     101 
_pdbx_nonpoly_scheme.auth_seq_num    1 
_pdbx_nonpoly_scheme.pdb_mon_id      CAC 
_pdbx_nonpoly_scheme.auth_mon_id     AS 
_pdbx_nonpoly_scheme.pdb_strand_id   A 
_pdbx_nonpoly_scheme.pdb_ins_code    . 
# 
_pdbx_struct_assembly.id                   1 
_pdbx_struct_assembly.details              author_defined_assembly 
_pdbx_struct_assembly.method_details       ? 
_pdbx_struct_assembly.oligomeric_details   tetrameric 
_pdbx_struct_assembly.oligomeric_count     4 
# 
_pdbx_struct_assembly_gen.assembly_id       1 
_pdbx_struct_assembly_gen.oper_expression   1 
_pdbx_struct_assembly_gen.asym_id_list      A,B,C,D,E 
# 
_pdbx_struct_oper_list.id                   1 
_pdbx_struct_oper_list.type                 'identity operation' 
_pdbx_struct_oper_list.name                 1_555 
_pdbx_struct_oper_list.symmetry_operation   x,y,z 
_pdbx_struct_oper_list.matrix[1][1]         1.0000000000 
_pdbx_struct_oper_list.matrix[1][2]         0.0000000000 
_pdbx_struct_oper_list.matrix[1][3]         0.0000000000 
_pdbx_struct_oper_list.vector[1]            0.0000000000 
_pdbx_struct_oper_list.matrix[2][1]         0.0000000000 
_pdbx_struct_oper_list.matrix[2][2]         1.0000000000 
_pdbx_struct_oper_list.matrix[2][3]         0.0000000000 
_pdbx_struct_oper_list.vector[2]            0.0000000000 
_pdbx_struct_oper_list.matrix[3][1]         0.0000000000 
_pdbx_struct_oper_list.matrix[3][2]         0.0000000000 
_pdbx_struct_oper_list.matrix[3][3]         1.0000000000 
_pdbx_struct_oper_list.vector[3]            0.0000000000 
# 
loop_
_pdbx_audit_revision_history.ordinal 
_pdbx_audit_revision_history.data_content_type 
_pdbx_audit_revision_history.major_revision 
_pdbx_audit_revision_history.minor_revision 
_pdbx_audit_revision_history.revision_date 
1 'Structure model' 1 0 2021-07-14 
2 'Structure model' 1 1 2022-07-06 
3 'Structure model' 1 2 2023-10-18 
# 
_pdbx_audit_revision_details.ordinal             1 
_pdbx_audit_revision_details.revision_ordinal    1 
_pdbx_audit_revision_details.data_content_type   'Structure model' 
_pdbx_audit_revision_details.provider            repository 
_pdbx_audit_revision_details.type                'Initial release' 
_pdbx_audit_revision_details.description         ? 
_pdbx_audit_revision_details.details             ? 
# 
loop_
_pdbx_audit_revision_group.ordinal 
_pdbx_audit_revision_group.revision_ordinal 
_pdbx_audit_revision_group.data_content_type 
_pdbx_audit_revision_group.group 
1 2 'Structure model' 'Database references'    
2 3 'Structure model' 'Data collection'        
3 3 'Structure model' 'Refinement description' 
# 
loop_
_pdbx_audit_revision_category.ordinal 
_pdbx_audit_revision_category.revision_ordinal 
_pdbx_audit_revision_category.data_content_type 
_pdbx_audit_revision_category.category 
1 2 'Structure model' citation                      
2 2 'Structure model' citation_author               
3 2 'Structure model' database_2                    
4 3 'Structure model' chem_comp_atom                
5 3 'Structure model' chem_comp_bond                
6 3 'Structure model' pdbx_initial_refinement_model 
# 
loop_
_pdbx_audit_revision_item.ordinal 
_pdbx_audit_revision_item.revision_ordinal 
_pdbx_audit_revision_item.data_content_type 
_pdbx_audit_revision_item.item 
1  2 'Structure model' '_citation.country'                   
2  2 'Structure model' '_citation.journal_abbrev'            
3  2 'Structure model' '_citation.journal_id_CSD'            
4  2 'Structure model' '_citation.journal_id_ISSN'           
5  2 'Structure model' '_citation.journal_volume'            
6  2 'Structure model' '_citation.page_first'                
7  2 'Structure model' '_citation.page_last'                 
8  2 'Structure model' '_citation.pdbx_database_id_DOI'      
9  2 'Structure model' '_citation.pdbx_database_id_PubMed'   
10 2 'Structure model' '_citation.title'                     
11 2 'Structure model' '_citation.year'                      
12 2 'Structure model' '_database_2.pdbx_DOI'                
13 2 'Structure model' '_database_2.pdbx_database_accession' 
# 
loop_
_software.citation_id 
_software.classification 
_software.compiler_name 
_software.compiler_version 
_software.contact_author 
_software.contact_author_email 
_software.date 
_software.description 
_software.dependencies 
_software.hardware 
_software.language 
_software.location 
_software.mods 
_software.name 
_software.os 
_software.os_version 
_software.type 
_software.version 
_software.pdbx_ordinal 
? refinement        ? ? ? ? ? ? ? ? ? ? ? PHENIX      ? ? ? 1.11.1_2575 1 
? 'data reduction'  ? ? ? ? ? ? ? ? ? ? ? HKL-2000    ? ? ? .           2 
? 'data scaling'    ? ? ? ? ? ? ? ? ? ? ? HKL-2000    ? ? ? .           3 
? 'data extraction' ? ? ? ? ? ? ? ? ? ? ? PDB_EXTRACT ? ? ? 3.25        4 
? phasing           ? ? ? ? ? ? ? ? ? ? ? PHASER      ? ? ? .           5 
# 
_pdbx_entry_details.entry_id                 7JSB 
_pdbx_entry_details.has_ligand_of_interest   N 
_pdbx_entry_details.compound_details         ? 
_pdbx_entry_details.source_details           ? 
_pdbx_entry_details.nonpolymer_details       ? 
_pdbx_entry_details.sequence_details         ? 
# 
_pdbx_validate_rmsd_angle.id                         1 
_pdbx_validate_rmsd_angle.PDB_model_num              1 
_pdbx_validate_rmsd_angle.auth_atom_id_1             "O4'" 
_pdbx_validate_rmsd_angle.auth_asym_id_1             B 
_pdbx_validate_rmsd_angle.auth_comp_id_1             DG 
_pdbx_validate_rmsd_angle.auth_seq_id_1              25 
_pdbx_validate_rmsd_angle.PDB_ins_code_1             ? 
_pdbx_validate_rmsd_angle.label_alt_id_1             ? 
_pdbx_validate_rmsd_angle.auth_atom_id_2             "C1'" 
_pdbx_validate_rmsd_angle.auth_asym_id_2             B 
_pdbx_validate_rmsd_angle.auth_comp_id_2             DG 
_pdbx_validate_rmsd_angle.auth_seq_id_2              25 
_pdbx_validate_rmsd_angle.PDB_ins_code_2             ? 
_pdbx_validate_rmsd_angle.label_alt_id_2             ? 
_pdbx_validate_rmsd_angle.auth_atom_id_3             N9 
_pdbx_validate_rmsd_angle.auth_asym_id_3             B 
_pdbx_validate_rmsd_angle.auth_comp_id_3             DG 
_pdbx_validate_rmsd_angle.auth_seq_id_3              25 
_pdbx_validate_rmsd_angle.PDB_ins_code_3             ? 
_pdbx_validate_rmsd_angle.label_alt_id_3             ? 
_pdbx_validate_rmsd_angle.angle_value                110.12 
_pdbx_validate_rmsd_angle.angle_target_value         108.30 
_pdbx_validate_rmsd_angle.angle_deviation            1.82 
_pdbx_validate_rmsd_angle.angle_standard_deviation   0.30 
_pdbx_validate_rmsd_angle.linker_flag                N 
# 
loop_
_pdbx_unobs_or_zero_occ_atoms.id 
_pdbx_unobs_or_zero_occ_atoms.PDB_model_num 
_pdbx_unobs_or_zero_occ_atoms.polymer_flag 
_pdbx_unobs_or_zero_occ_atoms.occupancy_flag 
_pdbx_unobs_or_zero_occ_atoms.auth_asym_id 
_pdbx_unobs_or_zero_occ_atoms.auth_comp_id 
_pdbx_unobs_or_zero_occ_atoms.auth_seq_id 
_pdbx_unobs_or_zero_occ_atoms.PDB_ins_code 
_pdbx_unobs_or_zero_occ_atoms.auth_atom_id 
_pdbx_unobs_or_zero_occ_atoms.label_alt_id 
_pdbx_unobs_or_zero_occ_atoms.label_asym_id 
_pdbx_unobs_or_zero_occ_atoms.label_comp_id 
_pdbx_unobs_or_zero_occ_atoms.label_seq_id 
_pdbx_unobs_or_zero_occ_atoms.label_atom_id 
1 1 N 1 A CAC 101 ? O1 ? E CAC 1 O1 
2 1 N 1 A CAC 101 ? O2 ? E CAC 1 O2 
3 1 N 1 A CAC 101 ? C1 ? E CAC 1 C1 
4 1 N 1 A CAC 101 ? C2 ? E CAC 1 C2 
# 
loop_
_chem_comp_atom.comp_id 
_chem_comp_atom.atom_id 
_chem_comp_atom.type_symbol 
_chem_comp_atom.pdbx_aromatic_flag 
_chem_comp_atom.pdbx_stereo_config 
_chem_comp_atom.pdbx_ordinal 
CAC AS     AS N N 1   
CAC O1     O  N N 2   
CAC O2     O  N N 3   
CAC C1     C  N N 4   
CAC C2     C  N N 5   
CAC H11    H  N N 6   
CAC H12    H  N N 7   
CAC H13    H  N N 8   
CAC H21    H  N N 9   
CAC H22    H  N N 10  
CAC H23    H  N N 11  
DA  OP3    O  N N 12  
DA  P      P  N N 13  
DA  OP1    O  N N 14  
DA  OP2    O  N N 15  
DA  "O5'"  O  N N 16  
DA  "C5'"  C  N N 17  
DA  "C4'"  C  N R 18  
DA  "O4'"  O  N N 19  
DA  "C3'"  C  N S 20  
DA  "O3'"  O  N N 21  
DA  "C2'"  C  N N 22  
DA  "C1'"  C  N R 23  
DA  N9     N  Y N 24  
DA  C8     C  Y N 25  
DA  N7     N  Y N 26  
DA  C5     C  Y N 27  
DA  C6     C  Y N 28  
DA  N6     N  N N 29  
DA  N1     N  Y N 30  
DA  C2     C  Y N 31  
DA  N3     N  Y N 32  
DA  C4     C  Y N 33  
DA  HOP3   H  N N 34  
DA  HOP2   H  N N 35  
DA  "H5'"  H  N N 36  
DA  "H5''" H  N N 37  
DA  "H4'"  H  N N 38  
DA  "H3'"  H  N N 39  
DA  "HO3'" H  N N 40  
DA  "H2'"  H  N N 41  
DA  "H2''" H  N N 42  
DA  "H1'"  H  N N 43  
DA  H8     H  N N 44  
DA  H61    H  N N 45  
DA  H62    H  N N 46  
DA  H2     H  N N 47  
DC  OP3    O  N N 48  
DC  P      P  N N 49  
DC  OP1    O  N N 50  
DC  OP2    O  N N 51  
DC  "O5'"  O  N N 52  
DC  "C5'"  C  N N 53  
DC  "C4'"  C  N R 54  
DC  "O4'"  O  N N 55  
DC  "C3'"  C  N S 56  
DC  "O3'"  O  N N 57  
DC  "C2'"  C  N N 58  
DC  "C1'"  C  N R 59  
DC  N1     N  N N 60  
DC  C2     C  N N 61  
DC  O2     O  N N 62  
DC  N3     N  N N 63  
DC  C4     C  N N 64  
DC  N4     N  N N 65  
DC  C5     C  N N 66  
DC  C6     C  N N 67  
DC  HOP3   H  N N 68  
DC  HOP2   H  N N 69  
DC  "H5'"  H  N N 70  
DC  "H5''" H  N N 71  
DC  "H4'"  H  N N 72  
DC  "H3'"  H  N N 73  
DC  "HO3'" H  N N 74  
DC  "H2'"  H  N N 75  
DC  "H2''" H  N N 76  
DC  "H1'"  H  N N 77  
DC  H41    H  N N 78  
DC  H42    H  N N 79  
DC  H5     H  N N 80  
DC  H6     H  N N 81  
DG  OP3    O  N N 82  
DG  P      P  N N 83  
DG  OP1    O  N N 84  
DG  OP2    O  N N 85  
DG  "O5'"  O  N N 86  
DG  "C5'"  C  N N 87  
DG  "C4'"  C  N R 88  
DG  "O4'"  O  N N 89  
DG  "C3'"  C  N S 90  
DG  "O3'"  O  N N 91  
DG  "C2'"  C  N N 92  
DG  "C1'"  C  N R 93  
DG  N9     N  Y N 94  
DG  C8     C  Y N 95  
DG  N7     N  Y N 96  
DG  C5     C  Y N 97  
DG  C6     C  N N 98  
DG  O6     O  N N 99  
DG  N1     N  N N 100 
DG  C2     C  N N 101 
DG  N2     N  N N 102 
DG  N3     N  N N 103 
DG  C4     C  Y N 104 
DG  HOP3   H  N N 105 
DG  HOP2   H  N N 106 
DG  "H5'"  H  N N 107 
DG  "H5''" H  N N 108 
DG  "H4'"  H  N N 109 
DG  "H3'"  H  N N 110 
DG  "HO3'" H  N N 111 
DG  "H2'"  H  N N 112 
DG  "H2''" H  N N 113 
DG  "H1'"  H  N N 114 
DG  H8     H  N N 115 
DG  H1     H  N N 116 
DG  H21    H  N N 117 
DG  H22    H  N N 118 
DT  OP3    O  N N 119 
DT  P      P  N N 120 
DT  OP1    O  N N 121 
DT  OP2    O  N N 122 
DT  "O5'"  O  N N 123 
DT  "C5'"  C  N N 124 
DT  "C4'"  C  N R 125 
DT  "O4'"  O  N N 126 
DT  "C3'"  C  N S 127 
DT  "O3'"  O  N N 128 
DT  "C2'"  C  N N 129 
DT  "C1'"  C  N R 130 
DT  N1     N  N N 131 
DT  C2     C  N N 132 
DT  O2     O  N N 133 
DT  N3     N  N N 134 
DT  C4     C  N N 135 
DT  O4     O  N N 136 
DT  C5     C  N N 137 
DT  C7     C  N N 138 
DT  C6     C  N N 139 
DT  HOP3   H  N N 140 
DT  HOP2   H  N N 141 
DT  "H5'"  H  N N 142 
DT  "H5''" H  N N 143 
DT  "H4'"  H  N N 144 
DT  "H3'"  H  N N 145 
DT  "HO3'" H  N N 146 
DT  "H2'"  H  N N 147 
DT  "H2''" H  N N 148 
DT  "H1'"  H  N N 149 
DT  H3     H  N N 150 
DT  H71    H  N N 151 
DT  H72    H  N N 152 
DT  H73    H  N N 153 
DT  H6     H  N N 154 
# 
loop_
_chem_comp_bond.comp_id 
_chem_comp_bond.atom_id_1 
_chem_comp_bond.atom_id_2 
_chem_comp_bond.value_order 
_chem_comp_bond.pdbx_aromatic_flag 
_chem_comp_bond.pdbx_stereo_config 
_chem_comp_bond.pdbx_ordinal 
CAC AS    O1     doub N N 1   
CAC AS    O2     sing N N 2   
CAC AS    C1     sing N N 3   
CAC AS    C2     sing N N 4   
CAC C1    H11    sing N N 5   
CAC C1    H12    sing N N 6   
CAC C1    H13    sing N N 7   
CAC C2    H21    sing N N 8   
CAC C2    H22    sing N N 9   
CAC C2    H23    sing N N 10  
DA  OP3   P      sing N N 11  
DA  OP3   HOP3   sing N N 12  
DA  P     OP1    doub N N 13  
DA  P     OP2    sing N N 14  
DA  P     "O5'"  sing N N 15  
DA  OP2   HOP2   sing N N 16  
DA  "O5'" "C5'"  sing N N 17  
DA  "C5'" "C4'"  sing N N 18  
DA  "C5'" "H5'"  sing N N 19  
DA  "C5'" "H5''" sing N N 20  
DA  "C4'" "O4'"  sing N N 21  
DA  "C4'" "C3'"  sing N N 22  
DA  "C4'" "H4'"  sing N N 23  
DA  "O4'" "C1'"  sing N N 24  
DA  "C3'" "O3'"  sing N N 25  
DA  "C3'" "C2'"  sing N N 26  
DA  "C3'" "H3'"  sing N N 27  
DA  "O3'" "HO3'" sing N N 28  
DA  "C2'" "C1'"  sing N N 29  
DA  "C2'" "H2'"  sing N N 30  
DA  "C2'" "H2''" sing N N 31  
DA  "C1'" N9     sing N N 32  
DA  "C1'" "H1'"  sing N N 33  
DA  N9    C8     sing Y N 34  
DA  N9    C4     sing Y N 35  
DA  C8    N7     doub Y N 36  
DA  C8    H8     sing N N 37  
DA  N7    C5     sing Y N 38  
DA  C5    C6     sing Y N 39  
DA  C5    C4     doub Y N 40  
DA  C6    N6     sing N N 41  
DA  C6    N1     doub Y N 42  
DA  N6    H61    sing N N 43  
DA  N6    H62    sing N N 44  
DA  N1    C2     sing Y N 45  
DA  C2    N3     doub Y N 46  
DA  C2    H2     sing N N 47  
DA  N3    C4     sing Y N 48  
DC  OP3   P      sing N N 49  
DC  OP3   HOP3   sing N N 50  
DC  P     OP1    doub N N 51  
DC  P     OP2    sing N N 52  
DC  P     "O5'"  sing N N 53  
DC  OP2   HOP2   sing N N 54  
DC  "O5'" "C5'"  sing N N 55  
DC  "C5'" "C4'"  sing N N 56  
DC  "C5'" "H5'"  sing N N 57  
DC  "C5'" "H5''" sing N N 58  
DC  "C4'" "O4'"  sing N N 59  
DC  "C4'" "C3'"  sing N N 60  
DC  "C4'" "H4'"  sing N N 61  
DC  "O4'" "C1'"  sing N N 62  
DC  "C3'" "O3'"  sing N N 63  
DC  "C3'" "C2'"  sing N N 64  
DC  "C3'" "H3'"  sing N N 65  
DC  "O3'" "HO3'" sing N N 66  
DC  "C2'" "C1'"  sing N N 67  
DC  "C2'" "H2'"  sing N N 68  
DC  "C2'" "H2''" sing N N 69  
DC  "C1'" N1     sing N N 70  
DC  "C1'" "H1'"  sing N N 71  
DC  N1    C2     sing N N 72  
DC  N1    C6     sing N N 73  
DC  C2    O2     doub N N 74  
DC  C2    N3     sing N N 75  
DC  N3    C4     doub N N 76  
DC  C4    N4     sing N N 77  
DC  C4    C5     sing N N 78  
DC  N4    H41    sing N N 79  
DC  N4    H42    sing N N 80  
DC  C5    C6     doub N N 81  
DC  C5    H5     sing N N 82  
DC  C6    H6     sing N N 83  
DG  OP3   P      sing N N 84  
DG  OP3   HOP3   sing N N 85  
DG  P     OP1    doub N N 86  
DG  P     OP2    sing N N 87  
DG  P     "O5'"  sing N N 88  
DG  OP2   HOP2   sing N N 89  
DG  "O5'" "C5'"  sing N N 90  
DG  "C5'" "C4'"  sing N N 91  
DG  "C5'" "H5'"  sing N N 92  
DG  "C5'" "H5''" sing N N 93  
DG  "C4'" "O4'"  sing N N 94  
DG  "C4'" "C3'"  sing N N 95  
DG  "C4'" "H4'"  sing N N 96  
DG  "O4'" "C1'"  sing N N 97  
DG  "C3'" "O3'"  sing N N 98  
DG  "C3'" "C2'"  sing N N 99  
DG  "C3'" "H3'"  sing N N 100 
DG  "O3'" "HO3'" sing N N 101 
DG  "C2'" "C1'"  sing N N 102 
DG  "C2'" "H2'"  sing N N 103 
DG  "C2'" "H2''" sing N N 104 
DG  "C1'" N9     sing N N 105 
DG  "C1'" "H1'"  sing N N 106 
DG  N9    C8     sing Y N 107 
DG  N9    C4     sing Y N 108 
DG  C8    N7     doub Y N 109 
DG  C8    H8     sing N N 110 
DG  N7    C5     sing Y N 111 
DG  C5    C6     sing N N 112 
DG  C5    C4     doub Y N 113 
DG  C6    O6     doub N N 114 
DG  C6    N1     sing N N 115 
DG  N1    C2     sing N N 116 
DG  N1    H1     sing N N 117 
DG  C2    N2     sing N N 118 
DG  C2    N3     doub N N 119 
DG  N2    H21    sing N N 120 
DG  N2    H22    sing N N 121 
DG  N3    C4     sing N N 122 
DT  OP3   P      sing N N 123 
DT  OP3   HOP3   sing N N 124 
DT  P     OP1    doub N N 125 
DT  P     OP2    sing N N 126 
DT  P     "O5'"  sing N N 127 
DT  OP2   HOP2   sing N N 128 
DT  "O5'" "C5'"  sing N N 129 
DT  "C5'" "C4'"  sing N N 130 
DT  "C5'" "H5'"  sing N N 131 
DT  "C5'" "H5''" sing N N 132 
DT  "C4'" "O4'"  sing N N 133 
DT  "C4'" "C3'"  sing N N 134 
DT  "C4'" "H4'"  sing N N 135 
DT  "O4'" "C1'"  sing N N 136 
DT  "C3'" "O3'"  sing N N 137 
DT  "C3'" "C2'"  sing N N 138 
DT  "C3'" "H3'"  sing N N 139 
DT  "O3'" "HO3'" sing N N 140 
DT  "C2'" "C1'"  sing N N 141 
DT  "C2'" "H2'"  sing N N 142 
DT  "C2'" "H2''" sing N N 143 
DT  "C1'" N1     sing N N 144 
DT  "C1'" "H1'"  sing N N 145 
DT  N1    C2     sing N N 146 
DT  N1    C6     sing N N 147 
DT  C2    O2     doub N N 148 
DT  C2    N3     sing N N 149 
DT  N3    C4     sing N N 150 
DT  N3    H3     sing N N 151 
DT  C4    O4     doub N N 152 
DT  C4    C5     sing N N 153 
DT  C5    C7     sing N N 154 
DT  C5    C6     doub N N 155 
DT  C7    H71    sing N N 156 
DT  C7    H72    sing N N 157 
DT  C7    H73    sing N N 158 
DT  C6    H6     sing N N 159 
# 
loop_
_ndb_struct_conf_na.entry_id 
_ndb_struct_conf_na.feature 
7JSB 'double helix'        
7JSB 'b-form double helix' 
# 
loop_
_ndb_struct_na_base_pair.model_number 
_ndb_struct_na_base_pair.i_label_asym_id 
_ndb_struct_na_base_pair.i_label_comp_id 
_ndb_struct_na_base_pair.i_label_seq_id 
_ndb_struct_na_base_pair.i_symmetry 
_ndb_struct_na_base_pair.j_label_asym_id 
_ndb_struct_na_base_pair.j_label_comp_id 
_ndb_struct_na_base_pair.j_label_seq_id 
_ndb_struct_na_base_pair.j_symmetry 
_ndb_struct_na_base_pair.shear 
_ndb_struct_na_base_pair.stretch 
_ndb_struct_na_base_pair.stagger 
_ndb_struct_na_base_pair.buckle 
_ndb_struct_na_base_pair.propeller 
_ndb_struct_na_base_pair.opening 
_ndb_struct_na_base_pair.pair_number 
_ndb_struct_na_base_pair.pair_name 
_ndb_struct_na_base_pair.i_auth_asym_id 
_ndb_struct_na_base_pair.i_auth_seq_id 
_ndb_struct_na_base_pair.i_PDB_ins_code 
_ndb_struct_na_base_pair.j_auth_asym_id 
_ndb_struct_na_base_pair.j_auth_seq_id 
_ndb_struct_na_base_pair.j_PDB_ins_code 
_ndb_struct_na_base_pair.hbond_type_28 
_ndb_struct_na_base_pair.hbond_type_12 
1 A DA 3  1_555 C DT 7 1_555 0.555  0.537  0.986  12.785  -19.584 1.091   1  B_DA9:DT42_D  B 9  ? D 42 ? ?  ? 
1 A DC 4  1_555 C DG 6 1_555 -1.867 0.580  0.495  9.303   -20.985 6.546   2  B_DC10:DG41_D B 10 ? D 41 ? ?  1 
1 A DG 5  1_555 C DC 5 1_555 0.354  0.772  -0.129 -2.958  -22.747 -10.909 3  B_DG11:DC40_D B 11 ? D 40 ? ?  ? 
1 A DA 6  1_555 C DT 4 1_555 1.358  0.079  -0.817 -8.839  -16.654 -17.247 4  B_DA12:DT39_D B 12 ? D 39 ? 20 1 
1 A DC 7  1_555 C DG 3 1_555 -1.330 0.594  0.009  0.774   -11.310 1.874   5  B_DC13:DG38_D B 13 ? D 38 ? ?  1 
1 A DA 8  1_555 C DT 2 1_555 0.494  -0.200 0.729  -1.479  -20.437 -12.721 6  B_DA14:DT37_D B 14 ? D 37 ? 20 1 
1 A DC 9  1_555 C DG 1 1_555 -0.601 0.264  1.222  -11.793 -23.328 2.039   7  B_DC15:DG36_D B 15 ? D 36 ? 19 1 
1 A DT 10 1_555 D DA 6 1_555 -1.913 0.283  0.821  -4.679  -9.333  -4.503  8  B_DT16:DA6_A  B 16 ? A 6  ? 20 1 
1 A DG 11 1_555 D DC 5 1_555 0.669  0.093  0.524  4.004   -6.788  3.189   9  B_DG17:DC5_A  B 17 ? A 5  ? 19 1 
1 A DA 12 1_555 D DT 4 1_555 1.152  0.228  0.264  3.815   -10.869 -5.851  10 B_DA18:DT4_A  B 18 ? A 4  ? 20 1 
1 A DC 13 1_555 D DG 3 1_555 -0.591 0.100  0.189  -3.368  -12.978 -1.435  11 B_DC19:DG3_A  B 19 ? A 3  ? 19 1 
1 A DG 14 1_555 D DC 2 1_555 0.299  -0.125 0.140  -6.454  -8.768  -9.482  12 B_DG20:DC2_A  B 20 ? A 2  ? 19 1 
1 A DG 15 1_555 D DC 1 1_555 1.324  0.640  0.522  -4.628  -9.150  -13.209 13 B_DG21:DC1_A  B 21 ? A 1  ? ?  1 
1 A DG 16 1_555 B DC 8 1_555 0.157  0.133  1.271  5.558   -3.921  -5.728  14 B_DG22:DC35_C B 22 ? C 35 ? 19 1 
1 A DG 17 1_555 B DC 7 1_555 1.770  0.333  1.503  6.860   -10.051 -4.350  15 B_DG23:DC34_C B 23 ? C 34 ? ?  1 
1 A DA 18 1_555 B DT 6 1_555 1.217  0.429  1.021  1.597   -8.927  0.632   16 B_DA24:DT33_C B 24 ? C 33 ? ?  ? 
1 A DG 19 1_555 B DG 5 1_555 -1.304 1.629  0.674  11.236  5.722   0.432   17 B_DG25:DG32_C B 25 ? C 32 ? ?  ? 
1 A DT 20 1_555 B DA 4 1_555 -1.134 0.258  0.503  12.259  -8.303  -15.385 18 B_DT26:DA31_C B 26 ? C 31 ? 20 1 
1 A DC 21 1_555 B DG 3 1_555 -1.041 0.409  0.661  7.399   -16.152 -1.381  19 B_DC27:DG30_C B 27 ? C 30 ? 19 1 
# 
loop_
_ndb_struct_na_base_pair_step.model_number 
_ndb_struct_na_base_pair_step.i_label_asym_id_1 
_ndb_struct_na_base_pair_step.i_label_comp_id_1 
_ndb_struct_na_base_pair_step.i_label_seq_id_1 
_ndb_struct_na_base_pair_step.i_symmetry_1 
_ndb_struct_na_base_pair_step.j_label_asym_id_1 
_ndb_struct_na_base_pair_step.j_label_comp_id_1 
_ndb_struct_na_base_pair_step.j_label_seq_id_1 
_ndb_struct_na_base_pair_step.j_symmetry_1 
_ndb_struct_na_base_pair_step.i_label_asym_id_2 
_ndb_struct_na_base_pair_step.i_label_comp_id_2 
_ndb_struct_na_base_pair_step.i_label_seq_id_2 
_ndb_struct_na_base_pair_step.i_symmetry_2 
_ndb_struct_na_base_pair_step.j_label_asym_id_2 
_ndb_struct_na_base_pair_step.j_label_comp_id_2 
_ndb_struct_na_base_pair_step.j_label_seq_id_2 
_ndb_struct_na_base_pair_step.j_symmetry_2 
_ndb_struct_na_base_pair_step.shift 
_ndb_struct_na_base_pair_step.slide 
_ndb_struct_na_base_pair_step.rise 
_ndb_struct_na_base_pair_step.tilt 
_ndb_struct_na_base_pair_step.roll 
_ndb_struct_na_base_pair_step.twist 
_ndb_struct_na_base_pair_step.x_displacement 
_ndb_struct_na_base_pair_step.y_displacement 
_ndb_struct_na_base_pair_step.helical_rise 
_ndb_struct_na_base_pair_step.inclination 
_ndb_struct_na_base_pair_step.tip 
_ndb_struct_na_base_pair_step.helical_twist 
_ndb_struct_na_base_pair_step.step_number 
_ndb_struct_na_base_pair_step.step_name 
_ndb_struct_na_base_pair_step.i_auth_asym_id_1 
_ndb_struct_na_base_pair_step.i_auth_seq_id_1 
_ndb_struct_na_base_pair_step.i_PDB_ins_code_1 
_ndb_struct_na_base_pair_step.j_auth_asym_id_1 
_ndb_struct_na_base_pair_step.j_auth_seq_id_1 
_ndb_struct_na_base_pair_step.j_PDB_ins_code_1 
_ndb_struct_na_base_pair_step.i_auth_asym_id_2 
_ndb_struct_na_base_pair_step.i_auth_seq_id_2 
_ndb_struct_na_base_pair_step.i_PDB_ins_code_2 
_ndb_struct_na_base_pair_step.j_auth_asym_id_2 
_ndb_struct_na_base_pair_step.j_auth_seq_id_2 
_ndb_struct_na_base_pair_step.j_PDB_ins_code_2 
1 A DA 3  1_555 C DT 7 1_555 A DC 4  1_555 C DG 6 1_555 -0.117 -0.881 3.320 0.172  2.636   24.965 -2.806 0.319  3.211 6.075   
-0.396  25.102 1  BB_DA9DC10:DG41DT42_DD  B 9  ? D 42 ? B 10 ? D 41 ? 
1 A DC 4  1_555 C DG 6 1_555 A DG 5  1_555 C DC 5 1_555 -1.011 -0.236 3.948 0.039  2.422   38.928 -0.706 1.520  3.926 3.630   
-0.059  39.001 2  BB_DC10DG11:DC40DG41_DD B 10 ? D 41 ? B 11 ? D 40 ? 
1 A DG 5  1_555 C DC 5 1_555 A DA 6  1_555 C DT 4 1_555 -1.040 0.362  3.658 0.050  2.938   41.728 0.163  1.463  3.672 4.119   
-0.070  41.826 3  BB_DG11DA12:DT39DC40_DD B 11 ? D 40 ? B 12 ? D 39 ? 
1 A DA 6  1_555 C DT 4 1_555 A DC 7  1_555 C DG 3 1_555 0.891  -1.220 2.864 -2.852 1.061   19.380 -4.015 -3.784 2.637 3.127   
8.406   19.615 4  BB_DA12DC13:DG38DT39_DD B 12 ? D 39 ? B 13 ? D 38 ? 
1 A DC 7  1_555 C DG 3 1_555 A DA 8  1_555 C DT 2 1_555 -0.191 -0.870 3.450 -5.276 -11.046 47.153 -0.132 -0.209 3.557 -13.543 
6.468   48.628 5  BB_DC13DA14:DT37DG38_DD B 13 ? D 38 ? B 14 ? D 37 ? 
1 A DA 8  1_555 C DT 2 1_555 A DC 9  1_555 C DG 1 1_555 0.943  -1.186 3.374 -3.458 -1.877  32.721 -1.762 -2.266 3.321 -3.317  
6.110   32.950 6  BB_DA14DC15:DG36DT37_DD B 14 ? D 37 ? B 15 ? D 36 ? 
1 A DC 9  1_555 C DG 1 1_555 A DT 10 1_555 D DA 6 1_555 -1.175 -1.588 2.861 -0.699 4.772   23.098 -5.211 2.680  2.519 11.754  
1.723   23.590 7  BB_DC15DT16:DA6DG36_AD  B 15 ? D 36 ? B 16 ? A 6  ? 
1 A DT 10 1_555 D DA 6 1_555 A DG 11 1_555 D DC 5 1_555 -0.034 0.068  3.283 -1.603 5.435   45.638 -0.384 -0.095 3.269 6.975   
2.058   45.970 8  BB_DT16DG17:DC5DA6_AA   B 16 ? A 6  ? B 17 ? A 5  ? 
1 A DG 11 1_555 D DC 5 1_555 A DA 12 1_555 D DT 4 1_555 -1.165 -0.021 3.353 -0.106 1.578   38.196 -0.236 1.766  3.352 2.410   
0.161   38.228 9  BB_DG17DA18:DT4DC5_AA   B 17 ? A 5  ? B 18 ? A 4  ? 
1 A DA 12 1_555 D DT 4 1_555 A DC 13 1_555 D DG 3 1_555 0.408  -1.227 3.409 -0.612 2.173   24.223 -3.611 -1.166 3.276 5.164   
1.454   24.326 10 BB_DA18DC19:DG3DT4_AA   B 18 ? A 4  ? B 19 ? A 3  ? 
1 A DC 13 1_555 D DG 3 1_555 A DG 14 1_555 D DC 2 1_555 -0.123 -0.327 3.672 0.012  -1.821  36.555 -0.238 0.198  3.684 -2.902  
-0.019  36.599 11 BB_DC19DG20:DC2DG3_AA   B 19 ? A 3  ? B 20 ? A 2  ? 
1 A DG 14 1_555 D DC 2 1_555 A DG 15 1_555 D DC 1 1_555 0.183  -1.475 3.288 -2.771 2.912   38.267 -2.595 -0.617 3.151 4.427   
4.212   38.469 12 BB_DG20DG21:DC1DC2_AA   B 20 ? A 2  ? B 21 ? A 1  ? 
1 A DG 15 1_555 D DC 1 1_555 A DG 16 1_555 B DC 8 1_555 -0.711 -0.992 2.798 -7.198 -1.131  25.796 -1.879 -0.127 2.926 -2.472  
15.728  26.789 13 BB_DG21DG22:DC35DC1_CA  B 21 ? A 1  ? B 22 ? C 35 ? 
1 A DG 16 1_555 B DC 8 1_555 A DG 17 1_555 B DC 7 1_555 -0.384 -0.177 3.548 -1.048 2.133   43.508 -0.462 0.407  3.544 2.875   
1.413   43.570 14 BB_DG22DG23:DC34DC35_CC B 22 ? C 35 ? B 23 ? C 34 ? 
1 A DG 17 1_555 B DC 7 1_555 A DA 18 1_555 B DT 6 1_555 -0.338 -0.420 3.228 2.030  2.489   35.651 -1.034 0.835  3.169 4.055   
-3.307  35.791 15 BB_DG23DA24:DT33DC34_CC B 23 ? C 34 ? B 24 ? C 33 ? 
1 A DA 18 1_555 B DT 6 1_555 A DG 19 1_555 B DG 5 1_555 0.771  -1.710 3.143 3.381  -3.991  17.501 -3.060 -0.459 3.526 -12.752 
-10.801 18.260 16 BB_DA24DG25:DG32DT33_CC B 24 ? C 33 ? B 25 ? C 32 ? 
1 A DG 19 1_555 B DG 5 1_555 A DT 20 1_555 B DA 4 1_555 -0.539 -1.196 3.326 5.259  0.724   35.981 -2.019 1.598  3.194 1.164   
-8.457  36.358 17 BB_DG25DT26:DA31DG32_CC B 25 ? C 32 ? B 26 ? C 31 ? 
1 A DT 20 1_555 B DA 4 1_555 A DC 21 1_555 B DG 3 1_555 0.919  -0.224 3.532 3.837  3.303   30.517 -1.118 -0.912 3.574 6.221   
-7.227  30.925 18 BB_DT26DC27:DG30DA31_CC B 26 ? C 31 ? B 27 ? C 30 ? 
# 
loop_
_pdbx_audit_support.funding_organization 
_pdbx_audit_support.country 
_pdbx_audit_support.grant_number 
_pdbx_audit_support.ordinal 
'National Science Foundation (NSF, United States)'                                         'United States' 1360635     1 
'National Institutes of Health/National Institute of General Medical Sciences (NIH/NIGMS)' 'United States' R01GM104960 2 
'National Science Foundation (NSF, United States)'                                         'United States' NSF2004250  3 
# 
_pdbx_entity_nonpoly.entity_id   5 
_pdbx_entity_nonpoly.name        'CACODYLATE ION' 
_pdbx_entity_nonpoly.comp_id     CAC 
# 
_pdbx_initial_refinement_model.id               1 
_pdbx_initial_refinement_model.entity_id_list   ? 
_pdbx_initial_refinement_model.type             'experimental model' 
_pdbx_initial_refinement_model.source_name      PDB 
_pdbx_initial_refinement_model.accession_code   5VY6 
_pdbx_initial_refinement_model.details          ? 
# 
_pdbx_struct_assembly_auth_evidence.id                     1 
_pdbx_struct_assembly_auth_evidence.assembly_id            1 
_pdbx_struct_assembly_auth_evidence.experimental_support   none 
_pdbx_struct_assembly_auth_evidence.details                ? 
# 
